data_3ZFS
# 
_entry.id   3ZFS 
# 
_audit_conform.dict_name       mmcif_pdbx.dic 
_audit_conform.dict_version    5.391 
_audit_conform.dict_location   http://mmcif.pdb.org/dictionaries/ascii/mmcif_pdbx.dic 
# 
loop_
_database_2.database_id 
_database_2.database_code 
_database_2.pdbx_database_accession 
_database_2.pdbx_DOI 
PDB   3ZFS         pdb_00003zfs 10.2210/pdb3zfs/pdb 
PDBE  EBI-52442    ?            ?                   
WWPDB D_1290052442 ?            ?                   
# 
loop_
_pdbx_audit_revision_history.ordinal 
_pdbx_audit_revision_history.data_content_type 
_pdbx_audit_revision_history.major_revision 
_pdbx_audit_revision_history.minor_revision 
_pdbx_audit_revision_history.revision_date 
1 'Structure model' 1 0 2013-03-06 
2 'Structure model' 1 1 2013-04-03 
3 'Structure model' 1 2 2017-08-23 
4 'Structure model' 1 3 2019-10-02 
5 'Structure model' 1 4 2024-05-08 
# 
_pdbx_audit_revision_details.ordinal             1 
_pdbx_audit_revision_details.revision_ordinal    1 
_pdbx_audit_revision_details.data_content_type   'Structure model' 
_pdbx_audit_revision_details.provider            repository 
_pdbx_audit_revision_details.type                'Initial release' 
_pdbx_audit_revision_details.description         ? 
_pdbx_audit_revision_details.details             ? 
# 
loop_
_pdbx_audit_revision_group.ordinal 
_pdbx_audit_revision_group.revision_ordinal 
_pdbx_audit_revision_group.data_content_type 
_pdbx_audit_revision_group.group 
1 2 'Structure model' 'Database references'    
2 3 'Structure model' 'Data collection'        
3 4 'Structure model' 'Data collection'        
4 4 'Structure model' Other                    
5 5 'Structure model' 'Data collection'        
6 5 'Structure model' 'Database references'    
7 5 'Structure model' 'Derived calculations'   
8 5 'Structure model' 'Refinement description' 
# 
loop_
_pdbx_audit_revision_category.ordinal 
_pdbx_audit_revision_category.revision_ordinal 
_pdbx_audit_revision_category.data_content_type 
_pdbx_audit_revision_category.category 
1 3 'Structure model' em_software                   
2 4 'Structure model' atom_sites                    
3 4 'Structure model' cell                          
4 5 'Structure model' chem_comp_atom                
5 5 'Structure model' chem_comp_bond                
6 5 'Structure model' database_2                    
7 5 'Structure model' em_3d_fitting_list            
8 5 'Structure model' pdbx_initial_refinement_model 
9 5 'Structure model' struct_site                   
# 
loop_
_pdbx_audit_revision_item.ordinal 
_pdbx_audit_revision_item.revision_ordinal 
_pdbx_audit_revision_item.data_content_type 
_pdbx_audit_revision_item.item 
1  3 'Structure model' '_em_software.fitting_id'                         
2  3 'Structure model' '_em_software.image_processing_id'                
3  4 'Structure model' '_atom_sites.fract_transf_matrix[1][1]'           
4  4 'Structure model' '_atom_sites.fract_transf_matrix[2][2]'           
5  4 'Structure model' '_atom_sites.fract_transf_matrix[3][3]'           
6  4 'Structure model' '_cell.length_a'                                  
7  4 'Structure model' '_cell.length_b'                                  
8  4 'Structure model' '_cell.length_c'                                  
9  5 'Structure model' '_database_2.pdbx_DOI'                            
10 5 'Structure model' '_database_2.pdbx_database_accession'             
11 5 'Structure model' '_em_3d_fitting_list.accession_code'              
12 5 'Structure model' '_em_3d_fitting_list.initial_refinement_model_id' 
13 5 'Structure model' '_em_3d_fitting_list.source_name'                 
14 5 'Structure model' '_em_3d_fitting_list.type'                        
15 5 'Structure model' '_struct_site.pdbx_auth_asym_id'                  
16 5 'Structure model' '_struct_site.pdbx_auth_comp_id'                  
17 5 'Structure model' '_struct_site.pdbx_auth_seq_id'                   
# 
_pdbx_database_status.status_code                     REL 
_pdbx_database_status.entry_id                        3ZFS 
_pdbx_database_status.deposit_site                    PDBE 
_pdbx_database_status.process_site                    PDBE 
_pdbx_database_status.SG_entry                        . 
_pdbx_database_status.recvd_initial_deposition_date   2012-12-12 
_pdbx_database_status.pdb_format_compatible           Y 
_pdbx_database_status.status_code_sf                  ? 
_pdbx_database_status.status_code_mr                  ? 
_pdbx_database_status.status_code_cs                  ? 
_pdbx_database_status.methods_development_category    ? 
_pdbx_database_status.status_code_nmr_data            ? 
# 
_pdbx_database_related.db_name        EMDB 
_pdbx_database_related.db_id          EMD-2097 
_pdbx_database_related.content_type   'associated EM volume' 
_pdbx_database_related.details        
'CRYO-EM STRUCTURE OF THE F420-REDUCING [NIFE]-HYDROGENASE FROM A METHANOGENIC ARCHAEON WITH BOUND SUBSTRATE' 
# 
loop_
_audit_author.name 
_audit_author.pdbx_ordinal 
'Mills, D.J.' 1 
'Vitt, S.'    2 
'Strauss, M.' 3 
'Shima, S.'   4 
'Vonck, J.'   5 
# 
_citation.id                        primary 
_citation.title                     
'De Novo Modeling of the F420-Reducing [Nife]-Hydrogenase from a Methanogenic Archaeon by Cryo-Electron Microscopy' 
_citation.journal_abbrev            Elife 
_citation.journal_volume            2 
_citation.page_first                218 
_citation.page_last                 ? 
_citation.year                      2013 
_citation.journal_id_ASTM           ? 
_citation.country                   US 
_citation.journal_id_ISSN           2050-084X 
_citation.journal_id_CSD            ? 
_citation.book_publisher            ? 
_citation.pdbx_database_id_PubMed   23483797 
_citation.pdbx_database_id_DOI      10.7554/ELIFE.00218 
# 
loop_
_citation_author.citation_id 
_citation_author.name 
_citation_author.ordinal 
_citation_author.identifier_ORCID 
primary 'Mills, D.J.' 1 ? 
primary 'Vitt, S.'    2 ? 
primary 'Strauss, M.' 3 ? 
primary 'Shima, S.'   4 ? 
primary 'Vonck, J.'   5 ? 
# 
loop_
_entity.id 
_entity.type 
_entity.src_method 
_entity.pdbx_description 
_entity.formula_weight 
_entity.pdbx_number_of_molecules 
_entity.pdbx_ec 
_entity.pdbx_mutation 
_entity.pdbx_fragment 
_entity.details 
1 polymer     nat 'F420-REDUCING HYDROGENASE, SUBUNIT ALPHA' 44873.332 1 1.12.98.1 ? ? 'FRHA CONTAINS A NIFE CENTER'           
2 polymer     nat 'F420-REDUCING HYDROGENASE, SUBUNIT GAMMA' 30267.762 1 1.12.98.1 ? ? 'FRHG CONTAINS THREE 4FE4S CLUSTERS'    
3 polymer     nat 'F420-REDUCING HYDROGENASE, SUBUNIT BETA'  30778.752 1 1.12.98.1 ? ? 'FRHB CONTAINS FAD AND A 4FE4S CLUSTER' 
4 non-polymer syn 'CARBONMONOXIDE-(DICYANO) IRON'            135.890   1 ?         ? ? ?                                       
5 non-polymer syn 'NICKEL (II) ION'                          58.693    1 ?         ? ? ?                                       
6 non-polymer syn 'FE (II) ION'                              55.845    1 ?         ? ? ?                                       
7 non-polymer syn 'IRON/SULFUR CLUSTER'                      351.640   4 ?         ? ? ?                                       
8 non-polymer syn 'COENZYME F420'                            773.593   1 ?         ? ? ?                                       
9 non-polymer syn 'FLAVIN-ADENINE DINUCLEOTIDE'              785.550   1 ?         ? ? ?                                       
# 
loop_
_entity_name_com.entity_id 
_entity_name_com.name 
1 'FRHA, COENZYME F420 HYDROGENASE ALPHA SUBUNIT' 
2 'FRHG, COENZYME F420 HYDROGENASE GAMMA SUBUNIT' 
3 'FRHB, COENZYME F420 HYDROGENASE BETA SUBUNIT'  
# 
loop_
_entity_poly.entity_id 
_entity_poly.type 
_entity_poly.nstd_linkage 
_entity_poly.nstd_monomer 
_entity_poly.pdbx_seq_one_letter_code 
_entity_poly.pdbx_seq_one_letter_code_can 
_entity_poly.pdbx_strand_id 
_entity_poly.pdbx_target_identifier 
1 'polypeptide(L)' no no 
;MSERIVISPTSRQEGHAELVMEVDDEGIVTKGRYFSITPVRGLEKMVTGKAPETAPVMVQRICGVCPIPHTLASVEAIDD
SLDIEVPKAGRLLRELTLAAHHVNSHAIHHFLIAPDFVPENLMADAINSVSEIRKNAQYVVDMVAGEGIHPSDVRIGGMA
DNITELARKRLYARLKQLKPKVNEHVELMIGLIEDKGLPEGLGVHNQPTLASHQIYGDRTKFDLDRFTEIMPESWYDDPE
IAKRACSTIPLYDGRNVEVGPRARMVEFQGFKERGVVAQHVARALEMKTALSRAIEILDELDTSAPVRADFDERGTGKLG
IGAIEAPRGLDVHMAKVENGKIQFYSALVPTTWNIPTMGPATEGFHHEYGPHVIRAYDPCLSCATHVMVVDDEDKSVIKN
EMVKI
;
;MSERIVISPTSRQEGHAELVMEVDDEGIVTKGRYFSITPVRGLEKMVTGKAPETAPVMVQRICGVCPIPHTLASVEAIDD
SLDIEVPKAGRLLRELTLAAHHVNSHAIHHFLIAPDFVPENLMADAINSVSEIRKNAQYVVDMVAGEGIHPSDVRIGGMA
DNITELARKRLYARLKQLKPKVNEHVELMIGLIEDKGLPEGLGVHNQPTLASHQIYGDRTKFDLDRFTEIMPESWYDDPE
IAKRACSTIPLYDGRNVEVGPRARMVEFQGFKERGVVAQHVARALEMKTALSRAIEILDELDTSAPVRADFDERGTGKLG
IGAIEAPRGLDVHMAKVENGKIQFYSALVPTTWNIPTMGPATEGFHHEYGPHVIRAYDPCLSCATHVMVVDDEDKSVIKN
EMVKI
;
A ? 
2 'polypeptide(L)' no no 
;MSLIARIKRFLGLEAEAKREEPEKEKSEPVGASKEEVEKVAEENAKPRIGYIHLSGCTGDAMSLTENYDILAELLTNMVD
IVYGQTLVDLWEMPEMDLALVEGSVCLQDEHSLHELKELREKAKLVCAFGSCAATGCFTRYSRGGQQAQPSHESFVPIAD
LIDVDLALPGCPPSPEIIAKTVVALLNNDMDYLQPMLDLAGYTEACGCDLQTKVVNQGLCIGCGTCAMACQTRALDMTNG
RPELNSDRCIKCGICYVQCPRSWWPEEQIKKELGL
;
;MSLIARIKRFLGLEAEAKREEPEKEKSEPVGASKEEVEKVAEENAKPRIGYIHLSGCTGDAMSLTENYDILAELLTNMVD
IVYGQTLVDLWEMPEMDLALVEGSVCLQDEHSLHELKELREKAKLVCAFGSCAATGCFTRYSRGGQQAQPSHESFVPIAD
LIDVDLALPGCPPSPEIIAKTVVALLNNDMDYLQPMLDLAGYTEACGCDLQTKVVNQGLCIGCGTCAMACQTRALDMTNG
RPELNSDRCIKCGICYVQCPRSWWPEEQIKKELGL
;
B ? 
3 'polypeptide(L)' no no 
;MVLGTYKEIVSARSTDREIQKLAQDGGIVTGLLAYALDEGIIEGAVVAGPGEEFWKPQPMVAMSSDELKAAAGTKYTFSP
NVMMLKKAVRQYGIEKLGTVAIPCQTMGIRKMQTYPFGVRFLADKIKLLVGIYCMENFPYTSLQTFICEKLGVSMELVEK
MDIGKGKFWVYTQDDVLTLPLKETHGYEQAGCKICKDYVAELADVSTGSVGSPDGWSTVITRTDAGDSIFKQAVEAGLFE
TKPIEEVKPGLGLLEKLAAQKKEKAEKNIAARKEMGLPTPF
;
;MVLGTYKEIVSARSTDREIQKLAQDGGIVTGLLAYALDEGIIEGAVVAGPGEEFWKPQPMVAMSSDELKAAAGTKYTFSP
NVMMLKKAVRQYGIEKLGTVAIPCQTMGIRKMQTYPFGVRFLADKIKLLVGIYCMENFPYTSLQTFICEKLGVSMELVEK
MDIGKGKFWVYTQDDVLTLPLKETHGYEQAGCKICKDYVAELADVSTGSVGSPDGWSTVITRTDAGDSIFKQAVEAGLFE
TKPIEEVKPGLGLLEKLAAQKKEKAEKNIAARKEMGLPTPF
;
C ? 
# 
loop_
_pdbx_entity_nonpoly.entity_id 
_pdbx_entity_nonpoly.name 
_pdbx_entity_nonpoly.comp_id 
4 'CARBONMONOXIDE-(DICYANO) IRON' FCO 
5 'NICKEL (II) ION'               NI  
6 'FE (II) ION'                   FE2 
7 'IRON/SULFUR CLUSTER'           SF4 
8 'COENZYME F420'                 F42 
9 'FLAVIN-ADENINE DINUCLEOTIDE'   FAD 
# 
loop_
_entity_poly_seq.entity_id 
_entity_poly_seq.num 
_entity_poly_seq.mon_id 
_entity_poly_seq.hetero 
1 1   MET n 
1 2   SER n 
1 3   GLU n 
1 4   ARG n 
1 5   ILE n 
1 6   VAL n 
1 7   ILE n 
1 8   SER n 
1 9   PRO n 
1 10  THR n 
1 11  SER n 
1 12  ARG n 
1 13  GLN n 
1 14  GLU n 
1 15  GLY n 
1 16  HIS n 
1 17  ALA n 
1 18  GLU n 
1 19  LEU n 
1 20  VAL n 
1 21  MET n 
1 22  GLU n 
1 23  VAL n 
1 24  ASP n 
1 25  ASP n 
1 26  GLU n 
1 27  GLY n 
1 28  ILE n 
1 29  VAL n 
1 30  THR n 
1 31  LYS n 
1 32  GLY n 
1 33  ARG n 
1 34  TYR n 
1 35  PHE n 
1 36  SER n 
1 37  ILE n 
1 38  THR n 
1 39  PRO n 
1 40  VAL n 
1 41  ARG n 
1 42  GLY n 
1 43  LEU n 
1 44  GLU n 
1 45  LYS n 
1 46  MET n 
1 47  VAL n 
1 48  THR n 
1 49  GLY n 
1 50  LYS n 
1 51  ALA n 
1 52  PRO n 
1 53  GLU n 
1 54  THR n 
1 55  ALA n 
1 56  PRO n 
1 57  VAL n 
1 58  MET n 
1 59  VAL n 
1 60  GLN n 
1 61  ARG n 
1 62  ILE n 
1 63  CYS n 
1 64  GLY n 
1 65  VAL n 
1 66  CYS n 
1 67  PRO n 
1 68  ILE n 
1 69  PRO n 
1 70  HIS n 
1 71  THR n 
1 72  LEU n 
1 73  ALA n 
1 74  SER n 
1 75  VAL n 
1 76  GLU n 
1 77  ALA n 
1 78  ILE n 
1 79  ASP n 
1 80  ASP n 
1 81  SER n 
1 82  LEU n 
1 83  ASP n 
1 84  ILE n 
1 85  GLU n 
1 86  VAL n 
1 87  PRO n 
1 88  LYS n 
1 89  ALA n 
1 90  GLY n 
1 91  ARG n 
1 92  LEU n 
1 93  LEU n 
1 94  ARG n 
1 95  GLU n 
1 96  LEU n 
1 97  THR n 
1 98  LEU n 
1 99  ALA n 
1 100 ALA n 
1 101 HIS n 
1 102 HIS n 
1 103 VAL n 
1 104 ASN n 
1 105 SER n 
1 106 HIS n 
1 107 ALA n 
1 108 ILE n 
1 109 HIS n 
1 110 HIS n 
1 111 PHE n 
1 112 LEU n 
1 113 ILE n 
1 114 ALA n 
1 115 PRO n 
1 116 ASP n 
1 117 PHE n 
1 118 VAL n 
1 119 PRO n 
1 120 GLU n 
1 121 ASN n 
1 122 LEU n 
1 123 MET n 
1 124 ALA n 
1 125 ASP n 
1 126 ALA n 
1 127 ILE n 
1 128 ASN n 
1 129 SER n 
1 130 VAL n 
1 131 SER n 
1 132 GLU n 
1 133 ILE n 
1 134 ARG n 
1 135 LYS n 
1 136 ASN n 
1 137 ALA n 
1 138 GLN n 
1 139 TYR n 
1 140 VAL n 
1 141 VAL n 
1 142 ASP n 
1 143 MET n 
1 144 VAL n 
1 145 ALA n 
1 146 GLY n 
1 147 GLU n 
1 148 GLY n 
1 149 ILE n 
1 150 HIS n 
1 151 PRO n 
1 152 SER n 
1 153 ASP n 
1 154 VAL n 
1 155 ARG n 
1 156 ILE n 
1 157 GLY n 
1 158 GLY n 
1 159 MET n 
1 160 ALA n 
1 161 ASP n 
1 162 ASN n 
1 163 ILE n 
1 164 THR n 
1 165 GLU n 
1 166 LEU n 
1 167 ALA n 
1 168 ARG n 
1 169 LYS n 
1 170 ARG n 
1 171 LEU n 
1 172 TYR n 
1 173 ALA n 
1 174 ARG n 
1 175 LEU n 
1 176 LYS n 
1 177 GLN n 
1 178 LEU n 
1 179 LYS n 
1 180 PRO n 
1 181 LYS n 
1 182 VAL n 
1 183 ASN n 
1 184 GLU n 
1 185 HIS n 
1 186 VAL n 
1 187 GLU n 
1 188 LEU n 
1 189 MET n 
1 190 ILE n 
1 191 GLY n 
1 192 LEU n 
1 193 ILE n 
1 194 GLU n 
1 195 ASP n 
1 196 LYS n 
1 197 GLY n 
1 198 LEU n 
1 199 PRO n 
1 200 GLU n 
1 201 GLY n 
1 202 LEU n 
1 203 GLY n 
1 204 VAL n 
1 205 HIS n 
1 206 ASN n 
1 207 GLN n 
1 208 PRO n 
1 209 THR n 
1 210 LEU n 
1 211 ALA n 
1 212 SER n 
1 213 HIS n 
1 214 GLN n 
1 215 ILE n 
1 216 TYR n 
1 217 GLY n 
1 218 ASP n 
1 219 ARG n 
1 220 THR n 
1 221 LYS n 
1 222 PHE n 
1 223 ASP n 
1 224 LEU n 
1 225 ASP n 
1 226 ARG n 
1 227 PHE n 
1 228 THR n 
1 229 GLU n 
1 230 ILE n 
1 231 MET n 
1 232 PRO n 
1 233 GLU n 
1 234 SER n 
1 235 TRP n 
1 236 TYR n 
1 237 ASP n 
1 238 ASP n 
1 239 PRO n 
1 240 GLU n 
1 241 ILE n 
1 242 ALA n 
1 243 LYS n 
1 244 ARG n 
1 245 ALA n 
1 246 CYS n 
1 247 SER n 
1 248 THR n 
1 249 ILE n 
1 250 PRO n 
1 251 LEU n 
1 252 TYR n 
1 253 ASP n 
1 254 GLY n 
1 255 ARG n 
1 256 ASN n 
1 257 VAL n 
1 258 GLU n 
1 259 VAL n 
1 260 GLY n 
1 261 PRO n 
1 262 ARG n 
1 263 ALA n 
1 264 ARG n 
1 265 MET n 
1 266 VAL n 
1 267 GLU n 
1 268 PHE n 
1 269 GLN n 
1 270 GLY n 
1 271 PHE n 
1 272 LYS n 
1 273 GLU n 
1 274 ARG n 
1 275 GLY n 
1 276 VAL n 
1 277 VAL n 
1 278 ALA n 
1 279 GLN n 
1 280 HIS n 
1 281 VAL n 
1 282 ALA n 
1 283 ARG n 
1 284 ALA n 
1 285 LEU n 
1 286 GLU n 
1 287 MET n 
1 288 LYS n 
1 289 THR n 
1 290 ALA n 
1 291 LEU n 
1 292 SER n 
1 293 ARG n 
1 294 ALA n 
1 295 ILE n 
1 296 GLU n 
1 297 ILE n 
1 298 LEU n 
1 299 ASP n 
1 300 GLU n 
1 301 LEU n 
1 302 ASP n 
1 303 THR n 
1 304 SER n 
1 305 ALA n 
1 306 PRO n 
1 307 VAL n 
1 308 ARG n 
1 309 ALA n 
1 310 ASP n 
1 311 PHE n 
1 312 ASP n 
1 313 GLU n 
1 314 ARG n 
1 315 GLY n 
1 316 THR n 
1 317 GLY n 
1 318 LYS n 
1 319 LEU n 
1 320 GLY n 
1 321 ILE n 
1 322 GLY n 
1 323 ALA n 
1 324 ILE n 
1 325 GLU n 
1 326 ALA n 
1 327 PRO n 
1 328 ARG n 
1 329 GLY n 
1 330 LEU n 
1 331 ASP n 
1 332 VAL n 
1 333 HIS n 
1 334 MET n 
1 335 ALA n 
1 336 LYS n 
1 337 VAL n 
1 338 GLU n 
1 339 ASN n 
1 340 GLY n 
1 341 LYS n 
1 342 ILE n 
1 343 GLN n 
1 344 PHE n 
1 345 TYR n 
1 346 SER n 
1 347 ALA n 
1 348 LEU n 
1 349 VAL n 
1 350 PRO n 
1 351 THR n 
1 352 THR n 
1 353 TRP n 
1 354 ASN n 
1 355 ILE n 
1 356 PRO n 
1 357 THR n 
1 358 MET n 
1 359 GLY n 
1 360 PRO n 
1 361 ALA n 
1 362 THR n 
1 363 GLU n 
1 364 GLY n 
1 365 PHE n 
1 366 HIS n 
1 367 HIS n 
1 368 GLU n 
1 369 TYR n 
1 370 GLY n 
1 371 PRO n 
1 372 HIS n 
1 373 VAL n 
1 374 ILE n 
1 375 ARG n 
1 376 ALA n 
1 377 TYR n 
1 378 ASP n 
1 379 PRO n 
1 380 CYS n 
1 381 LEU n 
1 382 SER n 
1 383 CYS n 
1 384 ALA n 
1 385 THR n 
1 386 HIS n 
1 387 VAL n 
1 388 MET n 
1 389 VAL n 
1 390 VAL n 
1 391 ASP n 
1 392 ASP n 
1 393 GLU n 
1 394 ASP n 
1 395 LYS n 
1 396 SER n 
1 397 VAL n 
1 398 ILE n 
1 399 LYS n 
1 400 ASN n 
1 401 GLU n 
1 402 MET n 
1 403 VAL n 
1 404 LYS n 
1 405 ILE n 
2 1   MET n 
2 2   SER n 
2 3   LEU n 
2 4   ILE n 
2 5   ALA n 
2 6   ARG n 
2 7   ILE n 
2 8   LYS n 
2 9   ARG n 
2 10  PHE n 
2 11  LEU n 
2 12  GLY n 
2 13  LEU n 
2 14  GLU n 
2 15  ALA n 
2 16  GLU n 
2 17  ALA n 
2 18  LYS n 
2 19  ARG n 
2 20  GLU n 
2 21  GLU n 
2 22  PRO n 
2 23  GLU n 
2 24  LYS n 
2 25  GLU n 
2 26  LYS n 
2 27  SER n 
2 28  GLU n 
2 29  PRO n 
2 30  VAL n 
2 31  GLY n 
2 32  ALA n 
2 33  SER n 
2 34  LYS n 
2 35  GLU n 
2 36  GLU n 
2 37  VAL n 
2 38  GLU n 
2 39  LYS n 
2 40  VAL n 
2 41  ALA n 
2 42  GLU n 
2 43  GLU n 
2 44  ASN n 
2 45  ALA n 
2 46  LYS n 
2 47  PRO n 
2 48  ARG n 
2 49  ILE n 
2 50  GLY n 
2 51  TYR n 
2 52  ILE n 
2 53  HIS n 
2 54  LEU n 
2 55  SER n 
2 56  GLY n 
2 57  CYS n 
2 58  THR n 
2 59  GLY n 
2 60  ASP n 
2 61  ALA n 
2 62  MET n 
2 63  SER n 
2 64  LEU n 
2 65  THR n 
2 66  GLU n 
2 67  ASN n 
2 68  TYR n 
2 69  ASP n 
2 70  ILE n 
2 71  LEU n 
2 72  ALA n 
2 73  GLU n 
2 74  LEU n 
2 75  LEU n 
2 76  THR n 
2 77  ASN n 
2 78  MET n 
2 79  VAL n 
2 80  ASP n 
2 81  ILE n 
2 82  VAL n 
2 83  TYR n 
2 84  GLY n 
2 85  GLN n 
2 86  THR n 
2 87  LEU n 
2 88  VAL n 
2 89  ASP n 
2 90  LEU n 
2 91  TRP n 
2 92  GLU n 
2 93  MET n 
2 94  PRO n 
2 95  GLU n 
2 96  MET n 
2 97  ASP n 
2 98  LEU n 
2 99  ALA n 
2 100 LEU n 
2 101 VAL n 
2 102 GLU n 
2 103 GLY n 
2 104 SER n 
2 105 VAL n 
2 106 CYS n 
2 107 LEU n 
2 108 GLN n 
2 109 ASP n 
2 110 GLU n 
2 111 HIS n 
2 112 SER n 
2 113 LEU n 
2 114 HIS n 
2 115 GLU n 
2 116 LEU n 
2 117 LYS n 
2 118 GLU n 
2 119 LEU n 
2 120 ARG n 
2 121 GLU n 
2 122 LYS n 
2 123 ALA n 
2 124 LYS n 
2 125 LEU n 
2 126 VAL n 
2 127 CYS n 
2 128 ALA n 
2 129 PHE n 
2 130 GLY n 
2 131 SER n 
2 132 CYS n 
2 133 ALA n 
2 134 ALA n 
2 135 THR n 
2 136 GLY n 
2 137 CYS n 
2 138 PHE n 
2 139 THR n 
2 140 ARG n 
2 141 TYR n 
2 142 SER n 
2 143 ARG n 
2 144 GLY n 
2 145 GLY n 
2 146 GLN n 
2 147 GLN n 
2 148 ALA n 
2 149 GLN n 
2 150 PRO n 
2 151 SER n 
2 152 HIS n 
2 153 GLU n 
2 154 SER n 
2 155 PHE n 
2 156 VAL n 
2 157 PRO n 
2 158 ILE n 
2 159 ALA n 
2 160 ASP n 
2 161 LEU n 
2 162 ILE n 
2 163 ASP n 
2 164 VAL n 
2 165 ASP n 
2 166 LEU n 
2 167 ALA n 
2 168 LEU n 
2 169 PRO n 
2 170 GLY n 
2 171 CYS n 
2 172 PRO n 
2 173 PRO n 
2 174 SER n 
2 175 PRO n 
2 176 GLU n 
2 177 ILE n 
2 178 ILE n 
2 179 ALA n 
2 180 LYS n 
2 181 THR n 
2 182 VAL n 
2 183 VAL n 
2 184 ALA n 
2 185 LEU n 
2 186 LEU n 
2 187 ASN n 
2 188 ASN n 
2 189 ASP n 
2 190 MET n 
2 191 ASP n 
2 192 TYR n 
2 193 LEU n 
2 194 GLN n 
2 195 PRO n 
2 196 MET n 
2 197 LEU n 
2 198 ASP n 
2 199 LEU n 
2 200 ALA n 
2 201 GLY n 
2 202 TYR n 
2 203 THR n 
2 204 GLU n 
2 205 ALA n 
2 206 CYS n 
2 207 GLY n 
2 208 CYS n 
2 209 ASP n 
2 210 LEU n 
2 211 GLN n 
2 212 THR n 
2 213 LYS n 
2 214 VAL n 
2 215 VAL n 
2 216 ASN n 
2 217 GLN n 
2 218 GLY n 
2 219 LEU n 
2 220 CYS n 
2 221 ILE n 
2 222 GLY n 
2 223 CYS n 
2 224 GLY n 
2 225 THR n 
2 226 CYS n 
2 227 ALA n 
2 228 MET n 
2 229 ALA n 
2 230 CYS n 
2 231 GLN n 
2 232 THR n 
2 233 ARG n 
2 234 ALA n 
2 235 LEU n 
2 236 ASP n 
2 237 MET n 
2 238 THR n 
2 239 ASN n 
2 240 GLY n 
2 241 ARG n 
2 242 PRO n 
2 243 GLU n 
2 244 LEU n 
2 245 ASN n 
2 246 SER n 
2 247 ASP n 
2 248 ARG n 
2 249 CYS n 
2 250 ILE n 
2 251 LYS n 
2 252 CYS n 
2 253 GLY n 
2 254 ILE n 
2 255 CYS n 
2 256 TYR n 
2 257 VAL n 
2 258 GLN n 
2 259 CYS n 
2 260 PRO n 
2 261 ARG n 
2 262 SER n 
2 263 TRP n 
2 264 TRP n 
2 265 PRO n 
2 266 GLU n 
2 267 GLU n 
2 268 GLN n 
2 269 ILE n 
2 270 LYS n 
2 271 LYS n 
2 272 GLU n 
2 273 LEU n 
2 274 GLY n 
2 275 LEU n 
3 1   MET n 
3 2   VAL n 
3 3   LEU n 
3 4   GLY n 
3 5   THR n 
3 6   TYR n 
3 7   LYS n 
3 8   GLU n 
3 9   ILE n 
3 10  VAL n 
3 11  SER n 
3 12  ALA n 
3 13  ARG n 
3 14  SER n 
3 15  THR n 
3 16  ASP n 
3 17  ARG n 
3 18  GLU n 
3 19  ILE n 
3 20  GLN n 
3 21  LYS n 
3 22  LEU n 
3 23  ALA n 
3 24  GLN n 
3 25  ASP n 
3 26  GLY n 
3 27  GLY n 
3 28  ILE n 
3 29  VAL n 
3 30  THR n 
3 31  GLY n 
3 32  LEU n 
3 33  LEU n 
3 34  ALA n 
3 35  TYR n 
3 36  ALA n 
3 37  LEU n 
3 38  ASP n 
3 39  GLU n 
3 40  GLY n 
3 41  ILE n 
3 42  ILE n 
3 43  GLU n 
3 44  GLY n 
3 45  ALA n 
3 46  VAL n 
3 47  VAL n 
3 48  ALA n 
3 49  GLY n 
3 50  PRO n 
3 51  GLY n 
3 52  GLU n 
3 53  GLU n 
3 54  PHE n 
3 55  TRP n 
3 56  LYS n 
3 57  PRO n 
3 58  GLN n 
3 59  PRO n 
3 60  MET n 
3 61  VAL n 
3 62  ALA n 
3 63  MET n 
3 64  SER n 
3 65  SER n 
3 66  ASP n 
3 67  GLU n 
3 68  LEU n 
3 69  LYS n 
3 70  ALA n 
3 71  ALA n 
3 72  ALA n 
3 73  GLY n 
3 74  THR n 
3 75  LYS n 
3 76  TYR n 
3 77  THR n 
3 78  PHE n 
3 79  SER n 
3 80  PRO n 
3 81  ASN n 
3 82  VAL n 
3 83  MET n 
3 84  MET n 
3 85  LEU n 
3 86  LYS n 
3 87  LYS n 
3 88  ALA n 
3 89  VAL n 
3 90  ARG n 
3 91  GLN n 
3 92  TYR n 
3 93  GLY n 
3 94  ILE n 
3 95  GLU n 
3 96  LYS n 
3 97  LEU n 
3 98  GLY n 
3 99  THR n 
3 100 VAL n 
3 101 ALA n 
3 102 ILE n 
3 103 PRO n 
3 104 CYS n 
3 105 GLN n 
3 106 THR n 
3 107 MET n 
3 108 GLY n 
3 109 ILE n 
3 110 ARG n 
3 111 LYS n 
3 112 MET n 
3 113 GLN n 
3 114 THR n 
3 115 TYR n 
3 116 PRO n 
3 117 PHE n 
3 118 GLY n 
3 119 VAL n 
3 120 ARG n 
3 121 PHE n 
3 122 LEU n 
3 123 ALA n 
3 124 ASP n 
3 125 LYS n 
3 126 ILE n 
3 127 LYS n 
3 128 LEU n 
3 129 LEU n 
3 130 VAL n 
3 131 GLY n 
3 132 ILE n 
3 133 TYR n 
3 134 CYS n 
3 135 MET n 
3 136 GLU n 
3 137 ASN n 
3 138 PHE n 
3 139 PRO n 
3 140 TYR n 
3 141 THR n 
3 142 SER n 
3 143 LEU n 
3 144 GLN n 
3 145 THR n 
3 146 PHE n 
3 147 ILE n 
3 148 CYS n 
3 149 GLU n 
3 150 LYS n 
3 151 LEU n 
3 152 GLY n 
3 153 VAL n 
3 154 SER n 
3 155 MET n 
3 156 GLU n 
3 157 LEU n 
3 158 VAL n 
3 159 GLU n 
3 160 LYS n 
3 161 MET n 
3 162 ASP n 
3 163 ILE n 
3 164 GLY n 
3 165 LYS n 
3 166 GLY n 
3 167 LYS n 
3 168 PHE n 
3 169 TRP n 
3 170 VAL n 
3 171 TYR n 
3 172 THR n 
3 173 GLN n 
3 174 ASP n 
3 175 ASP n 
3 176 VAL n 
3 177 LEU n 
3 178 THR n 
3 179 LEU n 
3 180 PRO n 
3 181 LEU n 
3 182 LYS n 
3 183 GLU n 
3 184 THR n 
3 185 HIS n 
3 186 GLY n 
3 187 TYR n 
3 188 GLU n 
3 189 GLN n 
3 190 ALA n 
3 191 GLY n 
3 192 CYS n 
3 193 LYS n 
3 194 ILE n 
3 195 CYS n 
3 196 LYS n 
3 197 ASP n 
3 198 TYR n 
3 199 VAL n 
3 200 ALA n 
3 201 GLU n 
3 202 LEU n 
3 203 ALA n 
3 204 ASP n 
3 205 VAL n 
3 206 SER n 
3 207 THR n 
3 208 GLY n 
3 209 SER n 
3 210 VAL n 
3 211 GLY n 
3 212 SER n 
3 213 PRO n 
3 214 ASP n 
3 215 GLY n 
3 216 TRP n 
3 217 SER n 
3 218 THR n 
3 219 VAL n 
3 220 ILE n 
3 221 THR n 
3 222 ARG n 
3 223 THR n 
3 224 ASP n 
3 225 ALA n 
3 226 GLY n 
3 227 ASP n 
3 228 SER n 
3 229 ILE n 
3 230 PHE n 
3 231 LYS n 
3 232 GLN n 
3 233 ALA n 
3 234 VAL n 
3 235 GLU n 
3 236 ALA n 
3 237 GLY n 
3 238 LEU n 
3 239 PHE n 
3 240 GLU n 
3 241 THR n 
3 242 LYS n 
3 243 PRO n 
3 244 ILE n 
3 245 GLU n 
3 246 GLU n 
3 247 VAL n 
3 248 LYS n 
3 249 PRO n 
3 250 GLY n 
3 251 LEU n 
3 252 GLY n 
3 253 LEU n 
3 254 LEU n 
3 255 GLU n 
3 256 LYS n 
3 257 LEU n 
3 258 ALA n 
3 259 ALA n 
3 260 GLN n 
3 261 LYS n 
3 262 LYS n 
3 263 GLU n 
3 264 LYS n 
3 265 ALA n 
3 266 GLU n 
3 267 LYS n 
3 268 ASN n 
3 269 ILE n 
3 270 ALA n 
3 271 ALA n 
3 272 ARG n 
3 273 LYS n 
3 274 GLU n 
3 275 MET n 
3 276 GLY n 
3 277 LEU n 
3 278 PRO n 
3 279 THR n 
3 280 PRO n 
3 281 PHE n 
# 
loop_
_entity_src_nat.entity_id 
_entity_src_nat.pdbx_src_id 
_entity_src_nat.pdbx_alt_source_flag 
_entity_src_nat.pdbx_beg_seq_num 
_entity_src_nat.pdbx_end_seq_num 
_entity_src_nat.common_name 
_entity_src_nat.pdbx_organism_scientific 
_entity_src_nat.pdbx_ncbi_taxonomy_id 
_entity_src_nat.genus 
_entity_src_nat.species 
_entity_src_nat.strain 
_entity_src_nat.tissue 
_entity_src_nat.tissue_fraction 
_entity_src_nat.pdbx_secretion 
_entity_src_nat.pdbx_fragment 
_entity_src_nat.pdbx_variant 
_entity_src_nat.pdbx_cell_line 
_entity_src_nat.pdbx_atcc 
_entity_src_nat.pdbx_cellular_location 
_entity_src_nat.pdbx_organ 
_entity_src_nat.pdbx_organelle 
_entity_src_nat.pdbx_cell 
_entity_src_nat.pdbx_plasmid_name 
_entity_src_nat.pdbx_plasmid_details 
_entity_src_nat.details 
1 1 sample ? ? ? 'METHANOTHERMOBACTER MARBURGENSIS' 145263 ? ? 'DSM 2133' ? ? ? ? ? ? ? ? ? ? ? ? ? ? 
2 1 sample ? ? ? 'METHANOTHERMOBACTER MARBURGENSIS' 145263 ? ? 'DSM 2133' ? ? ? ? ? ? ? ? ? ? ? ? ? ? 
3 1 sample ? ? ? 'METHANOTHERMOBACTER MARBURGENSIS' 145263 ? ? 'DSM 2133' ? ? ? ? ? ? ? ? ? ? ? ? ? ? 
# 
loop_
_chem_comp.id 
_chem_comp.type 
_chem_comp.mon_nstd_flag 
_chem_comp.name 
_chem_comp.pdbx_synonyms 
_chem_comp.formula 
_chem_comp.formula_weight 
ALA 'L-peptide linking' y ALANINE                         ? 'C3 H7 N O2'        89.093  
ARG 'L-peptide linking' y ARGININE                        ? 'C6 H15 N4 O2 1'    175.209 
ASN 'L-peptide linking' y ASPARAGINE                      ? 'C4 H8 N2 O3'       132.118 
ASP 'L-peptide linking' y 'ASPARTIC ACID'                 ? 'C4 H7 N O4'        133.103 
CYS 'L-peptide linking' y CYSTEINE                        ? 'C3 H7 N O2 S'      121.158 
F42 non-polymer         . 'COENZYME F420'                 ? 'C29 H36 N5 O18 P'  773.593 
FAD non-polymer         . 'FLAVIN-ADENINE DINUCLEOTIDE'   ? 'C27 H33 N9 O15 P2' 785.550 
FCO non-polymer         . 'CARBONMONOXIDE-(DICYANO) IRON' ? 'C3 Fe N2 O'        135.890 
FE2 non-polymer         . 'FE (II) ION'                   ? 'Fe 2'              55.845  
GLN 'L-peptide linking' y GLUTAMINE                       ? 'C5 H10 N2 O3'      146.144 
GLU 'L-peptide linking' y 'GLUTAMIC ACID'                 ? 'C5 H9 N O4'        147.129 
GLY 'peptide linking'   y GLYCINE                         ? 'C2 H5 N O2'        75.067  
HIS 'L-peptide linking' y HISTIDINE                       ? 'C6 H10 N3 O2 1'    156.162 
ILE 'L-peptide linking' y ISOLEUCINE                      ? 'C6 H13 N O2'       131.173 
LEU 'L-peptide linking' y LEUCINE                         ? 'C6 H13 N O2'       131.173 
LYS 'L-peptide linking' y LYSINE                          ? 'C6 H15 N2 O2 1'    147.195 
MET 'L-peptide linking' y METHIONINE                      ? 'C5 H11 N O2 S'     149.211 
NI  non-polymer         . 'NICKEL (II) ION'               ? 'Ni 2'              58.693  
PHE 'L-peptide linking' y PHENYLALANINE                   ? 'C9 H11 N O2'       165.189 
PRO 'L-peptide linking' y PROLINE                         ? 'C5 H9 N O2'        115.130 
SER 'L-peptide linking' y SERINE                          ? 'C3 H7 N O3'        105.093 
SF4 non-polymer         . 'IRON/SULFUR CLUSTER'           ? 'Fe4 S4'            351.640 
THR 'L-peptide linking' y THREONINE                       ? 'C4 H9 N O3'        119.119 
TRP 'L-peptide linking' y TRYPTOPHAN                      ? 'C11 H12 N2 O2'     204.225 
TYR 'L-peptide linking' y TYROSINE                        ? 'C9 H11 N O3'       181.189 
VAL 'L-peptide linking' y VALINE                          ? 'C5 H11 N O2'       117.146 
# 
loop_
_pdbx_poly_seq_scheme.asym_id 
_pdbx_poly_seq_scheme.entity_id 
_pdbx_poly_seq_scheme.seq_id 
_pdbx_poly_seq_scheme.mon_id 
_pdbx_poly_seq_scheme.ndb_seq_num 
_pdbx_poly_seq_scheme.pdb_seq_num 
_pdbx_poly_seq_scheme.auth_seq_num 
_pdbx_poly_seq_scheme.pdb_mon_id 
_pdbx_poly_seq_scheme.auth_mon_id 
_pdbx_poly_seq_scheme.pdb_strand_id 
_pdbx_poly_seq_scheme.pdb_ins_code 
_pdbx_poly_seq_scheme.hetero 
A 1 1   MET 1   1   ?   ?   ?   A . n 
A 1 2   SER 2   2   2   SER SER A . n 
A 1 3   GLU 3   3   3   GLU GLU A . n 
A 1 4   ARG 4   4   4   ARG ARG A . n 
A 1 5   ILE 5   5   5   ILE ILE A . n 
A 1 6   VAL 6   6   6   VAL VAL A . n 
A 1 7   ILE 7   7   7   ILE ILE A . n 
A 1 8   SER 8   8   8   SER SER A . n 
A 1 9   PRO 9   9   9   PRO PRO A . n 
A 1 10  THR 10  10  10  THR THR A . n 
A 1 11  SER 11  11  11  SER SER A . n 
A 1 12  ARG 12  12  12  ARG ARG A . n 
A 1 13  GLN 13  13  13  GLN GLN A . n 
A 1 14  GLU 14  14  14  GLU GLU A . n 
A 1 15  GLY 15  15  15  GLY GLY A . n 
A 1 16  HIS 16  16  16  HIS HIS A . n 
A 1 17  ALA 17  17  17  ALA ALA A . n 
A 1 18  GLU 18  18  18  GLU GLU A . n 
A 1 19  LEU 19  19  19  LEU LEU A . n 
A 1 20  VAL 20  20  20  VAL VAL A . n 
A 1 21  MET 21  21  21  MET MET A . n 
A 1 22  GLU 22  22  22  GLU GLU A . n 
A 1 23  VAL 23  23  23  VAL VAL A . n 
A 1 24  ASP 24  24  24  ASP ASP A . n 
A 1 25  ASP 25  25  25  ASP ASP A . n 
A 1 26  GLU 26  26  26  GLU GLU A . n 
A 1 27  GLY 27  27  27  GLY GLY A . n 
A 1 28  ILE 28  28  28  ILE ILE A . n 
A 1 29  VAL 29  29  29  VAL VAL A . n 
A 1 30  THR 30  30  30  THR THR A . n 
A 1 31  LYS 31  31  31  LYS LYS A . n 
A 1 32  GLY 32  32  32  GLY GLY A . n 
A 1 33  ARG 33  33  33  ARG ARG A . n 
A 1 34  TYR 34  34  34  TYR TYR A . n 
A 1 35  PHE 35  35  35  PHE PHE A . n 
A 1 36  SER 36  36  36  SER SER A . n 
A 1 37  ILE 37  37  37  ILE ILE A . n 
A 1 38  THR 38  38  38  THR THR A . n 
A 1 39  PRO 39  39  39  PRO PRO A . n 
A 1 40  VAL 40  40  40  VAL VAL A . n 
A 1 41  ARG 41  41  41  ARG ARG A . n 
A 1 42  GLY 42  42  42  GLY GLY A . n 
A 1 43  LEU 43  43  43  LEU LEU A . n 
A 1 44  GLU 44  44  44  GLU GLU A . n 
A 1 45  LYS 45  45  45  LYS LYS A . n 
A 1 46  MET 46  46  46  MET MET A . n 
A 1 47  VAL 47  47  47  VAL VAL A . n 
A 1 48  THR 48  48  48  THR THR A . n 
A 1 49  GLY 49  49  49  GLY GLY A . n 
A 1 50  LYS 50  50  50  LYS LYS A . n 
A 1 51  ALA 51  51  51  ALA ALA A . n 
A 1 52  PRO 52  52  52  PRO PRO A . n 
A 1 53  GLU 53  53  53  GLU GLU A . n 
A 1 54  THR 54  54  54  THR THR A . n 
A 1 55  ALA 55  55  55  ALA ALA A . n 
A 1 56  PRO 56  56  56  PRO PRO A . n 
A 1 57  VAL 57  57  57  VAL VAL A . n 
A 1 58  MET 58  58  58  MET MET A . n 
A 1 59  VAL 59  59  59  VAL VAL A . n 
A 1 60  GLN 60  60  60  GLN GLN A . n 
A 1 61  ARG 61  61  61  ARG ARG A . n 
A 1 62  ILE 62  62  62  ILE ILE A . n 
A 1 63  CYS 63  63  63  CYS CYS A . n 
A 1 64  GLY 64  64  64  GLY GLY A . n 
A 1 65  VAL 65  65  65  VAL VAL A . n 
A 1 66  CYS 66  66  66  CYS CYS A . n 
A 1 67  PRO 67  67  67  PRO PRO A . n 
A 1 68  ILE 68  68  68  ILE ILE A . n 
A 1 69  PRO 69  69  69  PRO PRO A . n 
A 1 70  HIS 70  70  70  HIS HIS A . n 
A 1 71  THR 71  71  71  THR THR A . n 
A 1 72  LEU 72  72  72  LEU LEU A . n 
A 1 73  ALA 73  73  73  ALA ALA A . n 
A 1 74  SER 74  74  74  SER SER A . n 
A 1 75  VAL 75  75  75  VAL VAL A . n 
A 1 76  GLU 76  76  76  GLU GLU A . n 
A 1 77  ALA 77  77  77  ALA ALA A . n 
A 1 78  ILE 78  78  78  ILE ILE A . n 
A 1 79  ASP 79  79  79  ASP ASP A . n 
A 1 80  ASP 80  80  80  ASP ASP A . n 
A 1 81  SER 81  81  81  SER SER A . n 
A 1 82  LEU 82  82  82  LEU LEU A . n 
A 1 83  ASP 83  83  83  ASP ASP A . n 
A 1 84  ILE 84  84  84  ILE ILE A . n 
A 1 85  GLU 85  85  85  GLU GLU A . n 
A 1 86  VAL 86  86  86  VAL VAL A . n 
A 1 87  PRO 87  87  87  PRO PRO A . n 
A 1 88  LYS 88  88  88  LYS LYS A . n 
A 1 89  ALA 89  89  89  ALA ALA A . n 
A 1 90  GLY 90  90  90  GLY GLY A . n 
A 1 91  ARG 91  91  91  ARG ARG A . n 
A 1 92  LEU 92  92  92  LEU LEU A . n 
A 1 93  LEU 93  93  93  LEU LEU A . n 
A 1 94  ARG 94  94  94  ARG ARG A . n 
A 1 95  GLU 95  95  95  GLU GLU A . n 
A 1 96  LEU 96  96  96  LEU LEU A . n 
A 1 97  THR 97  97  97  THR THR A . n 
A 1 98  LEU 98  98  98  LEU LEU A . n 
A 1 99  ALA 99  99  99  ALA ALA A . n 
A 1 100 ALA 100 100 100 ALA ALA A . n 
A 1 101 HIS 101 101 101 HIS HIS A . n 
A 1 102 HIS 102 102 102 HIS HIS A . n 
A 1 103 VAL 103 103 103 VAL VAL A . n 
A 1 104 ASN 104 104 104 ASN ASN A . n 
A 1 105 SER 105 105 105 SER SER A . n 
A 1 106 HIS 106 106 106 HIS HIS A . n 
A 1 107 ALA 107 107 107 ALA ALA A . n 
A 1 108 ILE 108 108 108 ILE ILE A . n 
A 1 109 HIS 109 109 109 HIS HIS A . n 
A 1 110 HIS 110 110 110 HIS HIS A . n 
A 1 111 PHE 111 111 111 PHE PHE A . n 
A 1 112 LEU 112 112 112 LEU LEU A . n 
A 1 113 ILE 113 113 113 ILE ILE A . n 
A 1 114 ALA 114 114 114 ALA ALA A . n 
A 1 115 PRO 115 115 115 PRO PRO A . n 
A 1 116 ASP 116 116 116 ASP ASP A . n 
A 1 117 PHE 117 117 117 PHE PHE A . n 
A 1 118 VAL 118 118 118 VAL VAL A . n 
A 1 119 PRO 119 119 119 PRO PRO A . n 
A 1 120 GLU 120 120 120 GLU GLU A . n 
A 1 121 ASN 121 121 121 ASN ASN A . n 
A 1 122 LEU 122 122 122 LEU LEU A . n 
A 1 123 MET 123 123 123 MET MET A . n 
A 1 124 ALA 124 124 124 ALA ALA A . n 
A 1 125 ASP 125 125 125 ASP ASP A . n 
A 1 126 ALA 126 126 126 ALA ALA A . n 
A 1 127 ILE 127 127 127 ILE ILE A . n 
A 1 128 ASN 128 128 128 ASN ASN A . n 
A 1 129 SER 129 129 129 SER SER A . n 
A 1 130 VAL 130 130 130 VAL VAL A . n 
A 1 131 SER 131 131 131 SER SER A . n 
A 1 132 GLU 132 132 132 GLU GLU A . n 
A 1 133 ILE 133 133 133 ILE ILE A . n 
A 1 134 ARG 134 134 134 ARG ARG A . n 
A 1 135 LYS 135 135 135 LYS LYS A . n 
A 1 136 ASN 136 136 136 ASN ASN A . n 
A 1 137 ALA 137 137 137 ALA ALA A . n 
A 1 138 GLN 138 138 138 GLN GLN A . n 
A 1 139 TYR 139 139 139 TYR TYR A . n 
A 1 140 VAL 140 140 140 VAL VAL A . n 
A 1 141 VAL 141 141 141 VAL VAL A . n 
A 1 142 ASP 142 142 142 ASP ASP A . n 
A 1 143 MET 143 143 143 MET MET A . n 
A 1 144 VAL 144 144 144 VAL VAL A . n 
A 1 145 ALA 145 145 145 ALA ALA A . n 
A 1 146 GLY 146 146 146 GLY GLY A . n 
A 1 147 GLU 147 147 147 GLU GLU A . n 
A 1 148 GLY 148 148 148 GLY GLY A . n 
A 1 149 ILE 149 149 149 ILE ILE A . n 
A 1 150 HIS 150 150 150 HIS HIS A . n 
A 1 151 PRO 151 151 151 PRO PRO A . n 
A 1 152 SER 152 152 152 SER SER A . n 
A 1 153 ASP 153 153 153 ASP ASP A . n 
A 1 154 VAL 154 154 154 VAL VAL A . n 
A 1 155 ARG 155 155 155 ARG ARG A . n 
A 1 156 ILE 156 156 156 ILE ILE A . n 
A 1 157 GLY 157 157 157 GLY GLY A . n 
A 1 158 GLY 158 158 158 GLY GLY A . n 
A 1 159 MET 159 159 159 MET MET A . n 
A 1 160 ALA 160 160 160 ALA ALA A . n 
A 1 161 ASP 161 161 161 ASP ASP A . n 
A 1 162 ASN 162 162 162 ASN ASN A . n 
A 1 163 ILE 163 163 163 ILE ILE A . n 
A 1 164 THR 164 164 164 THR THR A . n 
A 1 165 GLU 165 165 165 GLU GLU A . n 
A 1 166 LEU 166 166 166 LEU LEU A . n 
A 1 167 ALA 167 167 167 ALA ALA A . n 
A 1 168 ARG 168 168 168 ARG ARG A . n 
A 1 169 LYS 169 169 169 LYS LYS A . n 
A 1 170 ARG 170 170 170 ARG ARG A . n 
A 1 171 LEU 171 171 171 LEU LEU A . n 
A 1 172 TYR 172 172 172 TYR TYR A . n 
A 1 173 ALA 173 173 173 ALA ALA A . n 
A 1 174 ARG 174 174 174 ARG ARG A . n 
A 1 175 LEU 175 175 175 LEU LEU A . n 
A 1 176 LYS 176 176 176 LYS LYS A . n 
A 1 177 GLN 177 177 177 GLN GLN A . n 
A 1 178 LEU 178 178 178 LEU LEU A . n 
A 1 179 LYS 179 179 179 LYS LYS A . n 
A 1 180 PRO 180 180 180 PRO PRO A . n 
A 1 181 LYS 181 181 181 LYS LYS A . n 
A 1 182 VAL 182 182 182 VAL VAL A . n 
A 1 183 ASN 183 183 183 ASN ASN A . n 
A 1 184 GLU 184 184 184 GLU GLU A . n 
A 1 185 HIS 185 185 185 HIS HIS A . n 
A 1 186 VAL 186 186 186 VAL VAL A . n 
A 1 187 GLU 187 187 187 GLU GLU A . n 
A 1 188 LEU 188 188 188 LEU LEU A . n 
A 1 189 MET 189 189 189 MET MET A . n 
A 1 190 ILE 190 190 190 ILE ILE A . n 
A 1 191 GLY 191 191 191 GLY GLY A . n 
A 1 192 LEU 192 192 192 LEU LEU A . n 
A 1 193 ILE 193 193 193 ILE ILE A . n 
A 1 194 GLU 194 194 194 GLU GLU A . n 
A 1 195 ASP 195 195 195 ASP ASP A . n 
A 1 196 LYS 196 196 196 LYS LYS A . n 
A 1 197 GLY 197 197 197 GLY GLY A . n 
A 1 198 LEU 198 198 198 LEU LEU A . n 
A 1 199 PRO 199 199 199 PRO PRO A . n 
A 1 200 GLU 200 200 200 GLU GLU A . n 
A 1 201 GLY 201 201 201 GLY GLY A . n 
A 1 202 LEU 202 202 202 LEU LEU A . n 
A 1 203 GLY 203 203 203 GLY GLY A . n 
A 1 204 VAL 204 204 204 VAL VAL A . n 
A 1 205 HIS 205 205 205 HIS HIS A . n 
A 1 206 ASN 206 206 206 ASN ASN A . n 
A 1 207 GLN 207 207 207 GLN GLN A . n 
A 1 208 PRO 208 208 208 PRO PRO A . n 
A 1 209 THR 209 209 209 THR THR A . n 
A 1 210 LEU 210 210 210 LEU LEU A . n 
A 1 211 ALA 211 211 211 ALA ALA A . n 
A 1 212 SER 212 212 212 SER SER A . n 
A 1 213 HIS 213 213 213 HIS HIS A . n 
A 1 214 GLN 214 214 214 GLN GLN A . n 
A 1 215 ILE 215 215 215 ILE ILE A . n 
A 1 216 TYR 216 216 216 TYR TYR A . n 
A 1 217 GLY 217 217 217 GLY GLY A . n 
A 1 218 ASP 218 218 218 ASP ASP A . n 
A 1 219 ARG 219 219 219 ARG ARG A . n 
A 1 220 THR 220 220 220 THR THR A . n 
A 1 221 LYS 221 221 221 LYS LYS A . n 
A 1 222 PHE 222 222 222 PHE PHE A . n 
A 1 223 ASP 223 223 223 ASP ASP A . n 
A 1 224 LEU 224 224 224 LEU LEU A . n 
A 1 225 ASP 225 225 225 ASP ASP A . n 
A 1 226 ARG 226 226 226 ARG ARG A . n 
A 1 227 PHE 227 227 227 PHE PHE A . n 
A 1 228 THR 228 228 228 THR THR A . n 
A 1 229 GLU 229 229 229 GLU GLU A . n 
A 1 230 ILE 230 230 230 ILE ILE A . n 
A 1 231 MET 231 231 231 MET MET A . n 
A 1 232 PRO 232 232 232 PRO PRO A . n 
A 1 233 GLU 233 233 233 GLU GLU A . n 
A 1 234 SER 234 234 234 SER SER A . n 
A 1 235 TRP 235 235 235 TRP TRP A . n 
A 1 236 TYR 236 236 236 TYR TYR A . n 
A 1 237 ASP 237 237 237 ASP ASP A . n 
A 1 238 ASP 238 238 238 ASP ASP A . n 
A 1 239 PRO 239 239 239 PRO PRO A . n 
A 1 240 GLU 240 240 240 GLU GLU A . n 
A 1 241 ILE 241 241 241 ILE ILE A . n 
A 1 242 ALA 242 242 242 ALA ALA A . n 
A 1 243 LYS 243 243 243 LYS LYS A . n 
A 1 244 ARG 244 244 244 ARG ARG A . n 
A 1 245 ALA 245 245 245 ALA ALA A . n 
A 1 246 CYS 246 246 246 CYS CYS A . n 
A 1 247 SER 247 247 247 SER SER A . n 
A 1 248 THR 248 248 248 THR THR A . n 
A 1 249 ILE 249 249 249 ILE ILE A . n 
A 1 250 PRO 250 250 250 PRO PRO A . n 
A 1 251 LEU 251 251 251 LEU LEU A . n 
A 1 252 TYR 252 252 252 TYR TYR A . n 
A 1 253 ASP 253 253 253 ASP ASP A . n 
A 1 254 GLY 254 254 254 GLY GLY A . n 
A 1 255 ARG 255 255 255 ARG ARG A . n 
A 1 256 ASN 256 256 256 ASN ASN A . n 
A 1 257 VAL 257 257 257 VAL VAL A . n 
A 1 258 GLU 258 258 258 GLU GLU A . n 
A 1 259 VAL 259 259 259 VAL VAL A . n 
A 1 260 GLY 260 260 260 GLY GLY A . n 
A 1 261 PRO 261 261 261 PRO PRO A . n 
A 1 262 ARG 262 262 262 ARG ARG A . n 
A 1 263 ALA 263 263 263 ALA ALA A . n 
A 1 264 ARG 264 264 264 ARG ARG A . n 
A 1 265 MET 265 265 265 MET MET A . n 
A 1 266 VAL 266 266 266 VAL VAL A . n 
A 1 267 GLU 267 267 267 GLU GLU A . n 
A 1 268 PHE 268 268 268 PHE PHE A . n 
A 1 269 GLN 269 269 269 GLN GLN A . n 
A 1 270 GLY 270 270 270 GLY GLY A . n 
A 1 271 PHE 271 271 271 PHE PHE A . n 
A 1 272 LYS 272 272 272 LYS LYS A . n 
A 1 273 GLU 273 273 273 GLU GLU A . n 
A 1 274 ARG 274 274 274 ARG ARG A . n 
A 1 275 GLY 275 275 275 GLY GLY A . n 
A 1 276 VAL 276 276 276 VAL VAL A . n 
A 1 277 VAL 277 277 277 VAL VAL A . n 
A 1 278 ALA 278 278 278 ALA ALA A . n 
A 1 279 GLN 279 279 279 GLN GLN A . n 
A 1 280 HIS 280 280 280 HIS HIS A . n 
A 1 281 VAL 281 281 281 VAL VAL A . n 
A 1 282 ALA 282 282 282 ALA ALA A . n 
A 1 283 ARG 283 283 283 ARG ARG A . n 
A 1 284 ALA 284 284 284 ALA ALA A . n 
A 1 285 LEU 285 285 285 LEU LEU A . n 
A 1 286 GLU 286 286 286 GLU GLU A . n 
A 1 287 MET 287 287 287 MET MET A . n 
A 1 288 LYS 288 288 288 LYS LYS A . n 
A 1 289 THR 289 289 289 THR THR A . n 
A 1 290 ALA 290 290 290 ALA ALA A . n 
A 1 291 LEU 291 291 291 LEU LEU A . n 
A 1 292 SER 292 292 292 SER SER A . n 
A 1 293 ARG 293 293 293 ARG ARG A . n 
A 1 294 ALA 294 294 294 ALA ALA A . n 
A 1 295 ILE 295 295 295 ILE ILE A . n 
A 1 296 GLU 296 296 296 GLU GLU A . n 
A 1 297 ILE 297 297 297 ILE ILE A . n 
A 1 298 LEU 298 298 298 LEU LEU A . n 
A 1 299 ASP 299 299 299 ASP ASP A . n 
A 1 300 GLU 300 300 300 GLU GLU A . n 
A 1 301 LEU 301 301 301 LEU LEU A . n 
A 1 302 ASP 302 302 302 ASP ASP A . n 
A 1 303 THR 303 303 303 THR THR A . n 
A 1 304 SER 304 304 304 SER SER A . n 
A 1 305 ALA 305 305 305 ALA ALA A . n 
A 1 306 PRO 306 306 306 PRO PRO A . n 
A 1 307 VAL 307 307 307 VAL VAL A . n 
A 1 308 ARG 308 308 308 ARG ARG A . n 
A 1 309 ALA 309 309 309 ALA ALA A . n 
A 1 310 ASP 310 310 310 ASP ASP A . n 
A 1 311 PHE 311 311 311 PHE PHE A . n 
A 1 312 ASP 312 312 312 ASP ASP A . n 
A 1 313 GLU 313 313 313 GLU GLU A . n 
A 1 314 ARG 314 314 314 ARG ARG A . n 
A 1 315 GLY 315 315 315 GLY GLY A . n 
A 1 316 THR 316 316 316 THR THR A . n 
A 1 317 GLY 317 317 317 GLY GLY A . n 
A 1 318 LYS 318 318 318 LYS LYS A . n 
A 1 319 LEU 319 319 319 LEU LEU A . n 
A 1 320 GLY 320 320 320 GLY GLY A . n 
A 1 321 ILE 321 321 321 ILE ILE A . n 
A 1 322 GLY 322 322 322 GLY GLY A . n 
A 1 323 ALA 323 323 323 ALA ALA A . n 
A 1 324 ILE 324 324 324 ILE ILE A . n 
A 1 325 GLU 325 325 325 GLU GLU A . n 
A 1 326 ALA 326 326 326 ALA ALA A . n 
A 1 327 PRO 327 327 327 PRO PRO A . n 
A 1 328 ARG 328 328 328 ARG ARG A . n 
A 1 329 GLY 329 329 329 GLY GLY A . n 
A 1 330 LEU 330 330 330 LEU LEU A . n 
A 1 331 ASP 331 331 331 ASP ASP A . n 
A 1 332 VAL 332 332 332 VAL VAL A . n 
A 1 333 HIS 333 333 333 HIS HIS A . n 
A 1 334 MET 334 334 334 MET MET A . n 
A 1 335 ALA 335 335 335 ALA ALA A . n 
A 1 336 LYS 336 336 336 LYS LYS A . n 
A 1 337 VAL 337 337 337 VAL VAL A . n 
A 1 338 GLU 338 338 338 GLU GLU A . n 
A 1 339 ASN 339 339 339 ASN ASN A . n 
A 1 340 GLY 340 340 340 GLY GLY A . n 
A 1 341 LYS 341 341 341 LYS LYS A . n 
A 1 342 ILE 342 342 342 ILE ILE A . n 
A 1 343 GLN 343 343 343 GLN GLN A . n 
A 1 344 PHE 344 344 344 PHE PHE A . n 
A 1 345 TYR 345 345 345 TYR TYR A . n 
A 1 346 SER 346 346 346 SER SER A . n 
A 1 347 ALA 347 347 347 ALA ALA A . n 
A 1 348 LEU 348 348 348 LEU LEU A . n 
A 1 349 VAL 349 349 349 VAL VAL A . n 
A 1 350 PRO 350 350 350 PRO PRO A . n 
A 1 351 THR 351 351 351 THR THR A . n 
A 1 352 THR 352 352 352 THR THR A . n 
A 1 353 TRP 353 353 353 TRP TRP A . n 
A 1 354 ASN 354 354 354 ASN ASN A . n 
A 1 355 ILE 355 355 355 ILE ILE A . n 
A 1 356 PRO 356 356 356 PRO PRO A . n 
A 1 357 THR 357 357 357 THR THR A . n 
A 1 358 MET 358 358 358 MET MET A . n 
A 1 359 GLY 359 359 359 GLY GLY A . n 
A 1 360 PRO 360 360 360 PRO PRO A . n 
A 1 361 ALA 361 361 361 ALA ALA A . n 
A 1 362 THR 362 362 362 THR THR A . n 
A 1 363 GLU 363 363 363 GLU GLU A . n 
A 1 364 GLY 364 364 364 GLY GLY A . n 
A 1 365 PHE 365 365 365 PHE PHE A . n 
A 1 366 HIS 366 366 366 HIS HIS A . n 
A 1 367 HIS 367 367 367 HIS HIS A . n 
A 1 368 GLU 368 368 368 GLU GLU A . n 
A 1 369 TYR 369 369 369 TYR TYR A . n 
A 1 370 GLY 370 370 370 GLY GLY A . n 
A 1 371 PRO 371 371 371 PRO PRO A . n 
A 1 372 HIS 372 372 372 HIS HIS A . n 
A 1 373 VAL 373 373 373 VAL VAL A . n 
A 1 374 ILE 374 374 374 ILE ILE A . n 
A 1 375 ARG 375 375 375 ARG ARG A . n 
A 1 376 ALA 376 376 376 ALA ALA A . n 
A 1 377 TYR 377 377 377 TYR TYR A . n 
A 1 378 ASP 378 378 378 ASP ASP A . n 
A 1 379 PRO 379 379 379 PRO PRO A . n 
A 1 380 CYS 380 380 380 CYS CYS A . n 
A 1 381 LEU 381 381 381 LEU LEU A . n 
A 1 382 SER 382 382 382 SER SER A . n 
A 1 383 CYS 383 383 383 CYS CYS A . n 
A 1 384 ALA 384 384 384 ALA ALA A . n 
A 1 385 THR 385 385 385 THR THR A . n 
A 1 386 HIS 386 386 386 HIS HIS A . n 
A 1 387 VAL 387 387 ?   ?   ?   A . n 
A 1 388 MET 388 388 ?   ?   ?   A . n 
A 1 389 VAL 389 389 ?   ?   ?   A . n 
A 1 390 VAL 390 390 ?   ?   ?   A . n 
A 1 391 ASP 391 391 ?   ?   ?   A . n 
A 1 392 ASP 392 392 ?   ?   ?   A . n 
A 1 393 GLU 393 393 ?   ?   ?   A . n 
A 1 394 ASP 394 394 ?   ?   ?   A . n 
A 1 395 LYS 395 395 ?   ?   ?   A . n 
A 1 396 SER 396 396 ?   ?   ?   A . n 
A 1 397 VAL 397 397 ?   ?   ?   A . n 
A 1 398 ILE 398 398 ?   ?   ?   A . n 
A 1 399 LYS 399 399 ?   ?   ?   A . n 
A 1 400 ASN 400 400 ?   ?   ?   A . n 
A 1 401 GLU 401 401 ?   ?   ?   A . n 
A 1 402 MET 402 402 ?   ?   ?   A . n 
A 1 403 VAL 403 403 ?   ?   ?   A . n 
A 1 404 LYS 404 404 ?   ?   ?   A . n 
A 1 405 ILE 405 405 ?   ?   ?   A . n 
B 2 1   MET 1   1   ?   ?   ?   B . n 
B 2 2   SER 2   2   ?   ?   ?   B . n 
B 2 3   LEU 3   3   ?   ?   ?   B . n 
B 2 4   ILE 4   4   ?   ?   ?   B . n 
B 2 5   ALA 5   5   ?   ?   ?   B . n 
B 2 6   ARG 6   6   ?   ?   ?   B . n 
B 2 7   ILE 7   7   ?   ?   ?   B . n 
B 2 8   LYS 8   8   ?   ?   ?   B . n 
B 2 9   ARG 9   9   ?   ?   ?   B . n 
B 2 10  PHE 10  10  ?   ?   ?   B . n 
B 2 11  LEU 11  11  ?   ?   ?   B . n 
B 2 12  GLY 12  12  ?   ?   ?   B . n 
B 2 13  LEU 13  13  ?   ?   ?   B . n 
B 2 14  GLU 14  14  ?   ?   ?   B . n 
B 2 15  ALA 15  15  ?   ?   ?   B . n 
B 2 16  GLU 16  16  ?   ?   ?   B . n 
B 2 17  ALA 17  17  ?   ?   ?   B . n 
B 2 18  LYS 18  18  ?   ?   ?   B . n 
B 2 19  ARG 19  19  ?   ?   ?   B . n 
B 2 20  GLU 20  20  ?   ?   ?   B . n 
B 2 21  GLU 21  21  ?   ?   ?   B . n 
B 2 22  PRO 22  22  ?   ?   ?   B . n 
B 2 23  GLU 23  23  ?   ?   ?   B . n 
B 2 24  LYS 24  24  ?   ?   ?   B . n 
B 2 25  GLU 25  25  ?   ?   ?   B . n 
B 2 26  LYS 26  26  ?   ?   ?   B . n 
B 2 27  SER 27  27  ?   ?   ?   B . n 
B 2 28  GLU 28  28  ?   ?   ?   B . n 
B 2 29  PRO 29  29  ?   ?   ?   B . n 
B 2 30  VAL 30  30  ?   ?   ?   B . n 
B 2 31  GLY 31  31  ?   ?   ?   B . n 
B 2 32  ALA 32  32  ?   ?   ?   B . n 
B 2 33  SER 33  33  ?   ?   ?   B . n 
B 2 34  LYS 34  34  ?   ?   ?   B . n 
B 2 35  GLU 35  35  ?   ?   ?   B . n 
B 2 36  GLU 36  36  ?   ?   ?   B . n 
B 2 37  VAL 37  37  ?   ?   ?   B . n 
B 2 38  GLU 38  38  ?   ?   ?   B . n 
B 2 39  LYS 39  39  ?   ?   ?   B . n 
B 2 40  VAL 40  40  ?   ?   ?   B . n 
B 2 41  ALA 41  41  ?   ?   ?   B . n 
B 2 42  GLU 42  42  ?   ?   ?   B . n 
B 2 43  GLU 43  43  ?   ?   ?   B . n 
B 2 44  ASN 44  44  ?   ?   ?   B . n 
B 2 45  ALA 45  45  ?   ?   ?   B . n 
B 2 46  LYS 46  46  46  LYS LYS B . n 
B 2 47  PRO 47  47  47  PRO PRO B . n 
B 2 48  ARG 48  48  48  ARG ARG B . n 
B 2 49  ILE 49  49  49  ILE ILE B . n 
B 2 50  GLY 50  50  50  GLY GLY B . n 
B 2 51  TYR 51  51  51  TYR TYR B . n 
B 2 52  ILE 52  52  52  ILE ILE B . n 
B 2 53  HIS 53  53  53  HIS HIS B . n 
B 2 54  LEU 54  54  54  LEU LEU B . n 
B 2 55  SER 55  55  55  SER SER B . n 
B 2 56  GLY 56  56  56  GLY GLY B . n 
B 2 57  CYS 57  57  57  CYS CYS B . n 
B 2 58  THR 58  58  58  THR THR B . n 
B 2 59  GLY 59  59  59  GLY GLY B . n 
B 2 60  ASP 60  60  60  ASP ASP B . n 
B 2 61  ALA 61  61  61  ALA ALA B . n 
B 2 62  MET 62  62  62  MET MET B . n 
B 2 63  SER 63  63  63  SER SER B . n 
B 2 64  LEU 64  64  64  LEU LEU B . n 
B 2 65  THR 65  65  65  THR THR B . n 
B 2 66  GLU 66  66  66  GLU GLU B . n 
B 2 67  ASN 67  67  67  ASN ASN B . n 
B 2 68  TYR 68  68  68  TYR TYR B . n 
B 2 69  ASP 69  69  69  ASP ASP B . n 
B 2 70  ILE 70  70  70  ILE ILE B . n 
B 2 71  LEU 71  71  71  LEU LEU B . n 
B 2 72  ALA 72  72  72  ALA ALA B . n 
B 2 73  GLU 73  73  73  GLU GLU B . n 
B 2 74  LEU 74  74  74  LEU LEU B . n 
B 2 75  LEU 75  75  75  LEU LEU B . n 
B 2 76  THR 76  76  76  THR THR B . n 
B 2 77  ASN 77  77  77  ASN ASN B . n 
B 2 78  MET 78  78  78  MET MET B . n 
B 2 79  VAL 79  79  79  VAL VAL B . n 
B 2 80  ASP 80  80  80  ASP ASP B . n 
B 2 81  ILE 81  81  81  ILE ILE B . n 
B 2 82  VAL 82  82  82  VAL VAL B . n 
B 2 83  TYR 83  83  83  TYR TYR B . n 
B 2 84  GLY 84  84  84  GLY GLY B . n 
B 2 85  GLN 85  85  85  GLN GLN B . n 
B 2 86  THR 86  86  86  THR THR B . n 
B 2 87  LEU 87  87  87  LEU LEU B . n 
B 2 88  VAL 88  88  88  VAL VAL B . n 
B 2 89  ASP 89  89  89  ASP ASP B . n 
B 2 90  LEU 90  90  90  LEU LEU B . n 
B 2 91  TRP 91  91  91  TRP TRP B . n 
B 2 92  GLU 92  92  92  GLU GLU B . n 
B 2 93  MET 93  93  93  MET MET B . n 
B 2 94  PRO 94  94  94  PRO PRO B . n 
B 2 95  GLU 95  95  95  GLU GLU B . n 
B 2 96  MET 96  96  96  MET MET B . n 
B 2 97  ASP 97  97  97  ASP ASP B . n 
B 2 98  LEU 98  98  98  LEU LEU B . n 
B 2 99  ALA 99  99  99  ALA ALA B . n 
B 2 100 LEU 100 100 100 LEU LEU B . n 
B 2 101 VAL 101 101 101 VAL VAL B . n 
B 2 102 GLU 102 102 102 GLU GLU B . n 
B 2 103 GLY 103 103 103 GLY GLY B . n 
B 2 104 SER 104 104 104 SER SER B . n 
B 2 105 VAL 105 105 105 VAL VAL B . n 
B 2 106 CYS 106 106 106 CYS CYS B . n 
B 2 107 LEU 107 107 107 LEU LEU B . n 
B 2 108 GLN 108 108 108 GLN GLN B . n 
B 2 109 ASP 109 109 109 ASP ASP B . n 
B 2 110 GLU 110 110 110 GLU GLU B . n 
B 2 111 HIS 111 111 111 HIS HIS B . n 
B 2 112 SER 112 112 112 SER SER B . n 
B 2 113 LEU 113 113 113 LEU LEU B . n 
B 2 114 HIS 114 114 114 HIS HIS B . n 
B 2 115 GLU 115 115 115 GLU GLU B . n 
B 2 116 LEU 116 116 116 LEU LEU B . n 
B 2 117 LYS 117 117 117 LYS LYS B . n 
B 2 118 GLU 118 118 118 GLU GLU B . n 
B 2 119 LEU 119 119 119 LEU LEU B . n 
B 2 120 ARG 120 120 120 ARG ARG B . n 
B 2 121 GLU 121 121 121 GLU GLU B . n 
B 2 122 LYS 122 122 122 LYS LYS B . n 
B 2 123 ALA 123 123 123 ALA ALA B . n 
B 2 124 LYS 124 124 124 LYS LYS B . n 
B 2 125 LEU 125 125 125 LEU LEU B . n 
B 2 126 VAL 126 126 126 VAL VAL B . n 
B 2 127 CYS 127 127 127 CYS CYS B . n 
B 2 128 ALA 128 128 128 ALA ALA B . n 
B 2 129 PHE 129 129 129 PHE PHE B . n 
B 2 130 GLY 130 130 130 GLY GLY B . n 
B 2 131 SER 131 131 131 SER SER B . n 
B 2 132 CYS 132 132 132 CYS CYS B . n 
B 2 133 ALA 133 133 133 ALA ALA B . n 
B 2 134 ALA 134 134 134 ALA ALA B . n 
B 2 135 THR 135 135 135 THR THR B . n 
B 2 136 GLY 136 136 136 GLY GLY B . n 
B 2 137 CYS 137 137 137 CYS CYS B . n 
B 2 138 PHE 138 138 138 PHE PHE B . n 
B 2 139 THR 139 139 139 THR THR B . n 
B 2 140 ARG 140 140 140 ARG ARG B . n 
B 2 141 TYR 141 141 141 TYR TYR B . n 
B 2 142 SER 142 142 142 SER SER B . n 
B 2 143 ARG 143 143 143 ARG ARG B . n 
B 2 144 GLY 144 144 144 GLY GLY B . n 
B 2 145 GLY 145 145 145 GLY GLY B . n 
B 2 146 GLN 146 146 146 GLN GLN B . n 
B 2 147 GLN 147 147 147 GLN GLN B . n 
B 2 148 ALA 148 148 148 ALA ALA B . n 
B 2 149 GLN 149 149 149 GLN GLN B . n 
B 2 150 PRO 150 150 150 PRO PRO B . n 
B 2 151 SER 151 151 151 SER SER B . n 
B 2 152 HIS 152 152 152 HIS HIS B . n 
B 2 153 GLU 153 153 153 GLU GLU B . n 
B 2 154 SER 154 154 154 SER SER B . n 
B 2 155 PHE 155 155 155 PHE PHE B . n 
B 2 156 VAL 156 156 156 VAL VAL B . n 
B 2 157 PRO 157 157 157 PRO PRO B . n 
B 2 158 ILE 158 158 158 ILE ILE B . n 
B 2 159 ALA 159 159 159 ALA ALA B . n 
B 2 160 ASP 160 160 160 ASP ASP B . n 
B 2 161 LEU 161 161 161 LEU LEU B . n 
B 2 162 ILE 162 162 162 ILE ILE B . n 
B 2 163 ASP 163 163 163 ASP ASP B . n 
B 2 164 VAL 164 164 164 VAL VAL B . n 
B 2 165 ASP 165 165 165 ASP ASP B . n 
B 2 166 LEU 166 166 166 LEU LEU B . n 
B 2 167 ALA 167 167 167 ALA ALA B . n 
B 2 168 LEU 168 168 168 LEU LEU B . n 
B 2 169 PRO 169 169 169 PRO PRO B . n 
B 2 170 GLY 170 170 170 GLY GLY B . n 
B 2 171 CYS 171 171 171 CYS CYS B . n 
B 2 172 PRO 172 172 172 PRO PRO B . n 
B 2 173 PRO 173 173 173 PRO PRO B . n 
B 2 174 SER 174 174 174 SER SER B . n 
B 2 175 PRO 175 175 175 PRO PRO B . n 
B 2 176 GLU 176 176 176 GLU GLU B . n 
B 2 177 ILE 177 177 177 ILE ILE B . n 
B 2 178 ILE 178 178 178 ILE ILE B . n 
B 2 179 ALA 179 179 179 ALA ALA B . n 
B 2 180 LYS 180 180 180 LYS LYS B . n 
B 2 181 THR 181 181 181 THR THR B . n 
B 2 182 VAL 182 182 182 VAL VAL B . n 
B 2 183 VAL 183 183 183 VAL VAL B . n 
B 2 184 ALA 184 184 184 ALA ALA B . n 
B 2 185 LEU 185 185 185 LEU LEU B . n 
B 2 186 LEU 186 186 186 LEU LEU B . n 
B 2 187 ASN 187 187 187 ASN ASN B . n 
B 2 188 ASN 188 188 ?   ?   ?   B . n 
B 2 189 ASP 189 189 ?   ?   ?   B . n 
B 2 190 MET 190 190 ?   ?   ?   B . n 
B 2 191 ASP 191 191 ?   ?   ?   B . n 
B 2 192 TYR 192 192 ?   ?   ?   B . n 
B 2 193 LEU 193 193 ?   ?   ?   B . n 
B 2 194 GLN 194 194 ?   ?   ?   B . n 
B 2 195 PRO 195 195 ?   ?   ?   B . n 
B 2 196 MET 196 196 ?   ?   ?   B . n 
B 2 197 LEU 197 197 ?   ?   ?   B . n 
B 2 198 ASP 198 198 ?   ?   ?   B . n 
B 2 199 LEU 199 199 ?   ?   ?   B . n 
B 2 200 ALA 200 200 200 ALA ALA B . n 
B 2 201 GLY 201 201 201 GLY GLY B . n 
B 2 202 TYR 202 202 202 TYR TYR B . n 
B 2 203 THR 203 203 203 THR THR B . n 
B 2 204 GLU 204 204 204 GLU GLU B . n 
B 2 205 ALA 205 205 205 ALA ALA B . n 
B 2 206 CYS 206 206 206 CYS CYS B . n 
B 2 207 GLY 207 207 207 GLY GLY B . n 
B 2 208 CYS 208 208 208 CYS CYS B . n 
B 2 209 ASP 209 209 209 ASP ASP B . n 
B 2 210 LEU 210 210 210 LEU LEU B . n 
B 2 211 GLN 211 211 211 GLN GLN B . n 
B 2 212 THR 212 212 212 THR THR B . n 
B 2 213 LYS 213 213 213 LYS LYS B . n 
B 2 214 VAL 214 214 214 VAL VAL B . n 
B 2 215 VAL 215 215 215 VAL VAL B . n 
B 2 216 ASN 216 216 216 ASN ASN B . n 
B 2 217 GLN 217 217 217 GLN GLN B . n 
B 2 218 GLY 218 218 218 GLY GLY B . n 
B 2 219 LEU 219 219 219 LEU LEU B . n 
B 2 220 CYS 220 220 220 CYS CYS B . n 
B 2 221 ILE 221 221 221 ILE ILE B . n 
B 2 222 GLY 222 222 222 GLY GLY B . n 
B 2 223 CYS 223 223 223 CYS CYS B . n 
B 2 224 GLY 224 224 224 GLY GLY B . n 
B 2 225 THR 225 225 225 THR THR B . n 
B 2 226 CYS 226 226 226 CYS CYS B . n 
B 2 227 ALA 227 227 227 ALA ALA B . n 
B 2 228 MET 228 228 228 MET MET B . n 
B 2 229 ALA 229 229 229 ALA ALA B . n 
B 2 230 CYS 230 230 230 CYS CYS B . n 
B 2 231 GLN 231 231 231 GLN GLN B . n 
B 2 232 THR 232 232 232 THR THR B . n 
B 2 233 ARG 233 233 233 ARG ARG B . n 
B 2 234 ALA 234 234 234 ALA ALA B . n 
B 2 235 LEU 235 235 235 LEU LEU B . n 
B 2 236 ASP 236 236 236 ASP ASP B . n 
B 2 237 MET 237 237 237 MET MET B . n 
B 2 238 THR 238 238 238 THR THR B . n 
B 2 239 ASN 239 239 239 ASN ASN B . n 
B 2 240 GLY 240 240 240 GLY GLY B . n 
B 2 241 ARG 241 241 241 ARG ARG B . n 
B 2 242 PRO 242 242 242 PRO PRO B . n 
B 2 243 GLU 243 243 243 GLU GLU B . n 
B 2 244 LEU 244 244 244 LEU LEU B . n 
B 2 245 ASN 245 245 245 ASN ASN B . n 
B 2 246 SER 246 246 246 SER SER B . n 
B 2 247 ASP 247 247 247 ASP ASP B . n 
B 2 248 ARG 248 248 248 ARG ARG B . n 
B 2 249 CYS 249 249 249 CYS CYS B . n 
B 2 250 ILE 250 250 250 ILE ILE B . n 
B 2 251 LYS 251 251 251 LYS LYS B . n 
B 2 252 CYS 252 252 252 CYS CYS B . n 
B 2 253 GLY 253 253 253 GLY GLY B . n 
B 2 254 ILE 254 254 254 ILE ILE B . n 
B 2 255 CYS 255 255 255 CYS CYS B . n 
B 2 256 TYR 256 256 256 TYR TYR B . n 
B 2 257 VAL 257 257 257 VAL VAL B . n 
B 2 258 GLN 258 258 258 GLN GLN B . n 
B 2 259 CYS 259 259 259 CYS CYS B . n 
B 2 260 PRO 260 260 260 PRO PRO B . n 
B 2 261 ARG 261 261 261 ARG ARG B . n 
B 2 262 SER 262 262 262 SER SER B . n 
B 2 263 TRP 263 263 263 TRP TRP B . n 
B 2 264 TRP 264 264 264 TRP TRP B . n 
B 2 265 PRO 265 265 265 PRO PRO B . n 
B 2 266 GLU 266 266 266 GLU GLU B . n 
B 2 267 GLU 267 267 267 GLU GLU B . n 
B 2 268 GLN 268 268 268 GLN GLN B . n 
B 2 269 ILE 269 269 269 ILE ILE B . n 
B 2 270 LYS 270 270 270 LYS LYS B . n 
B 2 271 LYS 271 271 271 LYS LYS B . n 
B 2 272 GLU 272 272 272 GLU GLU B . n 
B 2 273 LEU 273 273 ?   ?   ?   B . n 
B 2 274 GLY 274 274 ?   ?   ?   B . n 
B 2 275 LEU 275 275 ?   ?   ?   B . n 
C 3 1   MET 1   1   ?   ?   ?   C . n 
C 3 2   VAL 2   2   ?   ?   ?   C . n 
C 3 3   LEU 3   3   3   LEU LEU C . n 
C 3 4   GLY 4   4   4   GLY GLY C . n 
C 3 5   THR 5   5   5   THR THR C . n 
C 3 6   TYR 6   6   6   TYR TYR C . n 
C 3 7   LYS 7   7   7   LYS LYS C . n 
C 3 8   GLU 8   8   8   GLU GLU C . n 
C 3 9   ILE 9   9   9   ILE ILE C . n 
C 3 10  VAL 10  10  10  VAL VAL C . n 
C 3 11  SER 11  11  11  SER SER C . n 
C 3 12  ALA 12  12  12  ALA ALA C . n 
C 3 13  ARG 13  13  13  ARG ARG C . n 
C 3 14  SER 14  14  14  SER SER C . n 
C 3 15  THR 15  15  15  THR THR C . n 
C 3 16  ASP 16  16  16  ASP ASP C . n 
C 3 17  ARG 17  17  17  ARG ARG C . n 
C 3 18  GLU 18  18  18  GLU GLU C . n 
C 3 19  ILE 19  19  19  ILE ILE C . n 
C 3 20  GLN 20  20  20  GLN GLN C . n 
C 3 21  LYS 21  21  21  LYS LYS C . n 
C 3 22  LEU 22  22  22  LEU LEU C . n 
C 3 23  ALA 23  23  23  ALA ALA C . n 
C 3 24  GLN 24  24  24  GLN GLN C . n 
C 3 25  ASP 25  25  25  ASP ASP C . n 
C 3 26  GLY 26  26  26  GLY GLY C . n 
C 3 27  GLY 27  27  27  GLY GLY C . n 
C 3 28  ILE 28  28  28  ILE ILE C . n 
C 3 29  VAL 29  29  29  VAL VAL C . n 
C 3 30  THR 30  30  30  THR THR C . n 
C 3 31  GLY 31  31  31  GLY GLY C . n 
C 3 32  LEU 32  32  32  LEU LEU C . n 
C 3 33  LEU 33  33  33  LEU LEU C . n 
C 3 34  ALA 34  34  34  ALA ALA C . n 
C 3 35  TYR 35  35  35  TYR TYR C . n 
C 3 36  ALA 36  36  36  ALA ALA C . n 
C 3 37  LEU 37  37  37  LEU LEU C . n 
C 3 38  ASP 38  38  38  ASP ASP C . n 
C 3 39  GLU 39  39  39  GLU GLU C . n 
C 3 40  GLY 40  40  40  GLY GLY C . n 
C 3 41  ILE 41  41  41  ILE ILE C . n 
C 3 42  ILE 42  42  42  ILE ILE C . n 
C 3 43  GLU 43  43  43  GLU GLU C . n 
C 3 44  GLY 44  44  44  GLY GLY C . n 
C 3 45  ALA 45  45  45  ALA ALA C . n 
C 3 46  VAL 46  46  46  VAL VAL C . n 
C 3 47  VAL 47  47  47  VAL VAL C . n 
C 3 48  ALA 48  48  48  ALA ALA C . n 
C 3 49  GLY 49  49  49  GLY GLY C . n 
C 3 50  PRO 50  50  50  PRO PRO C . n 
C 3 51  GLY 51  51  51  GLY GLY C . n 
C 3 52  GLU 52  52  52  GLU GLU C . n 
C 3 53  GLU 53  53  53  GLU GLU C . n 
C 3 54  PHE 54  54  54  PHE PHE C . n 
C 3 55  TRP 55  55  55  TRP TRP C . n 
C 3 56  LYS 56  56  56  LYS LYS C . n 
C 3 57  PRO 57  57  57  PRO PRO C . n 
C 3 58  GLN 58  58  58  GLN GLN C . n 
C 3 59  PRO 59  59  59  PRO PRO C . n 
C 3 60  MET 60  60  60  MET MET C . n 
C 3 61  VAL 61  61  61  VAL VAL C . n 
C 3 62  ALA 62  62  62  ALA ALA C . n 
C 3 63  MET 63  63  63  MET MET C . n 
C 3 64  SER 64  64  64  SER SER C . n 
C 3 65  SER 65  65  65  SER SER C . n 
C 3 66  ASP 66  66  66  ASP ASP C . n 
C 3 67  GLU 67  67  67  GLU GLU C . n 
C 3 68  LEU 68  68  68  LEU LEU C . n 
C 3 69  LYS 69  69  69  LYS LYS C . n 
C 3 70  ALA 70  70  70  ALA ALA C . n 
C 3 71  ALA 71  71  71  ALA ALA C . n 
C 3 72  ALA 72  72  72  ALA ALA C . n 
C 3 73  GLY 73  73  73  GLY GLY C . n 
C 3 74  THR 74  74  74  THR THR C . n 
C 3 75  LYS 75  75  75  LYS LYS C . n 
C 3 76  TYR 76  76  76  TYR TYR C . n 
C 3 77  THR 77  77  77  THR THR C . n 
C 3 78  PHE 78  78  78  PHE PHE C . n 
C 3 79  SER 79  79  79  SER SER C . n 
C 3 80  PRO 80  80  80  PRO PRO C . n 
C 3 81  ASN 81  81  81  ASN ASN C . n 
C 3 82  VAL 82  82  82  VAL VAL C . n 
C 3 83  MET 83  83  83  MET MET C . n 
C 3 84  MET 84  84  84  MET MET C . n 
C 3 85  LEU 85  85  85  LEU LEU C . n 
C 3 86  LYS 86  86  86  LYS LYS C . n 
C 3 87  LYS 87  87  87  LYS LYS C . n 
C 3 88  ALA 88  88  88  ALA ALA C . n 
C 3 89  VAL 89  89  89  VAL VAL C . n 
C 3 90  ARG 90  90  90  ARG ARG C . n 
C 3 91  GLN 91  91  91  GLN GLN C . n 
C 3 92  TYR 92  92  92  TYR TYR C . n 
C 3 93  GLY 93  93  93  GLY GLY C . n 
C 3 94  ILE 94  94  94  ILE ILE C . n 
C 3 95  GLU 95  95  95  GLU GLU C . n 
C 3 96  LYS 96  96  96  LYS LYS C . n 
C 3 97  LEU 97  97  97  LEU LEU C . n 
C 3 98  GLY 98  98  98  GLY GLY C . n 
C 3 99  THR 99  99  99  THR THR C . n 
C 3 100 VAL 100 100 100 VAL VAL C . n 
C 3 101 ALA 101 101 101 ALA ALA C . n 
C 3 102 ILE 102 102 102 ILE ILE C . n 
C 3 103 PRO 103 103 103 PRO PRO C . n 
C 3 104 CYS 104 104 104 CYS CYS C . n 
C 3 105 GLN 105 105 105 GLN GLN C . n 
C 3 106 THR 106 106 106 THR THR C . n 
C 3 107 MET 107 107 107 MET MET C . n 
C 3 108 GLY 108 108 108 GLY GLY C . n 
C 3 109 ILE 109 109 109 ILE ILE C . n 
C 3 110 ARG 110 110 110 ARG ARG C . n 
C 3 111 LYS 111 111 111 LYS LYS C . n 
C 3 112 MET 112 112 112 MET MET C . n 
C 3 113 GLN 113 113 113 GLN GLN C . n 
C 3 114 THR 114 114 114 THR THR C . n 
C 3 115 TYR 115 115 115 TYR TYR C . n 
C 3 116 PRO 116 116 116 PRO PRO C . n 
C 3 117 PHE 117 117 117 PHE PHE C . n 
C 3 118 GLY 118 118 118 GLY GLY C . n 
C 3 119 VAL 119 119 119 VAL VAL C . n 
C 3 120 ARG 120 120 120 ARG ARG C . n 
C 3 121 PHE 121 121 121 PHE PHE C . n 
C 3 122 LEU 122 122 122 LEU LEU C . n 
C 3 123 ALA 123 123 123 ALA ALA C . n 
C 3 124 ASP 124 124 124 ASP ASP C . n 
C 3 125 LYS 125 125 125 LYS LYS C . n 
C 3 126 ILE 126 126 126 ILE ILE C . n 
C 3 127 LYS 127 127 127 LYS LYS C . n 
C 3 128 LEU 128 128 128 LEU LEU C . n 
C 3 129 LEU 129 129 129 LEU LEU C . n 
C 3 130 VAL 130 130 130 VAL VAL C . n 
C 3 131 GLY 131 131 131 GLY GLY C . n 
C 3 132 ILE 132 132 132 ILE ILE C . n 
C 3 133 TYR 133 133 133 TYR TYR C . n 
C 3 134 CYS 134 134 134 CYS CYS C . n 
C 3 135 MET 135 135 135 MET MET C . n 
C 3 136 GLU 136 136 136 GLU GLU C . n 
C 3 137 ASN 137 137 137 ASN ASN C . n 
C 3 138 PHE 138 138 138 PHE PHE C . n 
C 3 139 PRO 139 139 139 PRO PRO C . n 
C 3 140 TYR 140 140 140 TYR TYR C . n 
C 3 141 THR 141 141 141 THR THR C . n 
C 3 142 SER 142 142 142 SER SER C . n 
C 3 143 LEU 143 143 143 LEU LEU C . n 
C 3 144 GLN 144 144 144 GLN GLN C . n 
C 3 145 THR 145 145 145 THR THR C . n 
C 3 146 PHE 146 146 146 PHE PHE C . n 
C 3 147 ILE 147 147 147 ILE ILE C . n 
C 3 148 CYS 148 148 148 CYS CYS C . n 
C 3 149 GLU 149 149 149 GLU GLU C . n 
C 3 150 LYS 150 150 150 LYS LYS C . n 
C 3 151 LEU 151 151 151 LEU LEU C . n 
C 3 152 GLY 152 152 152 GLY GLY C . n 
C 3 153 VAL 153 153 153 VAL VAL C . n 
C 3 154 SER 154 154 154 SER SER C . n 
C 3 155 MET 155 155 155 MET MET C . n 
C 3 156 GLU 156 156 156 GLU GLU C . n 
C 3 157 LEU 157 157 157 LEU LEU C . n 
C 3 158 VAL 158 158 158 VAL VAL C . n 
C 3 159 GLU 159 159 159 GLU GLU C . n 
C 3 160 LYS 160 160 160 LYS LYS C . n 
C 3 161 MET 161 161 161 MET MET C . n 
C 3 162 ASP 162 162 162 ASP ASP C . n 
C 3 163 ILE 163 163 163 ILE ILE C . n 
C 3 164 GLY 164 164 164 GLY GLY C . n 
C 3 165 LYS 165 165 165 LYS LYS C . n 
C 3 166 GLY 166 166 166 GLY GLY C . n 
C 3 167 LYS 167 167 167 LYS LYS C . n 
C 3 168 PHE 168 168 168 PHE PHE C . n 
C 3 169 TRP 169 169 169 TRP TRP C . n 
C 3 170 VAL 170 170 170 VAL VAL C . n 
C 3 171 TYR 171 171 171 TYR TYR C . n 
C 3 172 THR 172 172 172 THR THR C . n 
C 3 173 GLN 173 173 173 GLN GLN C . n 
C 3 174 ASP 174 174 174 ASP ASP C . n 
C 3 175 ASP 175 175 175 ASP ASP C . n 
C 3 176 VAL 176 176 176 VAL VAL C . n 
C 3 177 LEU 177 177 177 LEU LEU C . n 
C 3 178 THR 178 178 178 THR THR C . n 
C 3 179 LEU 179 179 179 LEU LEU C . n 
C 3 180 PRO 180 180 180 PRO PRO C . n 
C 3 181 LEU 181 181 181 LEU LEU C . n 
C 3 182 LYS 182 182 182 LYS LYS C . n 
C 3 183 GLU 183 183 183 GLU GLU C . n 
C 3 184 THR 184 184 184 THR THR C . n 
C 3 185 HIS 185 185 185 HIS HIS C . n 
C 3 186 GLY 186 186 186 GLY GLY C . n 
C 3 187 TYR 187 187 187 TYR TYR C . n 
C 3 188 GLU 188 188 188 GLU GLU C . n 
C 3 189 GLN 189 189 189 GLN GLN C . n 
C 3 190 ALA 190 190 190 ALA ALA C . n 
C 3 191 GLY 191 191 191 GLY GLY C . n 
C 3 192 CYS 192 192 192 CYS CYS C . n 
C 3 193 LYS 193 193 193 LYS LYS C . n 
C 3 194 ILE 194 194 194 ILE ILE C . n 
C 3 195 CYS 195 195 195 CYS CYS C . n 
C 3 196 LYS 196 196 196 LYS LYS C . n 
C 3 197 ASP 197 197 197 ASP ASP C . n 
C 3 198 TYR 198 198 198 TYR TYR C . n 
C 3 199 VAL 199 199 199 VAL VAL C . n 
C 3 200 ALA 200 200 200 ALA ALA C . n 
C 3 201 GLU 201 201 201 GLU GLU C . n 
C 3 202 LEU 202 202 202 LEU LEU C . n 
C 3 203 ALA 203 203 203 ALA ALA C . n 
C 3 204 ASP 204 204 204 ASP ASP C . n 
C 3 205 VAL 205 205 205 VAL VAL C . n 
C 3 206 SER 206 206 206 SER SER C . n 
C 3 207 THR 207 207 207 THR THR C . n 
C 3 208 GLY 208 208 208 GLY GLY C . n 
C 3 209 SER 209 209 209 SER SER C . n 
C 3 210 VAL 210 210 210 VAL VAL C . n 
C 3 211 GLY 211 211 211 GLY GLY C . n 
C 3 212 SER 212 212 212 SER SER C . n 
C 3 213 PRO 213 213 213 PRO PRO C . n 
C 3 214 ASP 214 214 214 ASP ASP C . n 
C 3 215 GLY 215 215 215 GLY GLY C . n 
C 3 216 TRP 216 216 216 TRP TRP C . n 
C 3 217 SER 217 217 217 SER SER C . n 
C 3 218 THR 218 218 218 THR THR C . n 
C 3 219 VAL 219 219 219 VAL VAL C . n 
C 3 220 ILE 220 220 220 ILE ILE C . n 
C 3 221 THR 221 221 221 THR THR C . n 
C 3 222 ARG 222 222 222 ARG ARG C . n 
C 3 223 THR 223 223 223 THR THR C . n 
C 3 224 ASP 224 224 224 ASP ASP C . n 
C 3 225 ALA 225 225 225 ALA ALA C . n 
C 3 226 GLY 226 226 226 GLY GLY C . n 
C 3 227 ASP 227 227 227 ASP ASP C . n 
C 3 228 SER 228 228 228 SER SER C . n 
C 3 229 ILE 229 229 229 ILE ILE C . n 
C 3 230 PHE 230 230 230 PHE PHE C . n 
C 3 231 LYS 231 231 231 LYS LYS C . n 
C 3 232 GLN 232 232 232 GLN GLN C . n 
C 3 233 ALA 233 233 233 ALA ALA C . n 
C 3 234 VAL 234 234 234 VAL VAL C . n 
C 3 235 GLU 235 235 235 GLU GLU C . n 
C 3 236 ALA 236 236 236 ALA ALA C . n 
C 3 237 GLY 237 237 237 GLY GLY C . n 
C 3 238 LEU 238 238 238 LEU LEU C . n 
C 3 239 PHE 239 239 239 PHE PHE C . n 
C 3 240 GLU 240 240 240 GLU GLU C . n 
C 3 241 THR 241 241 241 THR THR C . n 
C 3 242 LYS 242 242 242 LYS LYS C . n 
C 3 243 PRO 243 243 243 PRO PRO C . n 
C 3 244 ILE 244 244 244 ILE ILE C . n 
C 3 245 GLU 245 245 245 GLU GLU C . n 
C 3 246 GLU 246 246 246 GLU GLU C . n 
C 3 247 VAL 247 247 247 VAL VAL C . n 
C 3 248 LYS 248 248 248 LYS LYS C . n 
C 3 249 PRO 249 249 249 PRO PRO C . n 
C 3 250 GLY 250 250 250 GLY GLY C . n 
C 3 251 LEU 251 251 251 LEU LEU C . n 
C 3 252 GLY 252 252 252 GLY GLY C . n 
C 3 253 LEU 253 253 253 LEU LEU C . n 
C 3 254 LEU 254 254 254 LEU LEU C . n 
C 3 255 GLU 255 255 255 GLU GLU C . n 
C 3 256 LYS 256 256 256 LYS LYS C . n 
C 3 257 LEU 257 257 257 LEU LEU C . n 
C 3 258 ALA 258 258 258 ALA ALA C . n 
C 3 259 ALA 259 259 259 ALA ALA C . n 
C 3 260 GLN 260 260 260 GLN GLN C . n 
C 3 261 LYS 261 261 261 LYS LYS C . n 
C 3 262 LYS 262 262 262 LYS LYS C . n 
C 3 263 GLU 263 263 263 GLU GLU C . n 
C 3 264 LYS 264 264 264 LYS LYS C . n 
C 3 265 ALA 265 265 265 ALA ALA C . n 
C 3 266 GLU 266 266 266 GLU GLU C . n 
C 3 267 LYS 267 267 267 LYS LYS C . n 
C 3 268 ASN 268 268 268 ASN ASN C . n 
C 3 269 ILE 269 269 269 ILE ILE C . n 
C 3 270 ALA 270 270 270 ALA ALA C . n 
C 3 271 ALA 271 271 271 ALA ALA C . n 
C 3 272 ARG 272 272 272 ARG ARG C . n 
C 3 273 LYS 273 273 273 LYS LYS C . n 
C 3 274 GLU 274 274 274 GLU GLU C . n 
C 3 275 MET 275 275 275 MET MET C . n 
C 3 276 GLY 276 276 276 GLY GLY C . n 
C 3 277 LEU 277 277 277 LEU LEU C . n 
C 3 278 PRO 278 278 278 PRO PRO C . n 
C 3 279 THR 279 279 279 THR THR C . n 
C 3 280 PRO 280 280 280 PRO PRO C . n 
C 3 281 PHE 281 281 ?   ?   ?   C . n 
# 
loop_
_pdbx_nonpoly_scheme.asym_id 
_pdbx_nonpoly_scheme.entity_id 
_pdbx_nonpoly_scheme.mon_id 
_pdbx_nonpoly_scheme.ndb_seq_num 
_pdbx_nonpoly_scheme.pdb_seq_num 
_pdbx_nonpoly_scheme.auth_seq_num 
_pdbx_nonpoly_scheme.pdb_mon_id 
_pdbx_nonpoly_scheme.auth_mon_id 
_pdbx_nonpoly_scheme.pdb_strand_id 
_pdbx_nonpoly_scheme.pdb_ins_code 
D 4 FCO 1 2989 2989 FCO FCO A . 
E 5 NI  1 2990 2990 NI  NI  A . 
F 6 FE2 1 2991 2991 FE2 FE2 A . 
G 7 SF4 1 300  300  SF4 SF4 B . 
H 7 SF4 1 301  301  SF4 SF4 B . 
I 7 SF4 1 302  302  SF4 SF4 B . 
J 8 F42 1 285  285  F42 F42 C . 
K 7 SF4 1 303  303  SF4 SF4 C . 
L 9 FAD 1 304  304  FAD FAD C . 
# 
loop_
_pdbx_unobs_or_zero_occ_atoms.id 
_pdbx_unobs_or_zero_occ_atoms.PDB_model_num 
_pdbx_unobs_or_zero_occ_atoms.polymer_flag 
_pdbx_unobs_or_zero_occ_atoms.occupancy_flag 
_pdbx_unobs_or_zero_occ_atoms.auth_asym_id 
_pdbx_unobs_or_zero_occ_atoms.auth_comp_id 
_pdbx_unobs_or_zero_occ_atoms.auth_seq_id 
_pdbx_unobs_or_zero_occ_atoms.PDB_ins_code 
_pdbx_unobs_or_zero_occ_atoms.auth_atom_id 
_pdbx_unobs_or_zero_occ_atoms.label_alt_id 
_pdbx_unobs_or_zero_occ_atoms.label_asym_id 
_pdbx_unobs_or_zero_occ_atoms.label_comp_id 
_pdbx_unobs_or_zero_occ_atoms.label_seq_id 
_pdbx_unobs_or_zero_occ_atoms.label_atom_id 
1  1 N 1 A FCO 2989 ? C1    ? D FCO 1 C1    
2  1 N 1 A FCO 2989 ? N1    ? D FCO 1 N1    
3  1 N 1 A FCO 2989 ? C2    ? D FCO 1 C2    
4  1 N 1 A FCO 2989 ? N2    ? D FCO 1 N2    
5  1 N 1 A FCO 2989 ? C3    ? D FCO 1 C3    
6  1 N 1 A FCO 2989 ? O3    ? D FCO 1 O3    
7  1 N 1 C F42 285  ? "O2'" ? J F42 1 "O2'" 
8  1 N 1 C F42 285  ? "C3'" ? J F42 1 "C3'" 
9  1 N 1 C F42 285  ? "O3'" ? J F42 1 "O3'" 
10 1 N 1 C F42 285  ? "C4'" ? J F42 1 "C4'" 
11 1 N 1 C F42 285  ? "O4'" ? J F42 1 "O4'" 
12 1 N 1 C F42 285  ? "C5'" ? J F42 1 "C5'" 
13 1 N 1 C F42 285  ? "O5'" ? J F42 1 "O5'" 
14 1 N 1 C F42 285  ? P     ? J F42 1 P     
15 1 N 1 C F42 285  ? O1P   ? J F42 1 O1P   
16 1 N 1 C F42 285  ? O2P   ? J F42 1 O2P   
17 1 N 1 C F42 285  ? O3P   ? J F42 1 O3P   
18 1 N 1 C F42 285  ? C1I   ? J F42 1 C1I   
19 1 N 1 C F42 285  ? C2I   ? J F42 1 C2I   
20 1 N 1 C F42 285  ? C3I   ? J F42 1 C3I   
21 1 N 1 C F42 285  ? O3I   ? J F42 1 O3I   
22 1 N 1 C F42 285  ? N1H   ? J F42 1 N1H   
23 1 N 1 C F42 285  ? C1H   ? J F42 1 C1H   
24 1 N 1 C F42 285  ? C2H   ? J F42 1 C2H   
25 1 N 1 C F42 285  ? O2U   ? J F42 1 O2U   
26 1 N 1 C F42 285  ? O2T   ? J F42 1 O2T   
27 1 N 1 C F42 285  ? C3H   ? J F42 1 C3H   
28 1 N 1 C F42 285  ? C4H   ? J F42 1 C4H   
29 1 N 1 C F42 285  ? C5H   ? J F42 1 C5H   
30 1 N 1 C F42 285  ? O5H   ? J F42 1 O5H   
31 1 N 1 C F42 285  ? N1G   ? J F42 1 N1G   
32 1 N 1 C F42 285  ? C1G   ? J F42 1 C1G   
33 1 N 1 C F42 285  ? C2G   ? J F42 1 C2G   
34 1 N 1 C F42 285  ? O2V   ? J F42 1 O2V   
35 1 N 1 C F42 285  ? O2W   ? J F42 1 O2W   
36 1 N 1 C F42 285  ? C3G   ? J F42 1 C3G   
37 1 N 1 C F42 285  ? C4G   ? J F42 1 C4G   
38 1 N 1 C F42 285  ? C5G   ? J F42 1 C5G   
39 1 N 1 C F42 285  ? O6G   ? J F42 1 O6G   
40 1 N 1 C F42 285  ? O7G   ? J F42 1 O7G   
# 
_cell.entry_id           3ZFS 
_cell.length_a           1.0 
_cell.length_b           1.0 
_cell.length_c           1.0 
_cell.angle_alpha        90.0 
_cell.angle_beta         90.0 
_cell.angle_gamma        90.0 
_cell.Z_PDB              1 
_cell.pdbx_unique_axis   ? 
# 
_symmetry.entry_id                         3ZFS 
_symmetry.space_group_name_H-M             'P 1' 
_symmetry.pdbx_full_space_group_name_H-M   ? 
_symmetry.cell_setting                     ? 
_symmetry.Int_Tables_number                1 
# 
_exptl.entry_id          3ZFS 
_exptl.method            'ELECTRON MICROSCOPY' 
_exptl.crystals_number   ? 
# 
_exptl_crystal.id                    1 
_exptl_crystal.density_meas          ? 
_exptl_crystal.density_Matthews      ? 
_exptl_crystal.density_percent_sol   ? 
_exptl_crystal.description           ? 
# 
_diffrn.id                     1 
_diffrn.ambient_temp           ? 
_diffrn.ambient_temp_details   ? 
_diffrn.crystal_id             1 
# 
_diffrn_radiation.diffrn_id                        1 
_diffrn_radiation.wavelength_id                    1 
_diffrn_radiation.pdbx_monochromatic_or_laue_m_l   ? 
_diffrn_radiation.monochromator                    ? 
_diffrn_radiation.pdbx_diffrn_protocol             ? 
_diffrn_radiation.pdbx_scattering_type             ? 
# 
_diffrn_radiation_wavelength.id           1 
_diffrn_radiation_wavelength.wavelength   . 
_diffrn_radiation_wavelength.wt           1.0 
# 
_refine.pdbx_refine_id                           'ELECTRON MICROSCOPY' 
_refine.entry_id                                 3ZFS 
_refine.pdbx_diffrn_id                           1 
_refine.pdbx_TLS_residual_ADP_flag               ? 
_refine.ls_number_reflns_obs                     ? 
_refine.ls_number_reflns_all                     ? 
_refine.pdbx_ls_sigma_I                          ? 
_refine.pdbx_ls_sigma_F                          ? 
_refine.pdbx_data_cutoff_high_absF               ? 
_refine.pdbx_data_cutoff_low_absF                ? 
_refine.pdbx_data_cutoff_high_rms_absF           ? 
_refine.ls_d_res_low                             ? 
_refine.ls_d_res_high                            4.00 
_refine.ls_percent_reflns_obs                    ? 
_refine.ls_R_factor_obs                          ? 
_refine.ls_R_factor_all                          ? 
_refine.ls_R_factor_R_work                       ? 
_refine.ls_R_factor_R_free                       ? 
_refine.ls_R_factor_R_free_error                 ? 
_refine.ls_R_factor_R_free_error_details         ? 
_refine.ls_percent_reflns_R_free                 ? 
_refine.ls_number_reflns_R_free                  ? 
_refine.ls_number_parameters                     ? 
_refine.ls_number_restraints                     ? 
_refine.occupancy_min                            ? 
_refine.occupancy_max                            ? 
_refine.correlation_coeff_Fo_to_Fc               ? 
_refine.correlation_coeff_Fo_to_Fc_free          ? 
_refine.B_iso_mean                               ? 
_refine.aniso_B[1][1]                            ? 
_refine.aniso_B[2][2]                            ? 
_refine.aniso_B[3][3]                            ? 
_refine.aniso_B[1][2]                            ? 
_refine.aniso_B[1][3]                            ? 
_refine.aniso_B[2][3]                            ? 
_refine.solvent_model_details                    ? 
_refine.solvent_model_param_ksol                 ? 
_refine.solvent_model_param_bsol                 ? 
_refine.pdbx_solvent_vdw_probe_radii             ? 
_refine.pdbx_solvent_ion_probe_radii             ? 
_refine.pdbx_solvent_shrinkage_radii             ? 
_refine.pdbx_ls_cross_valid_method               ? 
_refine.details                                  ? 
_refine.pdbx_starting_model                      ? 
_refine.pdbx_method_to_determine_struct          ? 
_refine.pdbx_isotropic_thermal_model             ? 
_refine.pdbx_stereochemistry_target_values       ? 
_refine.pdbx_stereochem_target_val_spec_case     ? 
_refine.pdbx_R_Free_selection_details            ? 
_refine.pdbx_overall_ESU_R                       ? 
_refine.pdbx_overall_ESU_R_Free                  ? 
_refine.overall_SU_ML                            ? 
_refine.pdbx_overall_phase_error                 ? 
_refine.overall_SU_B                             ? 
_refine.overall_SU_R_Cruickshank_DPI             ? 
_refine.pdbx_overall_SU_R_free_Cruickshank_DPI   ? 
_refine.pdbx_overall_SU_R_Blow_DPI               ? 
_refine.pdbx_overall_SU_R_free_Blow_DPI          ? 
# 
_refine_hist.pdbx_refine_id                   'ELECTRON MICROSCOPY' 
_refine_hist.cycle_id                         LAST 
_refine_hist.pdbx_number_atoms_protein        878 
_refine_hist.pdbx_number_atoms_nucleic_acid   0 
_refine_hist.pdbx_number_atoms_ligand         107 
_refine_hist.number_atoms_solvent             0 
_refine_hist.number_atoms_total               985 
_refine_hist.d_res_high                       4.00 
_refine_hist.d_res_low                        . 
# 
_struct.entry_id                  3ZFS 
_struct.title                     
'Cryo-EM structure of the F420-reducing NiFe-hydrogenase from a methanogenic archaeon with bound substrate' 
_struct.pdbx_model_details        ? 
_struct.pdbx_CASP_flag            ? 
_struct.pdbx_model_type_details   'CA ATOMS ONLY, CHAIN A, B, C' 
# 
_struct_keywords.entry_id        3ZFS 
_struct_keywords.pdbx_keywords   OXIDOREDUCTASE 
_struct_keywords.text            'OXIDOREDUCTASE, METHANOGENESIS' 
# 
loop_
_struct_asym.id 
_struct_asym.pdbx_blank_PDB_chainid_flag 
_struct_asym.pdbx_modified 
_struct_asym.entity_id 
_struct_asym.details 
A N N 1 ? 
B N N 2 ? 
C N N 3 ? 
D N N 4 ? 
E N N 5 ? 
F N N 6 ? 
G N N 7 ? 
H N N 7 ? 
I N N 7 ? 
J N N 8 ? 
K N N 7 ? 
L N N 9 ? 
# 
loop_
_struct_ref.id 
_struct_ref.db_name 
_struct_ref.db_code 
_struct_ref.entity_id 
_struct_ref.pdbx_seq_one_letter_code 
_struct_ref.pdbx_align_begin 
_struct_ref.pdbx_db_accession 
_struct_ref.pdbx_db_isoform 
1 UNP D9PYF9_METTM 1 ? ? D9PYF9 ? 
2 UNP D9PYF7_METTM 2 ? ? D9PYF7 ? 
3 UNP D9PYF6_METTM 3 ? ? D9PYF6 ? 
# 
loop_
_struct_ref_seq.align_id 
_struct_ref_seq.ref_id 
_struct_ref_seq.pdbx_PDB_id_code 
_struct_ref_seq.pdbx_strand_id 
_struct_ref_seq.seq_align_beg 
_struct_ref_seq.pdbx_seq_align_beg_ins_code 
_struct_ref_seq.seq_align_end 
_struct_ref_seq.pdbx_seq_align_end_ins_code 
_struct_ref_seq.pdbx_db_accession 
_struct_ref_seq.db_align_beg 
_struct_ref_seq.pdbx_db_align_beg_ins_code 
_struct_ref_seq.db_align_end 
_struct_ref_seq.pdbx_db_align_end_ins_code 
_struct_ref_seq.pdbx_auth_seq_align_beg 
_struct_ref_seq.pdbx_auth_seq_align_end 
1 1 3ZFS A 1 ? 405 ? D9PYF9 1 ? 405 ? 1 405 
2 2 3ZFS B 1 ? 275 ? D9PYF7 1 ? 275 ? 1 275 
3 3 3ZFS C 1 ? 281 ? D9PYF6 1 ? 281 ? 1 281 
# 
_pdbx_struct_assembly.id                   1 
_pdbx_struct_assembly.details              author_defined_assembly 
_pdbx_struct_assembly.method_details       ? 
_pdbx_struct_assembly.oligomeric_details   trimeric 
_pdbx_struct_assembly.oligomeric_count     3 
# 
_pdbx_struct_assembly_gen.assembly_id       1 
_pdbx_struct_assembly_gen.oper_expression   1 
_pdbx_struct_assembly_gen.asym_id_list      A,B,C,D,E,F,G,H,I,J,K,L 
# 
_pdbx_struct_oper_list.id                   1 
_pdbx_struct_oper_list.type                 'identity operation' 
_pdbx_struct_oper_list.name                 1_555 
_pdbx_struct_oper_list.symmetry_operation   x,y,z 
_pdbx_struct_oper_list.matrix[1][1]         1.0000000000 
_pdbx_struct_oper_list.matrix[1][2]         0.0000000000 
_pdbx_struct_oper_list.matrix[1][3]         0.0000000000 
_pdbx_struct_oper_list.vector[1]            0.0000000000 
_pdbx_struct_oper_list.matrix[2][1]         0.0000000000 
_pdbx_struct_oper_list.matrix[2][2]         1.0000000000 
_pdbx_struct_oper_list.matrix[2][3]         0.0000000000 
_pdbx_struct_oper_list.vector[2]            0.0000000000 
_pdbx_struct_oper_list.matrix[3][1]         0.0000000000 
_pdbx_struct_oper_list.matrix[3][2]         0.0000000000 
_pdbx_struct_oper_list.matrix[3][3]         1.0000000000 
_pdbx_struct_oper_list.vector[3]            0.0000000000 
# 
_struct_biol.id   1 
# 
loop_
_struct_conf.conf_type_id 
_struct_conf.id 
_struct_conf.pdbx_PDB_helix_id 
_struct_conf.beg_label_comp_id 
_struct_conf.beg_label_asym_id 
_struct_conf.beg_label_seq_id 
_struct_conf.pdbx_beg_PDB_ins_code 
_struct_conf.end_label_comp_id 
_struct_conf.end_label_asym_id 
_struct_conf.end_label_seq_id 
_struct_conf.pdbx_end_PDB_ins_code 
_struct_conf.beg_auth_comp_id 
_struct_conf.beg_auth_asym_id 
_struct_conf.beg_auth_seq_id 
_struct_conf.end_auth_comp_id 
_struct_conf.end_auth_asym_id 
_struct_conf.end_auth_seq_id 
_struct_conf.pdbx_PDB_helix_class 
_struct_conf.details 
_struct_conf.pdbx_PDB_helix_length 
HELX_P HELX_P1  1  LEU A 43  ? MET A 46  ? LEU A 43  MET A 46  1 ? 4  
HELX_P HELX_P2  2  THR A 54  ? ILE A 62  ? THR A 54  ILE A 62  1 ? 9  
HELX_P HELX_P3  3  PRO A 67  ? LEU A 82  ? PRO A 67  LEU A 82  1 ? 16 
HELX_P HELX_P4  4  LYS A 88  ? PHE A 111 ? LYS A 88  PHE A 111 1 ? 24 
HELX_P HELX_P5  5  LEU A 122 ? VAL A 141 ? LEU A 122 VAL A 141 1 ? 20 
HELX_P HELX_P6  6  GLU A 165 ? ILE A 193 ? GLU A 165 ILE A 193 1 ? 29 
HELX_P HELX_P7  7  PRO A 239 ? ARG A 244 ? PRO A 239 ARG A 244 1 ? 6  
HELX_P HELX_P8  8  PRO A 261 ? GLN A 269 ? PRO A 261 GLN A 269 1 ? 9  
HELX_P HELX_P9  9  VAL A 277 ? GLU A 300 ? VAL A 277 GLU A 300 1 ? 24 
HELX_P HELX_P10 10 PRO A 350 ? ASN A 354 ? PRO A 350 ASN A 354 1 ? 5  
HELX_P HELX_P11 11 MET A 358 ? THR A 362 ? MET A 358 THR A 362 1 ? 5  
HELX_P HELX_P12 12 HIS A 372 ? ALA A 376 ? HIS A 372 ALA A 376 1 ? 5  
HELX_P HELX_P13 13 LEU A 381 ? THR A 385 ? LEU A 381 THR A 385 1 ? 5  
HELX_P HELX_P14 14 ARG A 262 ? GLU A 267 ? ARG A 262 GLU A 267 1 ? 6  
HELX_P HELX_P15 15 HIS A 372 ? ARG A 375 ? HIS A 372 ARG A 375 1 ? 4  
HELX_P HELX_P16 16 GLY B 59  ? THR B 65  ? GLY B 59  THR B 65  1 ? 7  
HELX_P HELX_P17 17 LEU B 74  ? MET B 78  ? LEU B 74  MET B 78  1 ? 5  
HELX_P HELX_P18 18 HIS B 111 ? GLU B 121 ? HIS B 111 GLU B 121 1 ? 11 
HELX_P HELX_P19 19 PRO B 175 ? LEU B 186 ? PRO B 175 LEU B 186 1 ? 12 
HELX_P HELX_P20 20 THR B 225 ? ALA B 229 ? THR B 225 ALA B 229 1 ? 5  
HELX_P HELX_P21 21 GLU B 266 ? GLU B 272 ? GLU B 266 GLU B 272 1 ? 7  
HELX_P HELX_P22 22 ARG C 17  ? GLN C 20  ? ARG C 17  GLN C 20  1 ? 4  
HELX_P HELX_P23 23 GLY C 27  ? ASP C 38  ? GLY C 27  ASP C 38  1 ? 12 
HELX_P HELX_P24 24 SER C 64  ? ALA C 71  ? SER C 64  ALA C 71  1 ? 8  
HELX_P HELX_P25 25 MET C 83  ? GLN C 91  ? MET C 83  GLN C 91  1 ? 9  
HELX_P HELX_P26 26 THR C 106 ? THR C 114 ? THR C 106 THR C 114 1 ? 9  
HELX_P HELX_P27 27 TYR C 140 ? GLU C 149 ? TYR C 140 GLU C 149 1 ? 10 
HELX_P HELX_P28 28 MET C 155 ? LEU C 157 ? MET C 155 LEU C 157 1 ? 3  
HELX_P HELX_P29 29 LYS C 182 ? GLY C 186 ? LYS C 182 GLY C 186 1 ? 5  
HELX_P HELX_P30 30 ASP C 224 ? GLU C 235 ? ASP C 224 GLU C 235 1 ? 12 
HELX_P HELX_P31 31 LEU C 251 ? GLU C 274 ? LEU C 251 GLU C 274 1 ? 24 
# 
_struct_conf_type.id          HELX_P 
_struct_conf_type.criteria    ? 
_struct_conf_type.reference   ? 
# 
loop_
_struct_sheet.id 
_struct_sheet.type 
_struct_sheet.number_strands 
_struct_sheet.details 
1  ? 1 ? 
2  ? 1 ? 
3  ? 1 ? 
4  ? 1 ? 
5  ? 1 ? 
6  ? 1 ? 
7  ? 1 ? 
8  ? 1 ? 
9  ? 1 ? 
10 ? 1 ? 
11 ? 1 ? 
12 ? 1 ? 
13 ? 1 ? 
14 ? 1 ? 
15 ? 1 ? 
16 ? 1 ? 
17 ? 1 ? 
18 ? 1 ? 
19 ? 1 ? 
20 ? 1 ? 
21 ? 1 ? 
22 ? 1 ? 
23 ? 1 ? 
24 ? 1 ? 
# 
loop_
_struct_sheet_range.sheet_id 
_struct_sheet_range.id 
_struct_sheet_range.beg_label_comp_id 
_struct_sheet_range.beg_label_asym_id 
_struct_sheet_range.beg_label_seq_id 
_struct_sheet_range.pdbx_beg_PDB_ins_code 
_struct_sheet_range.end_label_comp_id 
_struct_sheet_range.end_label_asym_id 
_struct_sheet_range.end_label_seq_id 
_struct_sheet_range.pdbx_end_PDB_ins_code 
_struct_sheet_range.beg_auth_comp_id 
_struct_sheet_range.beg_auth_asym_id 
_struct_sheet_range.beg_auth_seq_id 
_struct_sheet_range.end_auth_comp_id 
_struct_sheet_range.end_auth_asym_id 
_struct_sheet_range.end_auth_seq_id 
1  1 ARG A 4   ? PRO A 9   ? ARG A 4   PRO A 9   
2  1 HIS A 16  ? GLU A 22  ? HIS A 16  GLU A 22  
3  1 VAL A 29  ? PHE A 35  ? VAL A 29  PHE A 35  
4  1 LYS A 318 ? ILE A 324 ? LYS A 318 ILE A 324 
5  1 ASP A 331 ? LYS A 336 ? ASP A 331 LYS A 336 
6  1 PHE A 344 ? VAL A 349 ? PHE A 344 VAL A 349 
7  1 ARG B 48  ? ILE B 52  ? ARG B 48  ILE B 52  
8  1 ASP B 80  ? TYR B 83  ? ASP B 80  TYR B 83  
9  1 ASP B 97  ? GLU B 102 ? ASP B 97  GLU B 102 
10 1 VAL B 126 ? GLY B 130 ? VAL B 126 GLY B 130 
11 1 LEU B 166 ? PRO B 169 ? LEU B 166 PRO B 169 
12 1 LEU B 235 ? THR B 238 ? LEU B 235 THR B 238 
13 1 PRO B 242 ? LEU B 244 ? PRO B 242 LEU B 244 
14 1 GLU C 8   ? ARG C 13  ? GLU C 8   ARG C 13  
15 1 GLU C 43  ? GLY C 49  ? GLU C 43  GLY C 49  
16 1 PRO C 57  ? ALA C 62  ? PRO C 57  ALA C 62  
17 1 LYS C 96  ? ILE C 102 ? LYS C 96  ILE C 102 
18 1 LEU C 128 ? ILE C 132 ? LEU C 128 ILE C 132 
19 1 GLU C 159 ? GLY C 164 ? GLU C 159 GLY C 164 
20 1 LYS C 167 ? TYR C 171 ? LYS C 167 TYR C 171 
21 1 VAL C 176 ? LEU C 181 ? VAL C 176 LEU C 181 
22 1 VAL C 205 ? SER C 209 ? VAL C 205 SER C 209 
23 1 SER C 217 ? THR C 221 ? SER C 217 THR C 221 
24 1 PHE C 239 ? LYS C 242 ? PHE C 239 LYS C 242 
# 
loop_
_struct_site.id 
_struct_site.pdbx_evidence_code 
_struct_site.pdbx_auth_asym_id 
_struct_site.pdbx_auth_comp_id 
_struct_site.pdbx_auth_seq_id 
_struct_site.pdbx_auth_ins_code 
_struct_site.pdbx_num_residues 
_struct_site.details 
AC1 Software A FCO 2989 ? 1  'BINDING SITE FOR RESIDUE FCO A 2989' 
AC2 Software A NI  2990 ? 1  'BINDING SITE FOR RESIDUE NI A 2990'  
AC3 Software B SF4 300  ? 5  'BINDING SITE FOR RESIDUE SF4 B 300'  
AC4 Software B SF4 301  ? 4  'BINDING SITE FOR RESIDUE SF4 B 301'  
AC5 Software B SF4 302  ? 6  'BINDING SITE FOR RESIDUE SF4 B 302'  
AC6 Software C F42 285  ? 5  'BINDING SITE FOR RESIDUE F42 C 285'  
AC7 Software C SF4 303  ? 4  'BINDING SITE FOR RESIDUE SF4 C 303'  
AC8 Software C FAD 304  ? 14 'BINDING SITE FOR RESIDUE FAD C 304'  
# 
loop_
_struct_site_gen.id 
_struct_site_gen.site_id 
_struct_site_gen.pdbx_num_res 
_struct_site_gen.label_comp_id 
_struct_site_gen.label_asym_id 
_struct_site_gen.label_seq_id 
_struct_site_gen.pdbx_auth_ins_code 
_struct_site_gen.auth_comp_id 
_struct_site_gen.auth_asym_id 
_struct_site_gen.auth_seq_id 
_struct_site_gen.label_atom_id 
_struct_site_gen.label_alt_id 
_struct_site_gen.symmetry 
_struct_site_gen.details 
1  AC1 1  NI  E .   ? NI  A 2990 . ? 1_555 ? 
2  AC2 1  FCO D .   ? FCO A 2989 . ? 1_555 ? 
3  AC3 5  GLY B 56  ? GLY B 56   . ? 1_555 ? 
4  AC3 5  CYS B 57  ? CYS B 57   . ? 1_555 ? 
5  AC3 5  GLY B 59  ? GLY B 59   . ? 1_555 ? 
6  AC3 5  CYS B 132 ? CYS B 132  . ? 1_555 ? 
7  AC3 5  CYS B 171 ? CYS B 171  . ? 1_555 ? 
8  AC4 4  CYS B 249 ? CYS B 249  . ? 1_555 ? 
9  AC4 4  LYS B 251 ? LYS B 251  . ? 1_555 ? 
10 AC4 4  CYS B 252 ? CYS B 252  . ? 1_555 ? 
11 AC4 4  CYS B 255 ? CYS B 255  . ? 1_555 ? 
12 AC5 6  ILE B 221 ? ILE B 221  . ? 1_555 ? 
13 AC5 6  GLY B 222 ? GLY B 222  . ? 1_555 ? 
14 AC5 6  CYS B 223 ? CYS B 223  . ? 1_555 ? 
15 AC5 6  GLY B 224 ? GLY B 224  . ? 1_555 ? 
16 AC5 6  THR B 225 ? THR B 225  . ? 1_555 ? 
17 AC5 6  CYS B 226 ? CYS B 226  . ? 1_555 ? 
18 AC6 5  GLY C 164 ? GLY C 164  . ? 1_555 ? 
19 AC6 5  SER C 209 ? SER C 209  . ? 1_555 ? 
20 AC6 5  VAL C 210 ? VAL C 210  . ? 1_555 ? 
21 AC6 5  SER C 217 ? SER C 217  . ? 1_555 ? 
22 AC6 5  FAD L .   ? FAD C 304  . ? 1_555 ? 
23 AC7 4  PRO C 103 ? PRO C 103  . ? 1_555 ? 
24 AC7 4  CYS C 104 ? CYS C 104  . ? 1_555 ? 
25 AC7 4  CYS C 134 ? CYS C 134  . ? 1_555 ? 
26 AC7 4  MET C 135 ? MET C 135  . ? 1_555 ? 
27 AC8 14 GLN C 24  ? GLN C 24   . ? 1_555 ? 
28 AC8 14 ASP C 25  ? ASP C 25   . ? 1_555 ? 
29 AC8 14 GLY C 26  ? GLY C 26   . ? 1_555 ? 
30 AC8 14 ILE C 28  ? ILE C 28   . ? 1_555 ? 
31 AC8 14 VAL C 29  ? VAL C 29   . ? 1_555 ? 
32 AC8 14 VAL C 47  ? VAL C 47   . ? 1_555 ? 
33 AC8 14 ALA C 48  ? ALA C 48   . ? 1_555 ? 
34 AC8 14 ALA C 72  ? ALA C 72   . ? 1_555 ? 
35 AC8 14 THR C 74  ? THR C 74   . ? 1_555 ? 
36 AC8 14 TYR C 76  ? TYR C 76   . ? 1_555 ? 
37 AC8 14 ILE C 132 ? ILE C 132  . ? 1_555 ? 
38 AC8 14 GLY C 208 ? GLY C 208  . ? 1_555 ? 
39 AC8 14 SER C 209 ? SER C 209  . ? 1_555 ? 
40 AC8 14 F42 J .   ? F42 C 285  . ? 1_555 ? 
# 
loop_
_pdbx_validate_close_contact.id 
_pdbx_validate_close_contact.PDB_model_num 
_pdbx_validate_close_contact.auth_atom_id_1 
_pdbx_validate_close_contact.auth_asym_id_1 
_pdbx_validate_close_contact.auth_comp_id_1 
_pdbx_validate_close_contact.auth_seq_id_1 
_pdbx_validate_close_contact.PDB_ins_code_1 
_pdbx_validate_close_contact.label_alt_id_1 
_pdbx_validate_close_contact.auth_atom_id_2 
_pdbx_validate_close_contact.auth_asym_id_2 
_pdbx_validate_close_contact.auth_comp_id_2 
_pdbx_validate_close_contact.auth_seq_id_2 
_pdbx_validate_close_contact.PDB_ins_code_2 
_pdbx_validate_close_contact.label_alt_id_2 
_pdbx_validate_close_contact.dist 
1 1 CA C GLY 26  ? ? O2A   C FAD 304 ? ? 1.46 
2 1 CA C ASP 25  ? ? "O4'" C FAD 304 ? ? 1.71 
3 1 CA C ASP 25  ? ? "C5'" C FAD 304 ? ? 1.78 
4 1 CA C CYS 104 ? ? S3    C SF4 303 ? ? 2.04 
5 1 CA C ASP 25  ? ? "C4'" C FAD 304 ? ? 2.11 
6 1 CA C GLY 26  ? ? PA    C FAD 304 ? ? 2.15 
# 
loop_
_pdbx_database_remark.id 
_pdbx_database_remark.text 
650 
;
HELIX
DETERMINATION METHOD: AUTHOR PROVIDED.
;
700 
;
SHEET
DETERMINATION METHOD: AUTHOR PROVIDED.
;
# 
_pdbx_entry_details.entry_id                 3ZFS 
_pdbx_entry_details.compound_details         ? 
_pdbx_entry_details.source_details           ? 
_pdbx_entry_details.nonpolymer_details       
;COENZYME F420 (F42): ONLY ISOALLOXAZINE RING
CARBONMONOXIDE-(DICYANO) IRON (FCO): ONLY FE ION
;
_pdbx_entry_details.sequence_details         ? 
_pdbx_entry_details.has_ligand_of_interest   ? 
# 
_em_3d_fitting.id                1 
_em_3d_fitting.entry_id          3ZFS 
_em_3d_fitting.ref_protocol      'RIGID BODY FIT' 
_em_3d_fitting.ref_space         REAL 
_em_3d_fitting.overall_b_value   ? 
_em_3d_fitting.target_criteria   ? 
_em_3d_fitting.details           'REFINEMENT PROTOCOL--RIGID BODY' 
_em_3d_fitting.method            ? 
# 
_em_3d_fitting_list.3d_fitting_id                 1 
_em_3d_fitting_list.id                            1 
_em_3d_fitting_list.pdb_entry_id                  2WPN 
_em_3d_fitting_list.pdb_chain_id                  ? 
_em_3d_fitting_list.details                       ? 
_em_3d_fitting_list.initial_refinement_model_id   1 
_em_3d_fitting_list.chain_id                      ? 
_em_3d_fitting_list.chain_residue_range           ? 
_em_3d_fitting_list.pdb_chain_residue_range       ? 
_em_3d_fitting_list.source_name                   PDB 
_em_3d_fitting_list.type                          'experimental model' 
_em_3d_fitting_list.accession_code                2WPN 
# 
_em_3d_reconstruction.entry_id                    3ZFS 
_em_3d_reconstruction.id                          1 
_em_3d_reconstruction.symmetry_type               POINT 
_em_3d_reconstruction.num_particles               97290 
_em_3d_reconstruction.image_processing_id         1 
_em_3d_reconstruction.method                      'REFINEMENT IN EMAN2' 
_em_3d_reconstruction.nominal_pixel_size          1.19 
_em_3d_reconstruction.actual_pixel_size           1.14 
_em_3d_reconstruction.resolution                  4 
_em_3d_reconstruction.magnification_calibration   'FIT OF X-RAY MODEL' 
_em_3d_reconstruction.details                     
'SUBMISSION BASED ON EXPERIMENTAL DATA FROM EMDB EMD-2097.(DEPOSITION ID: 10788).' 
_em_3d_reconstruction.num_class_averages          ? 
_em_3d_reconstruction.resolution_method           ? 
_em_3d_reconstruction.algorithm                   ? 
# 
_em_buffer.id            1 
_em_buffer.specimen_id   1 
_em_buffer.name          '50 MM TRIS/HCL, 2 MM DTT, 0.025 MM FAD' 
_em_buffer.pH            7.6 
_em_buffer.details       '50 MM TRIS/HCL, 2 MM DTT, 0.025 MM FAD' 
# 
_em_entity_assembly.id                   1 
_em_entity_assembly.name                 'F420-REDUCING HYDROGENASE' 
_em_entity_assembly.type                 COMPLEX 
_em_entity_assembly.parent_id            0 
_em_entity_assembly.synonym              ? 
_em_entity_assembly.details              ? 
_em_entity_assembly.oligomeric_details   ? 
# 
_em_image_scans.entry_id                3ZFS 
_em_image_scans.id                      1 
_em_image_scans.image_recording_id      1 
_em_image_scans.number_digital_images   80 
_em_image_scans.citation_id             ? 
_em_image_scans.od_range                ? 
_em_image_scans.quant_bit_size          ? 
_em_image_scans.sampling_size           ? 
_em_image_scans.scanner_model           ? 
_em_image_scans.details                 ? 
# 
_em_imaging.entry_id                        3ZFS 
_em_imaging.id                              1 
_em_imaging.microscope_model                'FEI POLARA 300' 
_em_imaging.date                            2011-02-11 
_em_imaging.illumination_mode               'FLOOD BEAM' 
_em_imaging.specimen_id                     1 
_em_imaging.temperature                     77 
_em_imaging.nominal_defocus_min             1650 
_em_imaging.nominal_defocus_max             3820 
_em_imaging.tilt_angle_min                  ? 
_em_imaging.tilt_angle_max                  ? 
_em_imaging.nominal_cs                      2.0 
_em_imaging.mode                            'BRIGHT FIELD' 
_em_imaging.nominal_magnification           59000 
_em_imaging.calibrated_magnification        61400 
_em_imaging.electron_source                 'FIELD EMISSION GUN' 
_em_imaging.accelerating_voltage            200 
_em_imaging.details                         ? 
_em_imaging.specimen_holder_type            . 
_em_imaging.specimen_holder_model           . 
_em_imaging.citation_id                     ? 
_em_imaging.astigmatism                     ? 
_em_imaging.detector_distance               ? 
_em_imaging.electron_beam_tilt_params       ? 
_em_imaging.recording_temperature_maximum   ? 
_em_imaging.recording_temperature_minimum   ? 
# 
_em_sample_support.id               1 
_em_sample_support.specimen_id      1 
_em_sample_support.details          'HOLEY CARBON' 
_em_sample_support.method           ? 
_em_sample_support.film_material    ? 
_em_sample_support.grid_material    ? 
_em_sample_support.grid_mesh_size   ? 
_em_sample_support.grid_type        ? 
# 
_em_vitrification.entry_id              3ZFS 
_em_vitrification.id                    1 
_em_vitrification.instrument            'FEI VITROBOT MARK I' 
_em_vitrification.cryogen_name          ETHANE 
_em_vitrification.specimen_id           1 
_em_vitrification.details               'LIQUID ETHANE' 
_em_vitrification.citation_id           ? 
_em_vitrification.humidity              ? 
_em_vitrification.method                ? 
_em_vitrification.temp                  ? 
_em_vitrification.time_resolved_state   ? 
# 
_em_experiment.entry_id                3ZFS 
_em_experiment.id                      1 
_em_experiment.aggregation_state       PARTICLE 
_em_experiment.entity_assembly_id      1 
_em_experiment.reconstruction_method   'SINGLE PARTICLE' 
# 
_em_single_particle_entity.entry_id              3ZFS 
_em_single_particle_entity.id                    1 
_em_single_particle_entity.point_symmetry        T 
_em_single_particle_entity.image_processing_id   1 
# 
loop_
_pdbx_unobs_or_zero_occ_residues.id 
_pdbx_unobs_or_zero_occ_residues.PDB_model_num 
_pdbx_unobs_or_zero_occ_residues.polymer_flag 
_pdbx_unobs_or_zero_occ_residues.occupancy_flag 
_pdbx_unobs_or_zero_occ_residues.auth_asym_id 
_pdbx_unobs_or_zero_occ_residues.auth_comp_id 
_pdbx_unobs_or_zero_occ_residues.auth_seq_id 
_pdbx_unobs_or_zero_occ_residues.PDB_ins_code 
_pdbx_unobs_or_zero_occ_residues.label_asym_id 
_pdbx_unobs_or_zero_occ_residues.label_comp_id 
_pdbx_unobs_or_zero_occ_residues.label_seq_id 
1  1 Y 1 A MET 1   ? A MET 1   
2  1 Y 1 A VAL 387 ? A VAL 387 
3  1 Y 1 A MET 388 ? A MET 388 
4  1 Y 1 A VAL 389 ? A VAL 389 
5  1 Y 1 A VAL 390 ? A VAL 390 
6  1 Y 1 A ASP 391 ? A ASP 391 
7  1 Y 1 A ASP 392 ? A ASP 392 
8  1 Y 1 A GLU 393 ? A GLU 393 
9  1 Y 1 A ASP 394 ? A ASP 394 
10 1 Y 1 A LYS 395 ? A LYS 395 
11 1 Y 1 A SER 396 ? A SER 396 
12 1 Y 1 A VAL 397 ? A VAL 397 
13 1 Y 1 A ILE 398 ? A ILE 398 
14 1 Y 1 A LYS 399 ? A LYS 399 
15 1 Y 1 A ASN 400 ? A ASN 400 
16 1 Y 1 A GLU 401 ? A GLU 401 
17 1 Y 1 A MET 402 ? A MET 402 
18 1 Y 1 A VAL 403 ? A VAL 403 
19 1 Y 1 A LYS 404 ? A LYS 404 
20 1 Y 1 A ILE 405 ? A ILE 405 
21 1 Y 1 B MET 1   ? B MET 1   
22 1 Y 1 B SER 2   ? B SER 2   
23 1 Y 1 B LEU 3   ? B LEU 3   
24 1 Y 1 B ILE 4   ? B ILE 4   
25 1 Y 1 B ALA 5   ? B ALA 5   
26 1 Y 1 B ARG 6   ? B ARG 6   
27 1 Y 1 B ILE 7   ? B ILE 7   
28 1 Y 1 B LYS 8   ? B LYS 8   
29 1 Y 1 B ARG 9   ? B ARG 9   
30 1 Y 1 B PHE 10  ? B PHE 10  
31 1 Y 1 B LEU 11  ? B LEU 11  
32 1 Y 1 B GLY 12  ? B GLY 12  
33 1 Y 1 B LEU 13  ? B LEU 13  
34 1 Y 1 B GLU 14  ? B GLU 14  
35 1 Y 1 B ALA 15  ? B ALA 15  
36 1 Y 1 B GLU 16  ? B GLU 16  
37 1 Y 1 B ALA 17  ? B ALA 17  
38 1 Y 1 B LYS 18  ? B LYS 18  
39 1 Y 1 B ARG 19  ? B ARG 19  
40 1 Y 1 B GLU 20  ? B GLU 20  
41 1 Y 1 B GLU 21  ? B GLU 21  
42 1 Y 1 B PRO 22  ? B PRO 22  
43 1 Y 1 B GLU 23  ? B GLU 23  
44 1 Y 1 B LYS 24  ? B LYS 24  
45 1 Y 1 B GLU 25  ? B GLU 25  
46 1 Y 1 B LYS 26  ? B LYS 26  
47 1 Y 1 B SER 27  ? B SER 27  
48 1 Y 1 B GLU 28  ? B GLU 28  
49 1 Y 1 B PRO 29  ? B PRO 29  
50 1 Y 1 B VAL 30  ? B VAL 30  
51 1 Y 1 B GLY 31  ? B GLY 31  
52 1 Y 1 B ALA 32  ? B ALA 32  
53 1 Y 1 B SER 33  ? B SER 33  
54 1 Y 1 B LYS 34  ? B LYS 34  
55 1 Y 1 B GLU 35  ? B GLU 35  
56 1 Y 1 B GLU 36  ? B GLU 36  
57 1 Y 1 B VAL 37  ? B VAL 37  
58 1 Y 1 B GLU 38  ? B GLU 38  
59 1 Y 1 B LYS 39  ? B LYS 39  
60 1 Y 1 B VAL 40  ? B VAL 40  
61 1 Y 1 B ALA 41  ? B ALA 41  
62 1 Y 1 B GLU 42  ? B GLU 42  
63 1 Y 1 B GLU 43  ? B GLU 43  
64 1 Y 1 B ASN 44  ? B ASN 44  
65 1 Y 1 B ALA 45  ? B ALA 45  
66 1 Y 1 B ASN 188 ? B ASN 188 
67 1 Y 1 B ASP 189 ? B ASP 189 
68 1 Y 1 B MET 190 ? B MET 190 
69 1 Y 1 B ASP 191 ? B ASP 191 
70 1 Y 1 B TYR 192 ? B TYR 192 
71 1 Y 1 B LEU 193 ? B LEU 193 
72 1 Y 1 B GLN 194 ? B GLN 194 
73 1 Y 1 B PRO 195 ? B PRO 195 
74 1 Y 1 B MET 196 ? B MET 196 
75 1 Y 1 B LEU 197 ? B LEU 197 
76 1 Y 1 B ASP 198 ? B ASP 198 
77 1 Y 1 B LEU 199 ? B LEU 199 
78 1 Y 1 B LEU 273 ? B LEU 273 
79 1 Y 1 B GLY 274 ? B GLY 274 
80 1 Y 1 B LEU 275 ? B LEU 275 
81 1 Y 1 C MET 1   ? C MET 1   
82 1 Y 1 C VAL 2   ? C VAL 2   
83 1 Y 1 C PHE 281 ? C PHE 281 
# 
loop_
_chem_comp_atom.comp_id 
_chem_comp_atom.atom_id 
_chem_comp_atom.type_symbol 
_chem_comp_atom.pdbx_aromatic_flag 
_chem_comp_atom.pdbx_stereo_config 
_chem_comp_atom.pdbx_ordinal 
ALA N      N  N N 1   
ALA CA     C  N S 2   
ALA C      C  N N 3   
ALA O      O  N N 4   
ALA CB     C  N N 5   
ALA OXT    O  N N 6   
ALA H      H  N N 7   
ALA H2     H  N N 8   
ALA HA     H  N N 9   
ALA HB1    H  N N 10  
ALA HB2    H  N N 11  
ALA HB3    H  N N 12  
ALA HXT    H  N N 13  
ARG N      N  N N 14  
ARG CA     C  N S 15  
ARG C      C  N N 16  
ARG O      O  N N 17  
ARG CB     C  N N 18  
ARG CG     C  N N 19  
ARG CD     C  N N 20  
ARG NE     N  N N 21  
ARG CZ     C  N N 22  
ARG NH1    N  N N 23  
ARG NH2    N  N N 24  
ARG OXT    O  N N 25  
ARG H      H  N N 26  
ARG H2     H  N N 27  
ARG HA     H  N N 28  
ARG HB2    H  N N 29  
ARG HB3    H  N N 30  
ARG HG2    H  N N 31  
ARG HG3    H  N N 32  
ARG HD2    H  N N 33  
ARG HD3    H  N N 34  
ARG HE     H  N N 35  
ARG HH11   H  N N 36  
ARG HH12   H  N N 37  
ARG HH21   H  N N 38  
ARG HH22   H  N N 39  
ARG HXT    H  N N 40  
ASN N      N  N N 41  
ASN CA     C  N S 42  
ASN C      C  N N 43  
ASN O      O  N N 44  
ASN CB     C  N N 45  
ASN CG     C  N N 46  
ASN OD1    O  N N 47  
ASN ND2    N  N N 48  
ASN OXT    O  N N 49  
ASN H      H  N N 50  
ASN H2     H  N N 51  
ASN HA     H  N N 52  
ASN HB2    H  N N 53  
ASN HB3    H  N N 54  
ASN HD21   H  N N 55  
ASN HD22   H  N N 56  
ASN HXT    H  N N 57  
ASP N      N  N N 58  
ASP CA     C  N S 59  
ASP C      C  N N 60  
ASP O      O  N N 61  
ASP CB     C  N N 62  
ASP CG     C  N N 63  
ASP OD1    O  N N 64  
ASP OD2    O  N N 65  
ASP OXT    O  N N 66  
ASP H      H  N N 67  
ASP H2     H  N N 68  
ASP HA     H  N N 69  
ASP HB2    H  N N 70  
ASP HB3    H  N N 71  
ASP HD2    H  N N 72  
ASP HXT    H  N N 73  
CYS N      N  N N 74  
CYS CA     C  N R 75  
CYS C      C  N N 76  
CYS O      O  N N 77  
CYS CB     C  N N 78  
CYS SG     S  N N 79  
CYS OXT    O  N N 80  
CYS H      H  N N 81  
CYS H2     H  N N 82  
CYS HA     H  N N 83  
CYS HB2    H  N N 84  
CYS HB3    H  N N 85  
CYS HG     H  N N 86  
CYS HXT    H  N N 87  
F42 N1     N  Y N 88  
F42 C2     C  Y N 89  
F42 O2     O  N N 90  
F42 N3     N  Y N 91  
F42 C4     C  Y N 92  
F42 O4     O  N N 93  
F42 C4A    C  Y N 94  
F42 C5     C  Y N 95  
F42 C5A    C  Y N 96  
F42 C6     C  Y N 97  
F42 C7     C  Y N 98  
F42 C8     C  Y N 99  
F42 O8M    O  N N 100 
F42 C9     C  Y N 101 
F42 C9A    C  Y N 102 
F42 N10    N  Y N 103 
F42 C10    C  Y N 104 
F42 "C1'"  C  N N 105 
F42 "C2'"  C  N S 106 
F42 "O2'"  O  N N 107 
F42 "C3'"  C  N S 108 
F42 "O3'"  O  N N 109 
F42 "C4'"  C  N R 110 
F42 "O4'"  O  N N 111 
F42 "C5'"  C  N N 112 
F42 "O5'"  O  N N 113 
F42 P      P  N R 114 
F42 O1P    O  N N 115 
F42 O2P    O  N N 116 
F42 O3P    O  N N 117 
F42 C1I    C  N S 118 
F42 C2I    C  N N 119 
F42 C3I    C  N N 120 
F42 O3I    O  N N 121 
F42 N1H    N  N N 122 
F42 C1H    C  N S 123 
F42 C2H    C  N N 124 
F42 O2U    O  N N 125 
F42 O2T    O  N N 126 
F42 C3H    C  N N 127 
F42 C4H    C  N N 128 
F42 C5H    C  N N 129 
F42 O5H    O  N N 130 
F42 N1G    N  N N 131 
F42 C1G    C  N S 132 
F42 C2G    C  N N 133 
F42 O2V    O  N N 134 
F42 O2W    O  N N 135 
F42 C3G    C  N N 136 
F42 C4G    C  N N 137 
F42 C5G    C  N N 138 
F42 O6G    O  N N 139 
F42 O7G    O  N N 140 
F42 HN3    H  N N 141 
F42 H5     H  N N 142 
F42 H6     H  N N 143 
F42 HC7    H  N N 144 
F42 HM81   H  N N 145 
F42 H9     H  N N 146 
F42 "H1'1" H  N N 147 
F42 "H1'2" H  N N 148 
F42 "H2'"  H  N N 149 
F42 "HO2'" H  N N 150 
F42 "H3'"  H  N N 151 
F42 "HO3'" H  N N 152 
F42 "H4'"  H  N N 153 
F42 "HO4'" H  N N 154 
F42 "H5'1" H  N N 155 
F42 "H5'2" H  N N 156 
F42 HOP2   H  N N 157 
F42 H1I1   H  N N 158 
F42 H2I1   H  N N 159 
F42 H2I2   H  N N 160 
F42 H2I3   H  N N 161 
F42 HNH1   H  N N 162 
F42 H1H1   H  N N 163 
F42 HXU    H  N N 164 
F42 H3H1   H  N N 165 
F42 H3H2   H  N N 166 
F42 H4H1   H  N N 167 
F42 H4H2   H  N N 168 
F42 HNG1   H  N N 169 
F42 H1G1   H  N N 170 
F42 HXV    H  N N 171 
F42 H3G1   H  N N 172 
F42 H3G2   H  N N 173 
F42 H4G1   H  N N 174 
F42 H4G2   H  N N 175 
F42 HXT    H  N N 176 
FAD PA     P  N R 177 
FAD O1A    O  N N 178 
FAD O2A    O  N N 179 
FAD O5B    O  N N 180 
FAD C5B    C  N N 181 
FAD C4B    C  N R 182 
FAD O4B    O  N N 183 
FAD C3B    C  N S 184 
FAD O3B    O  N N 185 
FAD C2B    C  N R 186 
FAD O2B    O  N N 187 
FAD C1B    C  N R 188 
FAD N9A    N  Y N 189 
FAD C8A    C  Y N 190 
FAD N7A    N  Y N 191 
FAD C5A    C  Y N 192 
FAD C6A    C  Y N 193 
FAD N6A    N  N N 194 
FAD N1A    N  Y N 195 
FAD C2A    C  Y N 196 
FAD N3A    N  Y N 197 
FAD C4A    C  Y N 198 
FAD N1     N  N N 199 
FAD C2     C  N N 200 
FAD O2     O  N N 201 
FAD N3     N  N N 202 
FAD C4     C  N N 203 
FAD O4     O  N N 204 
FAD C4X    C  N N 205 
FAD N5     N  N N 206 
FAD C5X    C  Y N 207 
FAD C6     C  Y N 208 
FAD C7     C  Y N 209 
FAD C7M    C  N N 210 
FAD C8     C  Y N 211 
FAD C8M    C  N N 212 
FAD C9     C  Y N 213 
FAD C9A    C  Y N 214 
FAD N10    N  N N 215 
FAD C10    C  N N 216 
FAD "C1'"  C  N N 217 
FAD "C2'"  C  N S 218 
FAD "O2'"  O  N N 219 
FAD "C3'"  C  N S 220 
FAD "O3'"  O  N N 221 
FAD "C4'"  C  N R 222 
FAD "O4'"  O  N N 223 
FAD "C5'"  C  N N 224 
FAD "O5'"  O  N N 225 
FAD P      P  N R 226 
FAD O1P    O  N N 227 
FAD O2P    O  N N 228 
FAD O3P    O  N N 229 
FAD HOA2   H  N N 230 
FAD H51A   H  N N 231 
FAD H52A   H  N N 232 
FAD H4B    H  N N 233 
FAD H3B    H  N N 234 
FAD HO3A   H  N N 235 
FAD H2B    H  N N 236 
FAD HO2A   H  N N 237 
FAD H1B    H  N N 238 
FAD H8A    H  N N 239 
FAD H61A   H  N N 240 
FAD H62A   H  N N 241 
FAD H2A    H  N N 242 
FAD HN3    H  N N 243 
FAD H6     H  N N 244 
FAD HM71   H  N N 245 
FAD HM72   H  N N 246 
FAD HM73   H  N N 247 
FAD HM81   H  N N 248 
FAD HM82   H  N N 249 
FAD HM83   H  N N 250 
FAD H9     H  N N 251 
FAD "H1'1" H  N N 252 
FAD "H1'2" H  N N 253 
FAD "H2'"  H  N N 254 
FAD "HO2'" H  N N 255 
FAD "H3'"  H  N N 256 
FAD "HO3'" H  N N 257 
FAD "H4'"  H  N N 258 
FAD "HO4'" H  N N 259 
FAD "H5'1" H  N N 260 
FAD "H5'2" H  N N 261 
FAD HOP2   H  N N 262 
FCO FE     FE N N 263 
FCO C1     C  N N 264 
FCO N1     N  N N 265 
FCO C2     C  N N 266 
FCO N2     N  N N 267 
FCO C3     C  N N 268 
FCO O3     O  N N 269 
FE2 FE     FE N N 270 
GLN N      N  N N 271 
GLN CA     C  N S 272 
GLN C      C  N N 273 
GLN O      O  N N 274 
GLN CB     C  N N 275 
GLN CG     C  N N 276 
GLN CD     C  N N 277 
GLN OE1    O  N N 278 
GLN NE2    N  N N 279 
GLN OXT    O  N N 280 
GLN H      H  N N 281 
GLN H2     H  N N 282 
GLN HA     H  N N 283 
GLN HB2    H  N N 284 
GLN HB3    H  N N 285 
GLN HG2    H  N N 286 
GLN HG3    H  N N 287 
GLN HE21   H  N N 288 
GLN HE22   H  N N 289 
GLN HXT    H  N N 290 
GLU N      N  N N 291 
GLU CA     C  N S 292 
GLU C      C  N N 293 
GLU O      O  N N 294 
GLU CB     C  N N 295 
GLU CG     C  N N 296 
GLU CD     C  N N 297 
GLU OE1    O  N N 298 
GLU OE2    O  N N 299 
GLU OXT    O  N N 300 
GLU H      H  N N 301 
GLU H2     H  N N 302 
GLU HA     H  N N 303 
GLU HB2    H  N N 304 
GLU HB3    H  N N 305 
GLU HG2    H  N N 306 
GLU HG3    H  N N 307 
GLU HE2    H  N N 308 
GLU HXT    H  N N 309 
GLY N      N  N N 310 
GLY CA     C  N N 311 
GLY C      C  N N 312 
GLY O      O  N N 313 
GLY OXT    O  N N 314 
GLY H      H  N N 315 
GLY H2     H  N N 316 
GLY HA2    H  N N 317 
GLY HA3    H  N N 318 
GLY HXT    H  N N 319 
HIS N      N  N N 320 
HIS CA     C  N S 321 
HIS C      C  N N 322 
HIS O      O  N N 323 
HIS CB     C  N N 324 
HIS CG     C  Y N 325 
HIS ND1    N  Y N 326 
HIS CD2    C  Y N 327 
HIS CE1    C  Y N 328 
HIS NE2    N  Y N 329 
HIS OXT    O  N N 330 
HIS H      H  N N 331 
HIS H2     H  N N 332 
HIS HA     H  N N 333 
HIS HB2    H  N N 334 
HIS HB3    H  N N 335 
HIS HD1    H  N N 336 
HIS HD2    H  N N 337 
HIS HE1    H  N N 338 
HIS HE2    H  N N 339 
HIS HXT    H  N N 340 
ILE N      N  N N 341 
ILE CA     C  N S 342 
ILE C      C  N N 343 
ILE O      O  N N 344 
ILE CB     C  N S 345 
ILE CG1    C  N N 346 
ILE CG2    C  N N 347 
ILE CD1    C  N N 348 
ILE OXT    O  N N 349 
ILE H      H  N N 350 
ILE H2     H  N N 351 
ILE HA     H  N N 352 
ILE HB     H  N N 353 
ILE HG12   H  N N 354 
ILE HG13   H  N N 355 
ILE HG21   H  N N 356 
ILE HG22   H  N N 357 
ILE HG23   H  N N 358 
ILE HD11   H  N N 359 
ILE HD12   H  N N 360 
ILE HD13   H  N N 361 
ILE HXT    H  N N 362 
LEU N      N  N N 363 
LEU CA     C  N S 364 
LEU C      C  N N 365 
LEU O      O  N N 366 
LEU CB     C  N N 367 
LEU CG     C  N N 368 
LEU CD1    C  N N 369 
LEU CD2    C  N N 370 
LEU OXT    O  N N 371 
LEU H      H  N N 372 
LEU H2     H  N N 373 
LEU HA     H  N N 374 
LEU HB2    H  N N 375 
LEU HB3    H  N N 376 
LEU HG     H  N N 377 
LEU HD11   H  N N 378 
LEU HD12   H  N N 379 
LEU HD13   H  N N 380 
LEU HD21   H  N N 381 
LEU HD22   H  N N 382 
LEU HD23   H  N N 383 
LEU HXT    H  N N 384 
LYS N      N  N N 385 
LYS CA     C  N S 386 
LYS C      C  N N 387 
LYS O      O  N N 388 
LYS CB     C  N N 389 
LYS CG     C  N N 390 
LYS CD     C  N N 391 
LYS CE     C  N N 392 
LYS NZ     N  N N 393 
LYS OXT    O  N N 394 
LYS H      H  N N 395 
LYS H2     H  N N 396 
LYS HA     H  N N 397 
LYS HB2    H  N N 398 
LYS HB3    H  N N 399 
LYS HG2    H  N N 400 
LYS HG3    H  N N 401 
LYS HD2    H  N N 402 
LYS HD3    H  N N 403 
LYS HE2    H  N N 404 
LYS HE3    H  N N 405 
LYS HZ1    H  N N 406 
LYS HZ2    H  N N 407 
LYS HZ3    H  N N 408 
LYS HXT    H  N N 409 
MET N      N  N N 410 
MET CA     C  N S 411 
MET C      C  N N 412 
MET O      O  N N 413 
MET CB     C  N N 414 
MET CG     C  N N 415 
MET SD     S  N N 416 
MET CE     C  N N 417 
MET OXT    O  N N 418 
MET H      H  N N 419 
MET H2     H  N N 420 
MET HA     H  N N 421 
MET HB2    H  N N 422 
MET HB3    H  N N 423 
MET HG2    H  N N 424 
MET HG3    H  N N 425 
MET HE1    H  N N 426 
MET HE2    H  N N 427 
MET HE3    H  N N 428 
MET HXT    H  N N 429 
NI  NI     NI N N 430 
PHE N      N  N N 431 
PHE CA     C  N S 432 
PHE C      C  N N 433 
PHE O      O  N N 434 
PHE CB     C  N N 435 
PHE CG     C  Y N 436 
PHE CD1    C  Y N 437 
PHE CD2    C  Y N 438 
PHE CE1    C  Y N 439 
PHE CE2    C  Y N 440 
PHE CZ     C  Y N 441 
PHE OXT    O  N N 442 
PHE H      H  N N 443 
PHE H2     H  N N 444 
PHE HA     H  N N 445 
PHE HB2    H  N N 446 
PHE HB3    H  N N 447 
PHE HD1    H  N N 448 
PHE HD2    H  N N 449 
PHE HE1    H  N N 450 
PHE HE2    H  N N 451 
PHE HZ     H  N N 452 
PHE HXT    H  N N 453 
PRO N      N  N N 454 
PRO CA     C  N S 455 
PRO C      C  N N 456 
PRO O      O  N N 457 
PRO CB     C  N N 458 
PRO CG     C  N N 459 
PRO CD     C  N N 460 
PRO OXT    O  N N 461 
PRO H      H  N N 462 
PRO HA     H  N N 463 
PRO HB2    H  N N 464 
PRO HB3    H  N N 465 
PRO HG2    H  N N 466 
PRO HG3    H  N N 467 
PRO HD2    H  N N 468 
PRO HD3    H  N N 469 
PRO HXT    H  N N 470 
SER N      N  N N 471 
SER CA     C  N S 472 
SER C      C  N N 473 
SER O      O  N N 474 
SER CB     C  N N 475 
SER OG     O  N N 476 
SER OXT    O  N N 477 
SER H      H  N N 478 
SER H2     H  N N 479 
SER HA     H  N N 480 
SER HB2    H  N N 481 
SER HB3    H  N N 482 
SER HG     H  N N 483 
SER HXT    H  N N 484 
SF4 FE1    FE N N 485 
SF4 FE2    FE N N 486 
SF4 FE3    FE N N 487 
SF4 FE4    FE N N 488 
SF4 S1     S  N N 489 
SF4 S2     S  N N 490 
SF4 S3     S  N N 491 
SF4 S4     S  N N 492 
THR N      N  N N 493 
THR CA     C  N S 494 
THR C      C  N N 495 
THR O      O  N N 496 
THR CB     C  N R 497 
THR OG1    O  N N 498 
THR CG2    C  N N 499 
THR OXT    O  N N 500 
THR H      H  N N 501 
THR H2     H  N N 502 
THR HA     H  N N 503 
THR HB     H  N N 504 
THR HG1    H  N N 505 
THR HG21   H  N N 506 
THR HG22   H  N N 507 
THR HG23   H  N N 508 
THR HXT    H  N N 509 
TRP N      N  N N 510 
TRP CA     C  N S 511 
TRP C      C  N N 512 
TRP O      O  N N 513 
TRP CB     C  N N 514 
TRP CG     C  Y N 515 
TRP CD1    C  Y N 516 
TRP CD2    C  Y N 517 
TRP NE1    N  Y N 518 
TRP CE2    C  Y N 519 
TRP CE3    C  Y N 520 
TRP CZ2    C  Y N 521 
TRP CZ3    C  Y N 522 
TRP CH2    C  Y N 523 
TRP OXT    O  N N 524 
TRP H      H  N N 525 
TRP H2     H  N N 526 
TRP HA     H  N N 527 
TRP HB2    H  N N 528 
TRP HB3    H  N N 529 
TRP HD1    H  N N 530 
TRP HE1    H  N N 531 
TRP HE3    H  N N 532 
TRP HZ2    H  N N 533 
TRP HZ3    H  N N 534 
TRP HH2    H  N N 535 
TRP HXT    H  N N 536 
TYR N      N  N N 537 
TYR CA     C  N S 538 
TYR C      C  N N 539 
TYR O      O  N N 540 
TYR CB     C  N N 541 
TYR CG     C  Y N 542 
TYR CD1    C  Y N 543 
TYR CD2    C  Y N 544 
TYR CE1    C  Y N 545 
TYR CE2    C  Y N 546 
TYR CZ     C  Y N 547 
TYR OH     O  N N 548 
TYR OXT    O  N N 549 
TYR H      H  N N 550 
TYR H2     H  N N 551 
TYR HA     H  N N 552 
TYR HB2    H  N N 553 
TYR HB3    H  N N 554 
TYR HD1    H  N N 555 
TYR HD2    H  N N 556 
TYR HE1    H  N N 557 
TYR HE2    H  N N 558 
TYR HH     H  N N 559 
TYR HXT    H  N N 560 
VAL N      N  N N 561 
VAL CA     C  N S 562 
VAL C      C  N N 563 
VAL O      O  N N 564 
VAL CB     C  N N 565 
VAL CG1    C  N N 566 
VAL CG2    C  N N 567 
VAL OXT    O  N N 568 
VAL H      H  N N 569 
VAL H2     H  N N 570 
VAL HA     H  N N 571 
VAL HB     H  N N 572 
VAL HG11   H  N N 573 
VAL HG12   H  N N 574 
VAL HG13   H  N N 575 
VAL HG21   H  N N 576 
VAL HG22   H  N N 577 
VAL HG23   H  N N 578 
VAL HXT    H  N N 579 
# 
loop_
_chem_comp_bond.comp_id 
_chem_comp_bond.atom_id_1 
_chem_comp_bond.atom_id_2 
_chem_comp_bond.value_order 
_chem_comp_bond.pdbx_aromatic_flag 
_chem_comp_bond.pdbx_stereo_config 
_chem_comp_bond.pdbx_ordinal 
ALA N     CA     sing N N 1   
ALA N     H      sing N N 2   
ALA N     H2     sing N N 3   
ALA CA    C      sing N N 4   
ALA CA    CB     sing N N 5   
ALA CA    HA     sing N N 6   
ALA C     O      doub N N 7   
ALA C     OXT    sing N N 8   
ALA CB    HB1    sing N N 9   
ALA CB    HB2    sing N N 10  
ALA CB    HB3    sing N N 11  
ALA OXT   HXT    sing N N 12  
ARG N     CA     sing N N 13  
ARG N     H      sing N N 14  
ARG N     H2     sing N N 15  
ARG CA    C      sing N N 16  
ARG CA    CB     sing N N 17  
ARG CA    HA     sing N N 18  
ARG C     O      doub N N 19  
ARG C     OXT    sing N N 20  
ARG CB    CG     sing N N 21  
ARG CB    HB2    sing N N 22  
ARG CB    HB3    sing N N 23  
ARG CG    CD     sing N N 24  
ARG CG    HG2    sing N N 25  
ARG CG    HG3    sing N N 26  
ARG CD    NE     sing N N 27  
ARG CD    HD2    sing N N 28  
ARG CD    HD3    sing N N 29  
ARG NE    CZ     sing N N 30  
ARG NE    HE     sing N N 31  
ARG CZ    NH1    sing N N 32  
ARG CZ    NH2    doub N N 33  
ARG NH1   HH11   sing N N 34  
ARG NH1   HH12   sing N N 35  
ARG NH2   HH21   sing N N 36  
ARG NH2   HH22   sing N N 37  
ARG OXT   HXT    sing N N 38  
ASN N     CA     sing N N 39  
ASN N     H      sing N N 40  
ASN N     H2     sing N N 41  
ASN CA    C      sing N N 42  
ASN CA    CB     sing N N 43  
ASN CA    HA     sing N N 44  
ASN C     O      doub N N 45  
ASN C     OXT    sing N N 46  
ASN CB    CG     sing N N 47  
ASN CB    HB2    sing N N 48  
ASN CB    HB3    sing N N 49  
ASN CG    OD1    doub N N 50  
ASN CG    ND2    sing N N 51  
ASN ND2   HD21   sing N N 52  
ASN ND2   HD22   sing N N 53  
ASN OXT   HXT    sing N N 54  
ASP N     CA     sing N N 55  
ASP N     H      sing N N 56  
ASP N     H2     sing N N 57  
ASP CA    C      sing N N 58  
ASP CA    CB     sing N N 59  
ASP CA    HA     sing N N 60  
ASP C     O      doub N N 61  
ASP C     OXT    sing N N 62  
ASP CB    CG     sing N N 63  
ASP CB    HB2    sing N N 64  
ASP CB    HB3    sing N N 65  
ASP CG    OD1    doub N N 66  
ASP CG    OD2    sing N N 67  
ASP OD2   HD2    sing N N 68  
ASP OXT   HXT    sing N N 69  
CYS N     CA     sing N N 70  
CYS N     H      sing N N 71  
CYS N     H2     sing N N 72  
CYS CA    C      sing N N 73  
CYS CA    CB     sing N N 74  
CYS CA    HA     sing N N 75  
CYS C     O      doub N N 76  
CYS C     OXT    sing N N 77  
CYS CB    SG     sing N N 78  
CYS CB    HB2    sing N N 79  
CYS CB    HB3    sing N N 80  
CYS SG    HG     sing N N 81  
CYS OXT   HXT    sing N N 82  
F42 N1    C2     sing Y N 83  
F42 N1    C10    doub Y N 84  
F42 C2    O2     doub N N 85  
F42 C2    N3     sing Y N 86  
F42 N3    C4     sing Y N 87  
F42 N3    HN3    sing N N 88  
F42 C4    O4     doub N N 89  
F42 C4    C4A    sing Y N 90  
F42 C4A   C5     doub Y N 91  
F42 C4A   C10    sing Y N 92  
F42 C5    C5A    sing Y N 93  
F42 C5    H5     sing N N 94  
F42 C5A   C6     doub Y N 95  
F42 C5A   C9A    sing Y N 96  
F42 C6    C7     sing Y N 97  
F42 C6    H6     sing N N 98  
F42 C7    C8     doub Y N 99  
F42 C7    HC7    sing N N 100 
F42 C8    O8M    sing N N 101 
F42 C8    C9     sing Y N 102 
F42 O8M   HM81   sing N N 103 
F42 C9    C9A    doub Y N 104 
F42 C9    H9     sing N N 105 
F42 C9A   N10    sing Y N 106 
F42 N10   C10    sing Y N 107 
F42 N10   "C1'"  sing N N 108 
F42 "C1'" "C2'"  sing N N 109 
F42 "C1'" "H1'1" sing N N 110 
F42 "C1'" "H1'2" sing N N 111 
F42 "C2'" "O2'"  sing N N 112 
F42 "C2'" "C3'"  sing N N 113 
F42 "C2'" "H2'"  sing N N 114 
F42 "O2'" "HO2'" sing N N 115 
F42 "C3'" "O3'"  sing N N 116 
F42 "C3'" "C4'"  sing N N 117 
F42 "C3'" "H3'"  sing N N 118 
F42 "O3'" "HO3'" sing N N 119 
F42 "C4'" "O4'"  sing N N 120 
F42 "C4'" "C5'"  sing N N 121 
F42 "C4'" "H4'"  sing N N 122 
F42 "O4'" "HO4'" sing N N 123 
F42 "C5'" "O5'"  sing N N 124 
F42 "C5'" "H5'1" sing N N 125 
F42 "C5'" "H5'2" sing N N 126 
F42 "O5'" P      sing N N 127 
F42 P     O1P    doub N N 128 
F42 P     O2P    sing N N 129 
F42 P     O3P    sing N N 130 
F42 O2P   HOP2   sing N N 131 
F42 O3P   C1I    sing N N 132 
F42 C1I   C2I    sing N N 133 
F42 C1I   C3I    sing N N 134 
F42 C1I   H1I1   sing N N 135 
F42 C2I   H2I1   sing N N 136 
F42 C2I   H2I2   sing N N 137 
F42 C2I   H2I3   sing N N 138 
F42 C3I   O3I    doub N N 139 
F42 C3I   N1H    sing N N 140 
F42 N1H   C1H    sing N N 141 
F42 N1H   HNH1   sing N N 142 
F42 C1H   C2H    sing N N 143 
F42 C1H   C3H    sing N N 144 
F42 C1H   H1H1   sing N N 145 
F42 C2H   O2U    sing N N 146 
F42 C2H   O2T    doub N N 147 
F42 O2U   HXU    sing N N 148 
F42 C3H   C4H    sing N N 149 
F42 C3H   H3H1   sing N N 150 
F42 C3H   H3H2   sing N N 151 
F42 C4H   C5H    sing N N 152 
F42 C4H   H4H1   sing N N 153 
F42 C4H   H4H2   sing N N 154 
F42 C5H   O5H    doub N N 155 
F42 C5H   N1G    sing N N 156 
F42 N1G   C1G    sing N N 157 
F42 N1G   HNG1   sing N N 158 
F42 C1G   C2G    sing N N 159 
F42 C1G   C3G    sing N N 160 
F42 C1G   H1G1   sing N N 161 
F42 C2G   O2V    sing N N 162 
F42 C2G   O2W    doub N N 163 
F42 O2V   HXV    sing N N 164 
F42 C3G   C4G    sing N N 165 
F42 C3G   H3G1   sing N N 166 
F42 C3G   H3G2   sing N N 167 
F42 C4G   C5G    sing N N 168 
F42 C4G   H4G1   sing N N 169 
F42 C4G   H4G2   sing N N 170 
F42 C5G   O6G    sing N N 171 
F42 C5G   O7G    doub N N 172 
F42 O6G   HXT    sing N N 173 
FAD PA    O1A    doub N N 174 
FAD PA    O2A    sing N N 175 
FAD PA    O5B    sing N N 176 
FAD PA    O3P    sing N N 177 
FAD O2A   HOA2   sing N N 178 
FAD O5B   C5B    sing N N 179 
FAD C5B   C4B    sing N N 180 
FAD C5B   H51A   sing N N 181 
FAD C5B   H52A   sing N N 182 
FAD C4B   O4B    sing N N 183 
FAD C4B   C3B    sing N N 184 
FAD C4B   H4B    sing N N 185 
FAD O4B   C1B    sing N N 186 
FAD C3B   O3B    sing N N 187 
FAD C3B   C2B    sing N N 188 
FAD C3B   H3B    sing N N 189 
FAD O3B   HO3A   sing N N 190 
FAD C2B   O2B    sing N N 191 
FAD C2B   C1B    sing N N 192 
FAD C2B   H2B    sing N N 193 
FAD O2B   HO2A   sing N N 194 
FAD C1B   N9A    sing N N 195 
FAD C1B   H1B    sing N N 196 
FAD N9A   C8A    sing Y N 197 
FAD N9A   C4A    sing Y N 198 
FAD C8A   N7A    doub Y N 199 
FAD C8A   H8A    sing N N 200 
FAD N7A   C5A    sing Y N 201 
FAD C5A   C6A    sing Y N 202 
FAD C5A   C4A    doub Y N 203 
FAD C6A   N6A    sing N N 204 
FAD C6A   N1A    doub Y N 205 
FAD N6A   H61A   sing N N 206 
FAD N6A   H62A   sing N N 207 
FAD N1A   C2A    sing Y N 208 
FAD C2A   N3A    doub Y N 209 
FAD C2A   H2A    sing N N 210 
FAD N3A   C4A    sing Y N 211 
FAD N1    C2     sing N N 212 
FAD N1    C10    doub N N 213 
FAD C2    O2     doub N N 214 
FAD C2    N3     sing N N 215 
FAD N3    C4     sing N N 216 
FAD N3    HN3    sing N N 217 
FAD C4    O4     doub N N 218 
FAD C4    C4X    sing N N 219 
FAD C4X   N5     doub N N 220 
FAD C4X   C10    sing N N 221 
FAD N5    C5X    sing N N 222 
FAD C5X   C6     doub Y N 223 
FAD C5X   C9A    sing Y N 224 
FAD C6    C7     sing Y N 225 
FAD C6    H6     sing N N 226 
FAD C7    C7M    sing N N 227 
FAD C7    C8     doub Y N 228 
FAD C7M   HM71   sing N N 229 
FAD C7M   HM72   sing N N 230 
FAD C7M   HM73   sing N N 231 
FAD C8    C8M    sing N N 232 
FAD C8    C9     sing Y N 233 
FAD C8M   HM81   sing N N 234 
FAD C8M   HM82   sing N N 235 
FAD C8M   HM83   sing N N 236 
FAD C9    C9A    doub Y N 237 
FAD C9    H9     sing N N 238 
FAD C9A   N10    sing N N 239 
FAD N10   C10    sing N N 240 
FAD N10   "C1'"  sing N N 241 
FAD "C1'" "C2'"  sing N N 242 
FAD "C1'" "H1'1" sing N N 243 
FAD "C1'" "H1'2" sing N N 244 
FAD "C2'" "O2'"  sing N N 245 
FAD "C2'" "C3'"  sing N N 246 
FAD "C2'" "H2'"  sing N N 247 
FAD "O2'" "HO2'" sing N N 248 
FAD "C3'" "O3'"  sing N N 249 
FAD "C3'" "C4'"  sing N N 250 
FAD "C3'" "H3'"  sing N N 251 
FAD "O3'" "HO3'" sing N N 252 
FAD "C4'" "O4'"  sing N N 253 
FAD "C4'" "C5'"  sing N N 254 
FAD "C4'" "H4'"  sing N N 255 
FAD "O4'" "HO4'" sing N N 256 
FAD "C5'" "O5'"  sing N N 257 
FAD "C5'" "H5'1" sing N N 258 
FAD "C5'" "H5'2" sing N N 259 
FAD "O5'" P      sing N N 260 
FAD P     O1P    doub N N 261 
FAD P     O2P    sing N N 262 
FAD P     O3P    sing N N 263 
FAD O2P   HOP2   sing N N 264 
FCO FE    C1     sing N N 265 
FCO FE    C2     sing N N 266 
FCO FE    C3     doub N N 267 
FCO C1    N1     trip N N 268 
FCO C2    N2     trip N N 269 
FCO C3    O3     doub N N 270 
GLN N     CA     sing N N 271 
GLN N     H      sing N N 272 
GLN N     H2     sing N N 273 
GLN CA    C      sing N N 274 
GLN CA    CB     sing N N 275 
GLN CA    HA     sing N N 276 
GLN C     O      doub N N 277 
GLN C     OXT    sing N N 278 
GLN CB    CG     sing N N 279 
GLN CB    HB2    sing N N 280 
GLN CB    HB3    sing N N 281 
GLN CG    CD     sing N N 282 
GLN CG    HG2    sing N N 283 
GLN CG    HG3    sing N N 284 
GLN CD    OE1    doub N N 285 
GLN CD    NE2    sing N N 286 
GLN NE2   HE21   sing N N 287 
GLN NE2   HE22   sing N N 288 
GLN OXT   HXT    sing N N 289 
GLU N     CA     sing N N 290 
GLU N     H      sing N N 291 
GLU N     H2     sing N N 292 
GLU CA    C      sing N N 293 
GLU CA    CB     sing N N 294 
GLU CA    HA     sing N N 295 
GLU C     O      doub N N 296 
GLU C     OXT    sing N N 297 
GLU CB    CG     sing N N 298 
GLU CB    HB2    sing N N 299 
GLU CB    HB3    sing N N 300 
GLU CG    CD     sing N N 301 
GLU CG    HG2    sing N N 302 
GLU CG    HG3    sing N N 303 
GLU CD    OE1    doub N N 304 
GLU CD    OE2    sing N N 305 
GLU OE2   HE2    sing N N 306 
GLU OXT   HXT    sing N N 307 
GLY N     CA     sing N N 308 
GLY N     H      sing N N 309 
GLY N     H2     sing N N 310 
GLY CA    C      sing N N 311 
GLY CA    HA2    sing N N 312 
GLY CA    HA3    sing N N 313 
GLY C     O      doub N N 314 
GLY C     OXT    sing N N 315 
GLY OXT   HXT    sing N N 316 
HIS N     CA     sing N N 317 
HIS N     H      sing N N 318 
HIS N     H2     sing N N 319 
HIS CA    C      sing N N 320 
HIS CA    CB     sing N N 321 
HIS CA    HA     sing N N 322 
HIS C     O      doub N N 323 
HIS C     OXT    sing N N 324 
HIS CB    CG     sing N N 325 
HIS CB    HB2    sing N N 326 
HIS CB    HB3    sing N N 327 
HIS CG    ND1    sing Y N 328 
HIS CG    CD2    doub Y N 329 
HIS ND1   CE1    doub Y N 330 
HIS ND1   HD1    sing N N 331 
HIS CD2   NE2    sing Y N 332 
HIS CD2   HD2    sing N N 333 
HIS CE1   NE2    sing Y N 334 
HIS CE1   HE1    sing N N 335 
HIS NE2   HE2    sing N N 336 
HIS OXT   HXT    sing N N 337 
ILE N     CA     sing N N 338 
ILE N     H      sing N N 339 
ILE N     H2     sing N N 340 
ILE CA    C      sing N N 341 
ILE CA    CB     sing N N 342 
ILE CA    HA     sing N N 343 
ILE C     O      doub N N 344 
ILE C     OXT    sing N N 345 
ILE CB    CG1    sing N N 346 
ILE CB    CG2    sing N N 347 
ILE CB    HB     sing N N 348 
ILE CG1   CD1    sing N N 349 
ILE CG1   HG12   sing N N 350 
ILE CG1   HG13   sing N N 351 
ILE CG2   HG21   sing N N 352 
ILE CG2   HG22   sing N N 353 
ILE CG2   HG23   sing N N 354 
ILE CD1   HD11   sing N N 355 
ILE CD1   HD12   sing N N 356 
ILE CD1   HD13   sing N N 357 
ILE OXT   HXT    sing N N 358 
LEU N     CA     sing N N 359 
LEU N     H      sing N N 360 
LEU N     H2     sing N N 361 
LEU CA    C      sing N N 362 
LEU CA    CB     sing N N 363 
LEU CA    HA     sing N N 364 
LEU C     O      doub N N 365 
LEU C     OXT    sing N N 366 
LEU CB    CG     sing N N 367 
LEU CB    HB2    sing N N 368 
LEU CB    HB3    sing N N 369 
LEU CG    CD1    sing N N 370 
LEU CG    CD2    sing N N 371 
LEU CG    HG     sing N N 372 
LEU CD1   HD11   sing N N 373 
LEU CD1   HD12   sing N N 374 
LEU CD1   HD13   sing N N 375 
LEU CD2   HD21   sing N N 376 
LEU CD2   HD22   sing N N 377 
LEU CD2   HD23   sing N N 378 
LEU OXT   HXT    sing N N 379 
LYS N     CA     sing N N 380 
LYS N     H      sing N N 381 
LYS N     H2     sing N N 382 
LYS CA    C      sing N N 383 
LYS CA    CB     sing N N 384 
LYS CA    HA     sing N N 385 
LYS C     O      doub N N 386 
LYS C     OXT    sing N N 387 
LYS CB    CG     sing N N 388 
LYS CB    HB2    sing N N 389 
LYS CB    HB3    sing N N 390 
LYS CG    CD     sing N N 391 
LYS CG    HG2    sing N N 392 
LYS CG    HG3    sing N N 393 
LYS CD    CE     sing N N 394 
LYS CD    HD2    sing N N 395 
LYS CD    HD3    sing N N 396 
LYS CE    NZ     sing N N 397 
LYS CE    HE2    sing N N 398 
LYS CE    HE3    sing N N 399 
LYS NZ    HZ1    sing N N 400 
LYS NZ    HZ2    sing N N 401 
LYS NZ    HZ3    sing N N 402 
LYS OXT   HXT    sing N N 403 
MET N     CA     sing N N 404 
MET N     H      sing N N 405 
MET N     H2     sing N N 406 
MET CA    C      sing N N 407 
MET CA    CB     sing N N 408 
MET CA    HA     sing N N 409 
MET C     O      doub N N 410 
MET C     OXT    sing N N 411 
MET CB    CG     sing N N 412 
MET CB    HB2    sing N N 413 
MET CB    HB3    sing N N 414 
MET CG    SD     sing N N 415 
MET CG    HG2    sing N N 416 
MET CG    HG3    sing N N 417 
MET SD    CE     sing N N 418 
MET CE    HE1    sing N N 419 
MET CE    HE2    sing N N 420 
MET CE    HE3    sing N N 421 
MET OXT   HXT    sing N N 422 
PHE N     CA     sing N N 423 
PHE N     H      sing N N 424 
PHE N     H2     sing N N 425 
PHE CA    C      sing N N 426 
PHE CA    CB     sing N N 427 
PHE CA    HA     sing N N 428 
PHE C     O      doub N N 429 
PHE C     OXT    sing N N 430 
PHE CB    CG     sing N N 431 
PHE CB    HB2    sing N N 432 
PHE CB    HB3    sing N N 433 
PHE CG    CD1    doub Y N 434 
PHE CG    CD2    sing Y N 435 
PHE CD1   CE1    sing Y N 436 
PHE CD1   HD1    sing N N 437 
PHE CD2   CE2    doub Y N 438 
PHE CD2   HD2    sing N N 439 
PHE CE1   CZ     doub Y N 440 
PHE CE1   HE1    sing N N 441 
PHE CE2   CZ     sing Y N 442 
PHE CE2   HE2    sing N N 443 
PHE CZ    HZ     sing N N 444 
PHE OXT   HXT    sing N N 445 
PRO N     CA     sing N N 446 
PRO N     CD     sing N N 447 
PRO N     H      sing N N 448 
PRO CA    C      sing N N 449 
PRO CA    CB     sing N N 450 
PRO CA    HA     sing N N 451 
PRO C     O      doub N N 452 
PRO C     OXT    sing N N 453 
PRO CB    CG     sing N N 454 
PRO CB    HB2    sing N N 455 
PRO CB    HB3    sing N N 456 
PRO CG    CD     sing N N 457 
PRO CG    HG2    sing N N 458 
PRO CG    HG3    sing N N 459 
PRO CD    HD2    sing N N 460 
PRO CD    HD3    sing N N 461 
PRO OXT   HXT    sing N N 462 
SER N     CA     sing N N 463 
SER N     H      sing N N 464 
SER N     H2     sing N N 465 
SER CA    C      sing N N 466 
SER CA    CB     sing N N 467 
SER CA    HA     sing N N 468 
SER C     O      doub N N 469 
SER C     OXT    sing N N 470 
SER CB    OG     sing N N 471 
SER CB    HB2    sing N N 472 
SER CB    HB3    sing N N 473 
SER OG    HG     sing N N 474 
SER OXT   HXT    sing N N 475 
SF4 FE1   S2     sing N N 476 
SF4 FE1   S3     sing N N 477 
SF4 FE1   S4     sing N N 478 
SF4 FE2   S1     sing N N 479 
SF4 FE2   S3     sing N N 480 
SF4 FE2   S4     sing N N 481 
SF4 FE3   S1     sing N N 482 
SF4 FE3   S2     sing N N 483 
SF4 FE3   S4     sing N N 484 
SF4 FE4   S1     sing N N 485 
SF4 FE4   S2     sing N N 486 
SF4 FE4   S3     sing N N 487 
THR N     CA     sing N N 488 
THR N     H      sing N N 489 
THR N     H2     sing N N 490 
THR CA    C      sing N N 491 
THR CA    CB     sing N N 492 
THR CA    HA     sing N N 493 
THR C     O      doub N N 494 
THR C     OXT    sing N N 495 
THR CB    OG1    sing N N 496 
THR CB    CG2    sing N N 497 
THR CB    HB     sing N N 498 
THR OG1   HG1    sing N N 499 
THR CG2   HG21   sing N N 500 
THR CG2   HG22   sing N N 501 
THR CG2   HG23   sing N N 502 
THR OXT   HXT    sing N N 503 
TRP N     CA     sing N N 504 
TRP N     H      sing N N 505 
TRP N     H2     sing N N 506 
TRP CA    C      sing N N 507 
TRP CA    CB     sing N N 508 
TRP CA    HA     sing N N 509 
TRP C     O      doub N N 510 
TRP C     OXT    sing N N 511 
TRP CB    CG     sing N N 512 
TRP CB    HB2    sing N N 513 
TRP CB    HB3    sing N N 514 
TRP CG    CD1    doub Y N 515 
TRP CG    CD2    sing Y N 516 
TRP CD1   NE1    sing Y N 517 
TRP CD1   HD1    sing N N 518 
TRP CD2   CE2    doub Y N 519 
TRP CD2   CE3    sing Y N 520 
TRP NE1   CE2    sing Y N 521 
TRP NE1   HE1    sing N N 522 
TRP CE2   CZ2    sing Y N 523 
TRP CE3   CZ3    doub Y N 524 
TRP CE3   HE3    sing N N 525 
TRP CZ2   CH2    doub Y N 526 
TRP CZ2   HZ2    sing N N 527 
TRP CZ3   CH2    sing Y N 528 
TRP CZ3   HZ3    sing N N 529 
TRP CH2   HH2    sing N N 530 
TRP OXT   HXT    sing N N 531 
TYR N     CA     sing N N 532 
TYR N     H      sing N N 533 
TYR N     H2     sing N N 534 
TYR CA    C      sing N N 535 
TYR CA    CB     sing N N 536 
TYR CA    HA     sing N N 537 
TYR C     O      doub N N 538 
TYR C     OXT    sing N N 539 
TYR CB    CG     sing N N 540 
TYR CB    HB2    sing N N 541 
TYR CB    HB3    sing N N 542 
TYR CG    CD1    doub Y N 543 
TYR CG    CD2    sing Y N 544 
TYR CD1   CE1    sing Y N 545 
TYR CD1   HD1    sing N N 546 
TYR CD2   CE2    doub Y N 547 
TYR CD2   HD2    sing N N 548 
TYR CE1   CZ     doub Y N 549 
TYR CE1   HE1    sing N N 550 
TYR CE2   CZ     sing Y N 551 
TYR CE2   HE2    sing N N 552 
TYR CZ    OH     sing N N 553 
TYR OH    HH     sing N N 554 
TYR OXT   HXT    sing N N 555 
VAL N     CA     sing N N 556 
VAL N     H      sing N N 557 
VAL N     H2     sing N N 558 
VAL CA    C      sing N N 559 
VAL CA    CB     sing N N 560 
VAL CA    HA     sing N N 561 
VAL C     O      doub N N 562 
VAL C     OXT    sing N N 563 
VAL CB    CG1    sing N N 564 
VAL CB    CG2    sing N N 565 
VAL CB    HB     sing N N 566 
VAL CG1   HG11   sing N N 567 
VAL CG1   HG12   sing N N 568 
VAL CG1   HG13   sing N N 569 
VAL CG2   HG21   sing N N 570 
VAL CG2   HG22   sing N N 571 
VAL CG2   HG23   sing N N 572 
VAL OXT   HXT    sing N N 573 
# 
_em_ctf_correction.id        1 
_em_ctf_correction.details   'PER MICROGRAPH' 
_em_ctf_correction.type      ? 
# 
_em_image_processing.id                   1 
_em_image_processing.image_recording_id   1 
_em_image_processing.details              ? 
# 
_em_image_recording.avg_electron_dose_per_image   15 
_em_image_recording.details                       ? 
_em_image_recording.id                            1 
_em_image_recording.film_or_detector_model        'KODAK SO-163 FILM' 
_em_image_recording.imaging_id                    1 
_em_image_recording.detector_mode                 ? 
_em_image_recording.average_exposure_time         ? 
_em_image_recording.num_diffraction_images        ? 
_em_image_recording.num_grids_imaged              ? 
_em_image_recording.num_real_images               ? 
# 
loop_
_em_software.id 
_em_software.name 
_em_software.version 
_em_software.category 
_em_software.details 
_em_software.image_processing_id 
_em_software.imaging_id 
_em_software.fitting_id 
1 Coot           ? 'MODEL FITTING' ? ? ? 1 
2 'UCSF Chimera' ? 'MODEL FITTING' ? ? ? 1 
3 EMAN           2 RECONSTRUCTION  ? 1 ? ? 
# 
_em_specimen.experiment_id           1 
_em_specimen.id                      1 
_em_specimen.concentration           0.7 
_em_specimen.vitrification_applied   YES 
_em_specimen.staining_applied        NO 
_em_specimen.embedding_applied       NO 
_em_specimen.shadowing_applied       NO 
_em_specimen.details                 ? 
# 
loop_
_pdbx_coordinate_model.asym_id 
_pdbx_coordinate_model.type 
A 'CA ATOMS ONLY' 
B 'CA ATOMS ONLY' 
C 'CA ATOMS ONLY' 
# 
_pdbx_initial_refinement_model.id               1 
_pdbx_initial_refinement_model.type             'experimental model' 
_pdbx_initial_refinement_model.source_name      PDB 
_pdbx_initial_refinement_model.accession_code   2WPN 
# 
_atom_sites.entry_id                    3ZFS 
_atom_sites.fract_transf_matrix[1][1]   1.000000 
_atom_sites.fract_transf_matrix[1][2]   0.000000 
_atom_sites.fract_transf_matrix[1][3]   0.000000 
_atom_sites.fract_transf_matrix[2][1]   0.000000 
_atom_sites.fract_transf_matrix[2][2]   1.000000 
_atom_sites.fract_transf_matrix[2][3]   0.000000 
_atom_sites.fract_transf_matrix[3][1]   0.000000 
_atom_sites.fract_transf_matrix[3][2]   0.000000 
_atom_sites.fract_transf_matrix[3][3]   1.000000 
_atom_sites.fract_transf_vector[1]      0.00000 
_atom_sites.fract_transf_vector[2]      0.00000 
_atom_sites.fract_transf_vector[3]      0.00000 
# 
loop_
_atom_type.symbol 
C  
FE 
N  
NI 
O  
P  
S  
# 
loop_
_atom_site.group_PDB 
_atom_site.id 
_atom_site.type_symbol 
_atom_site.label_atom_id 
_atom_site.label_alt_id 
_atom_site.label_comp_id 
_atom_site.label_asym_id 
_atom_site.label_entity_id 
_atom_site.label_seq_id 
_atom_site.pdbx_PDB_ins_code 
_atom_site.Cartn_x 
_atom_site.Cartn_y 
_atom_site.Cartn_z 
_atom_site.occupancy 
_atom_site.B_iso_or_equiv 
_atom_site.pdbx_formal_charge 
_atom_site.auth_seq_id 
_atom_site.auth_comp_id 
_atom_site.auth_asym_id 
_atom_site.auth_atom_id 
_atom_site.pdbx_PDB_model_num 
ATOM   1   C  CA    . SER A 1 2   ? -28.916 -14.080 -38.300 1.00 27.10 ? 2    SER A CA    1 
ATOM   2   C  CA    . GLU A 1 3   ? -26.423 -11.391 -37.288 1.00 29.03 ? 3    GLU A CA    1 
ATOM   3   C  CA    . ARG A 1 4   ? -24.031 -11.681 -34.345 1.00 16.09 ? 4    ARG A CA    1 
ATOM   4   C  CA    . ILE A 1 5   ? -21.838 -8.879  -33.000 1.00 27.55 ? 5    ILE A CA    1 
ATOM   5   C  CA    . VAL A 1 6   ? -19.019 -9.055  -30.452 1.00 19.19 ? 6    VAL A CA    1 
ATOM   6   C  CA    . ILE A 1 7   ? -17.154 -6.551  -28.319 1.00 18.80 ? 7    ILE A CA    1 
ATOM   7   C  CA    . SER A 1 8   ? -14.057 -7.787  -26.503 1.00 20.85 ? 8    SER A CA    1 
ATOM   8   C  CA    . PRO A 1 9   ? -13.423 -6.227  -24.297 1.00 14.68 ? 9    PRO A CA    1 
ATOM   9   C  CA    . THR A 1 10  ? -16.246 -3.788  -23.573 1.00 20.15 ? 10   THR A CA    1 
ATOM   10  C  CA    . SER A 1 11  ? -14.868 -0.479  -22.316 1.00 19.71 ? 11   SER A CA    1 
ATOM   11  C  CA    . ARG A 1 12  ? -14.273 -0.086  -18.580 1.00 15.62 ? 12   ARG A CA    1 
ATOM   12  C  CA    . GLN A 1 13  ? -14.732 -3.806  -17.978 1.00 18.48 ? 13   GLN A CA    1 
ATOM   13  C  CA    . GLU A 1 14  ? -11.612 -3.644  -15.817 1.00 30.00 ? 14   GLU A CA    1 
ATOM   14  C  CA    . GLY A 1 15  ? -10.765 -6.978  -17.424 1.00 20.03 ? 15   GLY A CA    1 
ATOM   15  C  CA    . HIS A 1 16  ? -10.695 -8.688  -20.798 1.00 19.59 ? 16   HIS A CA    1 
ATOM   16  C  CA    . ALA A 1 17  ? -14.317 -9.448  -21.480 1.00 23.67 ? 17   ALA A CA    1 
ATOM   17  C  CA    . GLU A 1 18  ? -16.642 -10.469 -24.316 1.00 22.82 ? 18   GLU A CA    1 
ATOM   18  C  CA    . LEU A 1 19  ? -20.285 -10.089 -25.359 1.00 16.67 ? 19   LEU A CA    1 
ATOM   19  C  CA    . VAL A 1 20  ? -22.019 -11.264 -28.566 1.00 19.87 ? 20   VAL A CA    1 
ATOM   20  C  CA    . MET A 1 21  ? -25.044 -9.370  -29.907 1.00 18.31 ? 21   MET A CA    1 
ATOM   21  C  CA    . GLU A 1 22  ? -27.802 -11.081 -31.898 1.00 12.99 ? 22   GLU A CA    1 
ATOM   22  C  CA    . VAL A 1 23  ? -29.400 -9.209  -34.815 1.00 16.08 ? 23   VAL A CA    1 
ATOM   23  C  CA    . ASP A 1 24  ? -32.576 -9.042  -36.914 1.00 18.17 ? 24   ASP A CA    1 
ATOM   24  C  CA    . ASP A 1 25  ? -30.831 -6.847  -39.502 1.00 30.00 ? 25   ASP A CA    1 
ATOM   25  C  CA    . GLU A 1 26  ? -32.668 -3.732  -38.282 1.00 30.00 ? 26   GLU A CA    1 
ATOM   26  C  CA    . GLY A 1 27  ? -29.689 -3.398  -35.967 1.00 30.00 ? 27   GLY A CA    1 
ATOM   27  C  CA    . ILE A 1 28  ? -31.858 -4.718  -33.146 1.00 17.91 ? 28   ILE A CA    1 
ATOM   28  C  CA    . VAL A 1 29  ? -30.765 -7.187  -30.464 1.00 21.23 ? 29   VAL A CA    1 
ATOM   29  C  CA    . THR A 1 30  ? -32.439 -10.395 -29.314 1.00 19.54 ? 30   THR A CA    1 
ATOM   30  C  CA    . LYS A 1 31  ? -29.801 -12.382 -27.456 1.00 24.43 ? 31   LYS A CA    1 
ATOM   31  C  CA    . GLY A 1 32  ? -26.651 -11.889 -25.350 1.00 14.38 ? 32   GLY A CA    1 
ATOM   32  C  CA    . ARG A 1 33  ? -23.795 -13.865 -23.758 1.00 19.08 ? 33   ARG A CA    1 
ATOM   33  C  CA    . TYR A 1 34  ? -21.205 -12.427 -21.342 1.00 18.73 ? 34   TYR A CA    1 
ATOM   34  C  CA    . PHE A 1 35  ? -17.771 -13.967 -20.743 1.00 12.16 ? 35   PHE A CA    1 
ATOM   35  C  CA    . SER A 1 36  ? -15.724 -12.314 -17.993 1.00 17.89 ? 36   SER A CA    1 
ATOM   36  C  CA    . ILE A 1 37  ? -13.692 -14.009 -18.891 1.00 23.17 ? 37   ILE A CA    1 
ATOM   37  C  CA    . THR A 1 38  ? -11.385 -16.741 -17.562 1.00 17.35 ? 38   THR A CA    1 
ATOM   38  C  CA    . PRO A 1 39  ? -8.745  -17.481 -16.567 1.00 20.00 ? 39   PRO A CA    1 
ATOM   39  C  CA    . VAL A 1 40  ? -9.590  -16.951 -12.885 1.00 30.00 ? 40   VAL A CA    1 
ATOM   40  C  CA    . ARG A 1 41  ? -7.314  -17.104 -9.820  1.00 1.00  ? 41   ARG A CA    1 
ATOM   41  C  CA    . GLY A 1 42  ? -8.914  -20.125 -8.138  1.00 1.00  ? 42   GLY A CA    1 
ATOM   42  C  CA    . LEU A 1 43  ? -8.942  -18.488 -4.720  1.00 17.20 ? 43   LEU A CA    1 
ATOM   43  C  CA    . GLU A 1 44  ? -11.816 -20.189 -2.979  1.00 23.45 ? 44   GLU A CA    1 
ATOM   44  C  CA    . LYS A 1 45  ? -9.752  -23.384 -3.371  1.00 14.89 ? 45   LYS A CA    1 
ATOM   45  C  CA    . MET A 1 46  ? -6.339  -21.821 -2.967  1.00 16.69 ? 46   MET A CA    1 
ATOM   46  C  CA    . VAL A 1 47  ? -7.529  -20.513 0.453   1.00 19.01 ? 47   VAL A CA    1 
ATOM   47  C  CA    . THR A 1 48  ? -8.373  -24.081 1.738   1.00 16.60 ? 48   THR A CA    1 
ATOM   48  C  CA    . GLY A 1 49  ? -6.155  -25.490 4.472   1.00 17.68 ? 49   GLY A CA    1 
ATOM   49  C  CA    . LYS A 1 50  ? -4.312  -22.210 4.716   1.00 13.50 ? 50   LYS A CA    1 
ATOM   50  C  CA    . ALA A 1 51  ? -4.073  -20.533 8.075   1.00 27.42 ? 51   ALA A CA    1 
ATOM   51  C  CA    . PRO A 1 52  ? -7.510  -18.953 8.370   1.00 23.24 ? 52   PRO A CA    1 
ATOM   52  C  CA    . GLU A 1 53  ? -5.906  -15.588 8.986   1.00 17.76 ? 53   GLU A CA    1 
ATOM   53  C  CA    . THR A 1 54  ? -5.264  -15.691 5.254   1.00 19.85 ? 54   THR A CA    1 
ATOM   54  C  CA    . ALA A 1 55  ? -8.693  -14.552 4.112   1.00 23.76 ? 55   ALA A CA    1 
ATOM   55  C  CA    . PRO A 1 56  ? -8.638  -10.739 4.108   1.00 22.13 ? 56   PRO A CA    1 
ATOM   56  C  CA    . VAL A 1 57  ? -4.984  -10.749 3.055   1.00 22.51 ? 57   VAL A CA    1 
ATOM   57  C  CA    . MET A 1 58  ? -5.928  -13.567 0.702   1.00 24.15 ? 58   MET A CA    1 
ATOM   58  C  CA    . VAL A 1 59  ? -9.408  -12.417 -0.317  1.00 20.11 ? 59   VAL A CA    1 
ATOM   59  C  CA    . GLN A 1 60  ? -8.504  -8.748  -0.863  1.00 22.16 ? 60   GLN A CA    1 
ATOM   60  C  CA    . ARG A 1 61  ? -6.323  -9.674  -3.869  1.00 20.71 ? 61   ARG A CA    1 
ATOM   61  C  CA    . ILE A 1 62  ? -9.536  -10.851 -5.551  1.00 21.72 ? 62   ILE A CA    1 
ATOM   62  C  CA    . CYS A 1 63  ? -10.033 -7.223  -6.585  1.00 16.66 ? 63   CYS A CA    1 
ATOM   63  C  CA    . GLY A 1 64  ? -7.813  -4.159  -6.050  1.00 18.21 ? 64   GLY A CA    1 
ATOM   64  C  CA    . VAL A 1 65  ? -10.652 -1.691  -6.739  1.00 15.39 ? 65   VAL A CA    1 
ATOM   65  C  CA    . CYS A 1 66  ? -13.020 -3.015  -4.036  1.00 14.78 ? 66   CYS A CA    1 
ATOM   66  C  CA    . PRO A 1 67  ? -10.662 -3.878  -1.167  1.00 18.59 ? 67   PRO A CA    1 
ATOM   67  C  CA    . ILE A 1 68  ? -13.213 -2.908  1.487   1.00 15.22 ? 68   ILE A CA    1 
ATOM   68  C  CA    . PRO A 1 69  ? -15.971 -5.259  0.308   1.00 24.59 ? 69   PRO A CA    1 
ATOM   69  C  CA    . HIS A 1 70  ? -13.741 -8.325  0.159   1.00 19.94 ? 70   HIS A CA    1 
ATOM   70  C  CA    . THR A 1 71  ? -11.622 -7.496  3.183   1.00 24.21 ? 71   THR A CA    1 
ATOM   71  C  CA    . LEU A 1 72  ? -14.610 -6.478  5.294   1.00 17.36 ? 72   LEU A CA    1 
ATOM   72  C  CA    . ALA A 1 73  ? -16.656 -9.458  4.189   1.00 22.54 ? 73   ALA A CA    1 
ATOM   73  C  CA    . SER A 1 74  ? -13.732 -11.759 4.853   1.00 16.10 ? 74   SER A CA    1 
ATOM   74  C  CA    . VAL A 1 75  ? -13.301 -10.334 8.328   1.00 21.25 ? 75   VAL A CA    1 
ATOM   75  C  CA    . GLU A 1 76  ? -16.987 -10.758 9.067   1.00 22.50 ? 76   GLU A CA    1 
ATOM   76  C  CA    . ALA A 1 77  ? -16.991 -14.351 7.829   1.00 25.98 ? 77   ALA A CA    1 
ATOM   77  C  CA    . ILE A 1 78  ? -13.809 -15.143 9.750   1.00 19.55 ? 78   ILE A CA    1 
ATOM   78  C  CA    . ASP A 1 79  ? -15.337 -13.614 12.872  1.00 19.91 ? 79   ASP A CA    1 
ATOM   79  C  CA    . ASP A 1 80  ? -18.493 -15.701 12.504  1.00 24.46 ? 80   ASP A CA    1 
ATOM   80  C  CA    . SER A 1 81  ? -16.463 -18.911 12.378  1.00 20.64 ? 81   SER A CA    1 
ATOM   81  C  CA    . LEU A 1 82  ? -14.500 -17.560 15.333  1.00 13.48 ? 82   LEU A CA    1 
ATOM   82  C  CA    . ASP A 1 83  ? -17.732 -16.516 17.031  1.00 17.60 ? 83   ASP A CA    1 
ATOM   83  C  CA    . ILE A 1 84  ? -15.844 -13.467 18.298  1.00 14.98 ? 84   ILE A CA    1 
ATOM   84  C  CA    . GLU A 1 85  ? -17.718 -10.188 18.817  1.00 27.88 ? 85   GLU A CA    1 
ATOM   85  C  CA    . VAL A 1 86  ? -16.269 -6.795  17.855  1.00 17.74 ? 86   VAL A CA    1 
ATOM   86  C  CA    . PRO A 1 87  ? -16.212 -3.739  20.139  1.00 23.43 ? 87   PRO A CA    1 
ATOM   87  C  CA    . LYS A 1 88  ? -18.665 -0.924  19.382  1.00 20.95 ? 88   LYS A CA    1 
ATOM   88  C  CA    . ALA A 1 89  ? -15.774 1.388   18.506  1.00 16.70 ? 89   ALA A CA    1 
ATOM   89  C  CA    . GLY A 1 90  ? -14.346 -1.288  16.211  1.00 23.83 ? 90   GLY A CA    1 
ATOM   90  C  CA    . ARG A 1 91  ? -17.608 -1.668  14.323  1.00 20.10 ? 91   ARG A CA    1 
ATOM   91  C  CA    . LEU A 1 92  ? -17.641 2.099   13.758  1.00 15.01 ? 92   LEU A CA    1 
ATOM   92  C  CA    . LEU A 1 93  ? -14.242 1.786   12.077  1.00 22.43 ? 93   LEU A CA    1 
ATOM   93  C  CA    . ARG A 1 94  ? -15.375 -0.978  9.728   1.00 16.21 ? 94   ARG A CA    1 
ATOM   94  C  CA    . GLU A 1 95  ? -18.312 1.196   8.683   1.00 15.42 ? 95   GLU A CA    1 
ATOM   95  C  CA    . LEU A 1 96  ? -16.022 4.204   8.246   1.00 21.72 ? 96   LEU A CA    1 
ATOM   96  C  CA    . THR A 1 97  ? -13.664 2.305   5.946   1.00 16.16 ? 97   THR A CA    1 
ATOM   97  C  CA    . LEU A 1 98  ? -16.481 0.775   3.904   1.00 25.55 ? 98   LEU A CA    1 
ATOM   98  C  CA    . ALA A 1 99  ? -18.070 4.150   3.174   1.00 20.67 ? 99   ALA A CA    1 
ATOM   99  C  CA    . ALA A 1 100 ? -14.818 5.914   2.309   1.00 19.41 ? 100  ALA A CA    1 
ATOM   100 C  CA    . HIS A 1 101 ? -13.861 2.957   0.128   1.00 17.79 ? 101  HIS A CA    1 
ATOM   101 C  CA    . HIS A 1 102 ? -17.197 3.198   -1.613  1.00 22.19 ? 102  HIS A CA    1 
ATOM   102 C  CA    . VAL A 1 103 ? -16.965 6.803   -2.400  1.00 19.75 ? 103  VAL A CA    1 
ATOM   103 C  CA    . ASN A 1 104 ? -13.418 6.328   -3.676  1.00 17.50 ? 104  ASN A CA    1 
ATOM   104 C  CA    . SER A 1 105 ? -14.253 3.420   -5.974  1.00 22.09 ? 105  SER A CA    1 
ATOM   105 C  CA    . HIS A 1 106 ? -17.370 5.152   -7.296  1.00 15.77 ? 106  HIS A CA    1 
ATOM   106 C  CA    . ALA A 1 107 ? -15.751 8.547   -7.864  1.00 17.97 ? 107  ALA A CA    1 
ATOM   107 C  CA    . ILE A 1 108 ? -13.178 6.512   -9.789  1.00 15.85 ? 108  ILE A CA    1 
ATOM   108 C  CA    . HIS A 1 109 ? -15.462 4.353   -11.894 1.00 19.90 ? 109  HIS A CA    1 
ATOM   109 C  CA    . HIS A 1 110 ? -17.901 7.189   -12.399 1.00 18.42 ? 110  HIS A CA    1 
ATOM   110 C  CA    . PHE A 1 111 ? -15.356 9.863   -13.292 1.00 16.93 ? 111  PHE A CA    1 
ATOM   111 C  CA    . LEU A 1 112 ? -13.528 7.639   -15.772 1.00 15.43 ? 112  LEU A CA    1 
ATOM   112 C  CA    . ILE A 1 113 ? -16.769 6.066   -16.862 1.00 17.94 ? 113  ILE A CA    1 
ATOM   113 C  CA    . ALA A 1 114 ? -18.471 8.605   -19.099 1.00 16.47 ? 114  ALA A CA    1 
ATOM   114 C  CA    . PRO A 1 115 ? -16.010 9.622   -21.816 1.00 16.12 ? 115  PRO A CA    1 
ATOM   115 C  CA    . ASP A 1 116 ? -18.988 9.504   -24.186 1.00 16.43 ? 116  ASP A CA    1 
ATOM   116 C  CA    . PHE A 1 117 ? -21.117 11.786  -22.008 1.00 13.87 ? 117  PHE A CA    1 
ATOM   117 C  CA    . VAL A 1 118 ? -18.629 14.635  -22.379 1.00 23.89 ? 118  VAL A CA    1 
ATOM   118 C  CA    . PRO A 1 119 ? -17.192 15.321  -25.841 1.00 19.28 ? 119  PRO A CA    1 
ATOM   119 C  CA    . GLU A 1 120 ? -14.559 18.023  -25.223 1.00 15.57 ? 120  GLU A CA    1 
ATOM   120 C  CA    . ASN A 1 121 ? -13.200 20.693  -22.877 1.00 26.11 ? 121  ASN A CA    1 
ATOM   121 C  CA    . LEU A 1 122 ? -15.651 19.837  -20.109 1.00 21.56 ? 122  LEU A CA    1 
ATOM   122 C  CA    . MET A 1 123 ? -14.354 16.273  -19.784 1.00 12.49 ? 123  MET A CA    1 
ATOM   123 C  CA    . ALA A 1 124 ? -10.714 17.199  -19.016 1.00 24.62 ? 124  ALA A CA    1 
ATOM   124 C  CA    . ASP A 1 125 ? -12.218 19.636  -16.514 1.00 18.79 ? 125  ASP A CA    1 
ATOM   125 C  CA    . ALA A 1 126 ? -14.318 16.987  -14.774 1.00 22.56 ? 126  ALA A CA    1 
ATOM   126 C  CA    . ILE A 1 127 ? -11.659 14.269  -14.756 1.00 23.27 ? 127  ILE A CA    1 
ATOM   127 C  CA    . ASN A 1 128 ? -9.560  16.765  -12.801 1.00 13.57 ? 128  ASN A CA    1 
ATOM   128 C  CA    . SER A 1 129 ? -12.191 18.209  -10.466 1.00 18.06 ? 129  SER A CA    1 
ATOM   129 C  CA    . VAL A 1 130 ? -13.151 14.670  -9.446  1.00 14.92 ? 130  VAL A CA    1 
ATOM   130 C  CA    . SER A 1 131 ? -9.693  13.161  -9.032  1.00 30.33 ? 131  SER A CA    1 
ATOM   131 C  CA    . GLU A 1 132 ? -9.430  16.144  -6.695  1.00 14.02 ? 132  GLU A CA    1 
ATOM   132 C  CA    . ILE A 1 133 ? -11.819 14.204  -4.452  1.00 21.83 ? 133  ILE A CA    1 
ATOM   133 C  CA    . ARG A 1 134 ? -10.327 10.714  -4.690  1.00 16.14 ? 134  ARG A CA    1 
ATOM   134 C  CA    . LYS A 1 135 ? -7.421  11.962  -2.670  1.00 19.45 ? 135  LYS A CA    1 
ATOM   135 C  CA    . ASN A 1 136 ? -9.499  12.725  0.340   1.00 24.26 ? 136  ASN A CA    1 
ATOM   136 C  CA    . ALA A 1 137 ? -11.185 9.316   0.259   1.00 13.83 ? 137  ALA A CA    1 
ATOM   137 C  CA    . GLN A 1 138 ? -8.157  7.179   -0.584  1.00 19.30 ? 138  GLN A CA    1 
ATOM   138 C  CA    . TYR A 1 139 ? -6.898  9.410   2.452   1.00 20.08 ? 139  TYR A CA    1 
ATOM   139 C  CA    . VAL A 1 140 ? -10.068 8.049   4.064   1.00 18.29 ? 140  VAL A CA    1 
ATOM   140 C  CA    . VAL A 1 141 ? -9.013  4.445   3.531   1.00 21.65 ? 141  VAL A CA    1 
ATOM   141 C  CA    . ASP A 1 142 ? -5.522  4.699   4.940   1.00 0.00  ? 142  ASP A CA    1 
ATOM   142 C  CA    . MET A 1 143 ? -6.315  6.395   8.215   1.00 18.55 ? 143  MET A CA    1 
ATOM   143 C  CA    . VAL A 1 144 ? -8.322  3.291   9.033   1.00 16.23 ? 144  VAL A CA    1 
ATOM   144 C  CA    . ALA A 1 145 ? -6.544  1.271   6.388   1.00 23.38 ? 145  ALA A CA    1 
ATOM   145 C  CA    . GLY A 1 146 ? -2.803  1.930   6.243   1.00 20.24 ? 146  GLY A CA    1 
ATOM   146 C  CA    . GLU A 1 147 ? -2.809  2.222   2.457   1.00 20.53 ? 147  GLU A CA    1 
ATOM   147 C  CA    . GLY A 1 148 ? -5.028  2.040   -0.616  1.00 19.38 ? 148  GLY A CA    1 
ATOM   148 C  CA    . ILE A 1 149 ? -5.789  0.110   -2.538  1.00 17.87 ? 149  ILE A CA    1 
ATOM   149 C  CA    . HIS A 1 150 ? -5.392  -2.882  -0.222  1.00 18.59 ? 150  HIS A CA    1 
ATOM   150 C  CA    . PRO A 1 151 ? -5.976  -2.159  3.451   1.00 20.73 ? 151  PRO A CA    1 
ATOM   151 C  CA    . SER A 1 152 ? -3.662  -3.529  6.149   1.00 23.05 ? 152  SER A CA    1 
ATOM   152 C  CA    . ASP A 1 153 ? -5.989  -2.248  8.892   1.00 23.72 ? 153  ASP A CA    1 
ATOM   153 C  CA    . VAL A 1 154 ? -8.766  -4.873  8.994   1.00 24.13 ? 154  VAL A CA    1 
ATOM   154 C  CA    . ARG A 1 155 ? -7.951  -8.301  10.477  1.00 23.26 ? 155  ARG A CA    1 
ATOM   155 C  CA    . ILE A 1 156 ? -9.885  -11.008 12.324  1.00 21.86 ? 156  ILE A CA    1 
ATOM   156 C  CA    . GLY A 1 157 ? -10.441 -9.453  15.744  1.00 23.58 ? 157  GLY A CA    1 
ATOM   157 C  CA    . GLY A 1 158 ? -11.168 -5.881  14.622  1.00 20.89 ? 158  GLY A CA    1 
ATOM   158 C  CA    . MET A 1 159 ? -8.963  -3.078  13.361  1.00 23.21 ? 159  MET A CA    1 
ATOM   159 C  CA    . ALA A 1 160 ? -5.158  -2.859  13.792  1.00 24.30 ? 160  ALA A CA    1 
ATOM   160 C  CA    . ASP A 1 161 ? -4.956  0.904   14.290  1.00 26.90 ? 161  ASP A CA    1 
ATOM   161 C  CA    . ASN A 1 162 ? -6.532  4.045   15.754  1.00 25.03 ? 162  ASN A CA    1 
ATOM   162 C  CA    . ILE A 1 163 ? -6.359  7.746   14.970  1.00 28.17 ? 163  ILE A CA    1 
ATOM   163 C  CA    . THR A 1 164 ? -6.666  7.708   18.708  1.00 16.56 ? 164  THR A CA    1 
ATOM   164 C  CA    . GLU A 1 165 ? -7.289  10.683  18.798  1.00 26.28 ? 165  GLU A CA    1 
ATOM   165 C  CA    . LEU A 1 166 ? -5.359  12.930  16.409  1.00 21.62 ? 166  LEU A CA    1 
ATOM   166 C  CA    . ALA A 1 167 ? -6.623  11.377  13.214  1.00 0.00  ? 167  ALA A CA    1 
ATOM   167 C  CA    . ARG A 1 168 ? -10.253 12.413  13.069  1.00 21.74 ? 168  ARG A CA    1 
ATOM   168 C  CA    . LYS A 1 169 ? -9.630  16.164  13.195  1.00 13.68 ? 169  LYS A CA    1 
ATOM   169 C  CA    . ARG A 1 170 ? -7.143  16.312  10.346  1.00 16.05 ? 170  ARG A CA    1 
ATOM   170 C  CA    . LEU A 1 171 ? -8.961  13.440  8.768   1.00 15.24 ? 171  LEU A CA    1 
ATOM   171 C  CA    . TYR A 1 172 ? -12.254 15.112  9.662   1.00 19.32 ? 172  TYR A CA    1 
ATOM   172 C  CA    . ALA A 1 173 ? -10.927 18.161  7.824   1.00 19.07 ? 173  ALA A CA    1 
ATOM   173 C  CA    . ARG A 1 174 ? -10.384 15.989  4.754   1.00 22.20 ? 174  ARG A CA    1 
ATOM   174 C  CA    . LEU A 1 175 ? -14.079 15.104  4.712   1.00 20.14 ? 175  LEU A CA    1 
ATOM   175 C  CA    . LYS A 1 176 ? -15.181 18.640  5.588   1.00 22.41 ? 176  LYS A CA    1 
ATOM   176 C  CA    . GLN A 1 177 ? -13.325 19.996  2.478   1.00 20.24 ? 177  GLN A CA    1 
ATOM   177 C  CA    . LEU A 1 178 ? -14.226 16.959  0.279   1.00 25.37 ? 178  LEU A CA    1 
ATOM   178 C  CA    . LYS A 1 179 ? -18.021 16.958  0.332   1.00 24.80 ? 179  LYS A CA    1 
ATOM   179 C  CA    . PRO A 1 180 ? -19.046 20.472  -0.708  1.00 21.73 ? 180  PRO A CA    1 
ATOM   180 C  CA    . LYS A 1 181 ? -17.231 20.558  -4.049  1.00 11.14 ? 181  LYS A CA    1 
ATOM   181 C  CA    . VAL A 1 182 ? -16.567 16.959  -5.087  1.00 17.93 ? 182  VAL A CA    1 
ATOM   182 C  CA    . ASN A 1 183 ? -20.064 15.815  -4.130  1.00 21.68 ? 183  ASN A CA    1 
ATOM   183 C  CA    . GLU A 1 184 ? -21.616 19.102  -5.214  1.00 18.47 ? 184  GLU A CA    1 
ATOM   184 C  CA    . HIS A 1 185 ? -20.276 19.399  -8.737  1.00 25.23 ? 185  HIS A CA    1 
ATOM   185 C  CA    . VAL A 1 186 ? -19.755 15.837  -9.881  1.00 15.85 ? 186  VAL A CA    1 
ATOM   186 C  CA    . GLU A 1 187 ? -23.170 14.650  -8.806  1.00 20.76 ? 187  GLU A CA    1 
ATOM   187 C  CA    . LEU A 1 188 ? -24.870 17.578  -10.408 1.00 23.09 ? 188  LEU A CA    1 
ATOM   188 C  CA    . MET A 1 189 ? -23.060 17.124  -13.678 1.00 21.87 ? 189  MET A CA    1 
ATOM   189 C  CA    . ILE A 1 190 ? -23.741 13.422  -13.750 1.00 20.16 ? 190  ILE A CA    1 
ATOM   190 C  CA    . GLY A 1 191 ? -27.463 13.927  -13.274 1.00 22.58 ? 191  GLY A CA    1 
ATOM   191 C  CA    . LEU A 1 192 ? -27.615 16.739  -15.869 1.00 12.63 ? 192  LEU A CA    1 
ATOM   192 C  CA    . ILE A 1 193 ? -25.701 15.175  -18.789 1.00 14.55 ? 193  ILE A CA    1 
ATOM   193 C  CA    . GLU A 1 194 ? -27.648 11.941  -18.288 1.00 16.85 ? 194  GLU A CA    1 
ATOM   194 C  CA    . ASP A 1 195 ? -30.094 13.400  -20.800 1.00 26.15 ? 195  ASP A CA    1 
ATOM   195 C  CA    . LYS A 1 196 ? -27.559 12.840  -23.584 1.00 16.76 ? 196  LYS A CA    1 
ATOM   196 C  CA    . GLY A 1 197 ? -28.317 9.133   -23.400 1.00 13.21 ? 197  GLY A CA    1 
ATOM   197 C  CA    . LEU A 1 198 ? -31.783 8.662   -24.885 1.00 12.12 ? 198  LEU A CA    1 
ATOM   198 C  CA    . PRO A 1 199 ? -34.263 5.819   -25.389 1.00 15.48 ? 199  PRO A CA    1 
ATOM   199 C  CA    . GLU A 1 200 ? -34.790 3.616   -26.700 1.00 17.06 ? 200  GLU A CA    1 
ATOM   200 C  CA    . GLY A 1 201 ? -33.486 3.487   -23.146 1.00 14.85 ? 201  GLY A CA    1 
ATOM   201 C  CA    . LEU A 1 202 ? -34.530 -0.142  -23.222 1.00 8.31  ? 202  LEU A CA    1 
ATOM   202 C  CA    . GLY A 1 203 ? -31.847 0.523   -23.706 1.00 22.86 ? 203  GLY A CA    1 
ATOM   203 C  CA    . VAL A 1 204 ? -32.133 -0.874  -21.246 1.00 12.81 ? 204  VAL A CA    1 
ATOM   204 C  CA    . HIS A 1 205 ? -34.698 -2.193  -18.776 1.00 16.71 ? 205  HIS A CA    1 
ATOM   205 C  CA    . ASN A 1 206 ? -33.897 -4.735  -16.052 1.00 24.84 ? 206  ASN A CA    1 
ATOM   206 C  CA    . GLN A 1 207 ? -36.186 -7.164  -14.218 1.00 20.06 ? 207  GLN A CA    1 
ATOM   207 C  CA    . PRO A 1 208 ? -36.391 -8.553  -11.751 1.00 21.23 ? 208  PRO A CA    1 
ATOM   208 C  CA    . THR A 1 209 ? -33.744 -7.680  -9.146  1.00 27.31 ? 209  THR A CA    1 
ATOM   209 C  CA    . LEU A 1 210 ? -33.999 -7.295  -5.371  1.00 29.65 ? 210  LEU A CA    1 
ATOM   210 C  CA    . ALA A 1 211 ? -30.731 -7.616  -3.462  1.00 18.86 ? 211  ALA A CA    1 
ATOM   211 C  CA    . SER A 1 212 ? -28.381 -6.677  -0.638  1.00 18.61 ? 212  SER A CA    1 
ATOM   212 C  CA    . HIS A 1 213 ? -28.665 -5.707  3.014   1.00 24.61 ? 213  HIS A CA    1 
ATOM   213 C  CA    . GLN A 1 214 ? -28.740 -2.045  2.222   1.00 20.11 ? 214  GLN A CA    1 
ATOM   214 C  CA    . ILE A 1 215 ? -25.453 -0.289  2.928   1.00 16.14 ? 215  ILE A CA    1 
ATOM   215 C  CA    . TYR A 1 216 ? -25.593 -1.947  5.188   1.00 26.16 ? 216  TYR A CA    1 
ATOM   216 C  CA    . GLY A 1 217 ? -28.580 -3.811  6.663   1.00 19.17 ? 217  GLY A CA    1 
ATOM   217 C  CA    . ASP A 1 218 ? -26.611 -5.819  7.218   1.00 19.08 ? 218  ASP A CA    1 
ATOM   218 C  CA    . ARG A 1 219 ? -27.713 -9.078  8.872   1.00 25.45 ? 219  ARG A CA    1 
ATOM   219 C  CA    . THR A 1 220 ? -29.153 -11.546 8.630   1.00 18.33 ? 220  THR A CA    1 
ATOM   220 C  CA    . LYS A 1 221 ? -31.780 -10.446 6.108   1.00 17.37 ? 221  LYS A CA    1 
ATOM   221 C  CA    . PHE A 1 222 ? -31.318 -11.385 2.467   1.00 30.00 ? 222  PHE A CA    1 
ATOM   222 C  CA    . ASP A 1 223 ? -29.225 -14.414 1.577   1.00 13.48 ? 223  ASP A CA    1 
ATOM   223 C  CA    . LEU A 1 224 ? -29.282 -16.659 3.157   1.00 30.00 ? 224  LEU A CA    1 
ATOM   224 C  CA    . ASP A 1 225 ? -32.022 -16.903 2.546   1.00 24.47 ? 225  ASP A CA    1 
ATOM   225 C  CA    . ARG A 1 226 ? -32.070 -19.294 -0.413  1.00 18.56 ? 226  ARG A CA    1 
ATOM   226 C  CA    . PHE A 1 227 ? -29.280 -19.244 -2.992  1.00 17.25 ? 227  PHE A CA    1 
ATOM   227 C  CA    . THR A 1 228 ? -27.639 -21.411 -5.649  1.00 15.02 ? 228  THR A CA    1 
ATOM   228 C  CA    . GLU A 1 229 ? -24.529 -21.627 -7.818  1.00 14.28 ? 229  GLU A CA    1 
ATOM   229 C  CA    . ILE A 1 230 ? -24.756 -23.618 -11.049 1.00 21.15 ? 230  ILE A CA    1 
ATOM   230 C  CA    . MET A 1 231 ? -23.108 -24.254 -14.411 1.00 30.00 ? 231  MET A CA    1 
ATOM   231 C  CA    . PRO A 1 232 ? -22.842 -22.047 -16.219 1.00 15.12 ? 232  PRO A CA    1 
ATOM   232 C  CA    . GLU A 1 233 ? -23.500 -24.996 -18.526 1.00 28.33 ? 233  GLU A CA    1 
ATOM   233 C  CA    . SER A 1 234 ? -26.971 -23.491 -18.884 1.00 16.73 ? 234  SER A CA    1 
ATOM   234 C  CA    . TRP A 1 235 ? -25.742 -20.408 -20.738 1.00 20.06 ? 235  TRP A CA    1 
ATOM   235 C  CA    . TYR A 1 236 ? -26.850 -19.970 -23.275 1.00 16.74 ? 236  TYR A CA    1 
ATOM   236 C  CA    . ASP A 1 237 ? -26.829 -22.748 -25.872 1.00 1.00  ? 237  ASP A CA    1 
ATOM   237 C  CA    . ASP A 1 238 ? -23.508 -23.398 -27.636 1.00 1.00  ? 238  ASP A CA    1 
ATOM   238 C  CA    . PRO A 1 239 ? -20.500 -24.968 -25.885 1.00 24.62 ? 239  PRO A CA    1 
ATOM   239 C  CA    . GLU A 1 240 ? -18.153 -22.157 -26.953 1.00 18.79 ? 240  GLU A CA    1 
ATOM   240 C  CA    . ILE A 1 241 ? -20.220 -20.105 -24.517 1.00 22.56 ? 241  ILE A CA    1 
ATOM   241 C  CA    . ALA A 1 242 ? -19.419 -23.059 -22.268 1.00 23.27 ? 242  ALA A CA    1 
ATOM   242 C  CA    . LYS A 1 243 ? -15.817 -22.281 -23.191 1.00 13.57 ? 243  LYS A CA    1 
ATOM   243 C  CA    . ARG A 1 244 ? -16.764 -18.978 -21.565 1.00 18.06 ? 244  ARG A CA    1 
ATOM   244 C  CA    . ALA A 1 245 ? -17.557 -21.100 -18.541 1.00 14.92 ? 245  ALA A CA    1 
ATOM   245 C  CA    . CYS A 1 246 ? -14.871 -19.877 -16.210 1.00 17.49 ? 246  CYS A CA    1 
ATOM   246 C  CA    . SER A 1 247 ? -17.920 -18.032 -14.913 1.00 18.16 ? 247  SER A CA    1 
ATOM   247 C  CA    . THR A 1 248 ? -20.616 -19.641 -12.762 1.00 19.32 ? 248  THR A CA    1 
ATOM   248 C  CA    . ILE A 1 249 ? -24.314 -18.658 -12.774 1.00 20.43 ? 249  ILE A CA    1 
ATOM   249 C  CA    . PRO A 1 250 ? -25.705 -17.128 -9.518  1.00 21.79 ? 250  PRO A CA    1 
ATOM   250 C  CA    . LEU A 1 251 ? -29.486 -17.068 -9.022  1.00 23.36 ? 251  LEU A CA    1 
ATOM   251 C  CA    . TYR A 1 252 ? -31.713 -15.674 -6.306  1.00 24.80 ? 252  TYR A CA    1 
ATOM   252 C  CA    . ASP A 1 253 ? -34.802 -17.853 -5.859  1.00 23.70 ? 253  ASP A CA    1 
ATOM   253 C  CA    . GLY A 1 254 ? -33.824 -19.288 -9.265  1.00 24.74 ? 254  GLY A CA    1 
ATOM   254 C  CA    . ARG A 1 255 ? -34.124 -15.885 -10.943 1.00 25.01 ? 255  ARG A CA    1 
ATOM   255 C  CA    . ASN A 1 256 ? -31.257 -14.032 -12.706 1.00 25.28 ? 256  ASN A CA    1 
ATOM   256 C  CA    . VAL A 1 257 ? -30.732 -10.737 -10.840 1.00 24.89 ? 257  VAL A CA    1 
ATOM   257 C  CA    . GLU A 1 258 ? -28.708 -7.504  -10.724 1.00 21.55 ? 258  GLU A CA    1 
ATOM   258 C  CA    . VAL A 1 259 ? -27.591 -5.464  -7.689  1.00 22.51 ? 259  VAL A CA    1 
ATOM   259 C  CA    . GLY A 1 260 ? -26.727 -1.763  -7.834  1.00 12.72 ? 260  GLY A CA    1 
ATOM   260 C  CA    . PRO A 1 261 ? -27.609 1.809   -6.872  1.00 16.78 ? 261  PRO A CA    1 
ATOM   261 C  CA    . ARG A 1 262 ? -31.186 0.539   -7.171  1.00 16.77 ? 262  ARG A CA    1 
ATOM   262 C  CA    . ALA A 1 263 ? -30.795 -1.648  -4.083  1.00 28.05 ? 263  ALA A CA    1 
ATOM   263 C  CA    . ARG A 1 264 ? -29.536 1.204   -1.903  1.00 20.40 ? 264  ARG A CA    1 
ATOM   264 C  CA    . MET A 1 265 ? -32.690 3.116   -2.834  1.00 25.43 ? 265  MET A CA    1 
ATOM   265 C  CA    . VAL A 1 266 ? -35.486 0.681   -3.649  1.00 18.68 ? 266  VAL A CA    1 
ATOM   266 C  CA    . GLU A 1 267 ? -33.924 -1.381  -0.891  1.00 26.76 ? 267  GLU A CA    1 
ATOM   267 C  CA    . PHE A 1 268 ? -34.399 -0.299  1.843   1.00 28.38 ? 268  PHE A CA    1 
ATOM   268 C  CA    . GLN A 1 269 ? -34.990 3.462   1.338   1.00 16.86 ? 269  GLN A CA    1 
ATOM   269 C  CA    . GLY A 1 270 ? -37.008 3.827   -1.780  1.00 14.39 ? 270  GLY A CA    1 
ATOM   270 C  CA    . PHE A 1 271 ? -36.555 5.177   -5.272  1.00 24.55 ? 271  PHE A CA    1 
ATOM   271 C  CA    . LYS A 1 272 ? -39.144 3.695   -7.633  1.00 27.05 ? 272  LYS A CA    1 
ATOM   272 C  CA    . GLU A 1 273 ? -38.339 4.502   -11.276 1.00 21.19 ? 273  GLU A CA    1 
ATOM   273 C  CA    . ARG A 1 274 ? -35.514 2.730   -12.949 1.00 32.49 ? 274  ARG A CA    1 
ATOM   274 C  CA    . GLY A 1 275 ? -33.878 3.316   -16.349 1.00 37.27 ? 275  GLY A CA    1 
ATOM   275 C  CA    . VAL A 1 276 ? -30.706 2.099   -17.998 1.00 15.48 ? 276  VAL A CA    1 
ATOM   276 C  CA    . VAL A 1 277 ? -29.833 5.716   -17.332 1.00 15.76 ? 277  VAL A CA    1 
ATOM   277 C  CA    . ALA A 1 278 ? -31.286 5.443   -13.809 1.00 16.26 ? 278  ALA A CA    1 
ATOM   278 C  CA    . GLN A 1 279 ? -28.658 3.171   -12.219 1.00 22.44 ? 279  GLN A CA    1 
ATOM   279 C  CA    . HIS A 1 280 ? -25.777 5.607   -12.776 1.00 12.75 ? 280  HIS A CA    1 
ATOM   280 C  CA    . VAL A 1 281 ? -27.823 8.377   -11.169 1.00 25.96 ? 281  VAL A CA    1 
ATOM   281 C  CA    . ALA A 1 282 ? -28.512 6.079   -8.231  1.00 17.38 ? 282  ALA A CA    1 
ATOM   282 C  CA    . ARG A 1 283 ? -24.773 5.430   -7.883  1.00 19.57 ? 283  ARG A CA    1 
ATOM   283 C  CA    . ALA A 1 284 ? -24.130 9.171   -7.917  1.00 17.66 ? 284  ALA A CA    1 
ATOM   284 C  CA    . LEU A 1 285 ? -26.729 9.616   -5.176  1.00 18.61 ? 285  LEU A CA    1 
ATOM   285 C  CA    . GLU A 1 286 ? -24.965 6.860   -3.246  1.00 16.50 ? 286  GLU A CA    1 
ATOM   286 C  CA    . MET A 1 287 ? -21.550 8.546   -3.461  1.00 19.66 ? 287  MET A CA    1 
ATOM   287 C  CA    . LYS A 1 288 ? -22.861 11.627  -1.619  1.00 23.34 ? 288  LYS A CA    1 
ATOM   288 C  CA    . THR A 1 289 ? -24.504 9.448   1.029   1.00 16.49 ? 289  THR A CA    1 
ATOM   289 C  CA    . ALA A 1 290 ? -21.037 8.140   1.883   1.00 25.23 ? 290  ALA A CA    1 
ATOM   290 C  CA    . LEU A 1 291 ? -20.002 11.570  3.161   1.00 20.57 ? 291  LEU A CA    1 
ATOM   291 C  CA    . SER A 1 292 ? -22.795 11.517  5.743   1.00 17.73 ? 292  SER A CA    1 
ATOM   292 C  CA    . ARG A 1 293 ? -21.715 8.078   6.956   1.00 23.11 ? 293  ARG A CA    1 
ATOM   293 C  CA    . ALA A 1 294 ? -18.178 9.365   7.499   1.00 17.30 ? 294  ALA A CA    1 
ATOM   294 C  CA    . ILE A 1 295 ? -19.457 12.447  9.324   1.00 14.69 ? 295  ILE A CA    1 
ATOM   295 C  CA    . GLU A 1 296 ? -21.755 10.567  11.701  1.00 30.70 ? 296  GLU A CA    1 
ATOM   296 C  CA    . ILE A 1 297 ? -18.835 8.208   12.316  1.00 22.79 ? 297  ILE A CA    1 
ATOM   297 C  CA    . LEU A 1 298 ? -15.952 10.464  13.274  1.00 20.02 ? 298  LEU A CA    1 
ATOM   298 C  CA    . ASP A 1 299 ? -18.161 12.661  15.442  1.00 21.97 ? 299  ASP A CA    1 
ATOM   299 C  CA    . GLU A 1 300 ? -19.968 9.462   16.420  1.00 13.67 ? 300  GLU A CA    1 
ATOM   300 C  CA    . LEU A 1 301 ? -16.720 7.584   17.001  1.00 18.61 ? 301  LEU A CA    1 
ATOM   301 C  CA    . ASP A 1 302 ? -15.023 8.238   20.331  1.00 11.92 ? 302  ASP A CA    1 
ATOM   302 C  CA    . THR A 1 303 ? -12.013 6.572   18.711  1.00 30.00 ? 303  THR A CA    1 
ATOM   303 C  CA    . SER A 1 304 ? -10.765 4.854   21.904  1.00 30.00 ? 304  SER A CA    1 
ATOM   304 C  CA    . ALA A 1 305 ? -11.386 1.179   22.390  1.00 30.00 ? 305  ALA A CA    1 
ATOM   305 C  CA    . PRO A 1 306 ? -9.597  -2.071  23.212  1.00 17.68 ? 306  PRO A CA    1 
ATOM   306 C  CA    . VAL A 1 307 ? -10.361 -2.921  19.600  1.00 20.55 ? 307  VAL A CA    1 
ATOM   307 C  CA    . ARG A 1 308 ? -8.656  -6.305  19.887  1.00 15.83 ? 308  ARG A CA    1 
ATOM   308 C  CA    . ALA A 1 309 ? -10.894 -9.123  21.082  1.00 17.31 ? 309  ALA A CA    1 
ATOM   309 C  CA    . ASP A 1 310 ? -9.167  -12.505 20.779  1.00 18.94 ? 310  ASP A CA    1 
ATOM   310 C  CA    . PHE A 1 311 ? -10.565 -15.102 18.338  1.00 20.28 ? 311  PHE A CA    1 
ATOM   311 C  CA    . ASP A 1 312 ? -8.414  -18.281 18.432  1.00 16.25 ? 312  ASP A CA    1 
ATOM   312 C  CA    . GLU A 1 313 ? -8.588  -21.082 15.837  1.00 15.51 ? 313  GLU A CA    1 
ATOM   313 C  CA    . ARG A 1 314 ? -11.054 -23.601 17.241  1.00 14.03 ? 314  ARG A CA    1 
ATOM   314 C  CA    . GLY A 1 315 ? -12.973 -25.220 15.689  1.00 30.00 ? 315  GLY A CA    1 
ATOM   315 C  CA    . THR A 1 316 ? -16.649 -25.147 16.601  1.00 13.73 ? 316  THR A CA    1 
ATOM   316 C  CA    . GLY A 1 317 ? -17.433 -25.495 12.893  1.00 30.00 ? 317  GLY A CA    1 
ATOM   317 C  CA    . LYS A 1 318 ? -20.101 -22.868 12.718  1.00 30.00 ? 318  LYS A CA    1 
ATOM   318 C  CA    . LEU A 1 319 ? -19.449 -21.224 9.360   1.00 12.87 ? 319  LEU A CA    1 
ATOM   319 C  CA    . GLY A 1 320 ? -20.464 -17.562 9.552   1.00 13.51 ? 320  GLY A CA    1 
ATOM   320 C  CA    . ILE A 1 321 ? -21.248 -15.623 6.368   1.00 22.72 ? 321  ILE A CA    1 
ATOM   321 C  CA    . GLY A 1 322 ? -21.014 -11.831 6.343   1.00 17.87 ? 322  GLY A CA    1 
ATOM   322 C  CA    . ALA A 1 323 ? -22.952 -9.833  3.791   1.00 19.89 ? 323  ALA A CA    1 
ATOM   323 C  CA    . ILE A 1 324 ? -21.303 -6.473  3.329   1.00 18.82 ? 324  ILE A CA    1 
ATOM   324 C  CA    . GLU A 1 325 ? -22.510 -4.164  0.587   1.00 17.72 ? 325  GLU A CA    1 
ATOM   325 C  CA    . ALA A 1 326 ? -20.117 -3.395  -2.241  1.00 19.74 ? 326  ALA A CA    1 
ATOM   326 C  CA    . PRO A 1 327 ? -21.239 -0.357  -4.221  1.00 16.86 ? 327  PRO A CA    1 
ATOM   327 C  CA    . ARG A 1 328 ? -21.678 -2.469  -7.487  1.00 13.67 ? 328  ARG A CA    1 
ATOM   328 C  CA    . GLY A 1 329 ? -23.334 -5.394  -5.572  1.00 15.29 ? 329  GLY A CA    1 
ATOM   329 C  CA    . LEU A 1 330 ? -23.892 -7.312  -2.342  1.00 23.39 ? 330  LEU A CA    1 
ATOM   330 C  CA    . ASP A 1 331 ? -21.041 -9.659  -1.396  1.00 20.74 ? 331  ASP A CA    1 
ATOM   331 C  CA    . VAL A 1 332 ? -21.343 -12.786 0.754   1.00 23.91 ? 332  VAL A CA    1 
ATOM   332 C  CA    . HIS A 1 333 ? -18.204 -14.839 1.556   1.00 18.26 ? 333  HIS A CA    1 
ATOM   333 C  CA    . MET A 1 334 ? -18.658 -18.250 3.365   1.00 16.07 ? 334  MET A CA    1 
ATOM   334 C  CA    . ALA A 1 335 ? -16.054 -20.623 4.740   1.00 14.69 ? 335  ALA A CA    1 
ATOM   335 C  CA    . LYS A 1 336 ? -16.046 -23.789 6.849   1.00 16.84 ? 336  LYS A CA    1 
ATOM   336 C  CA    . VAL A 1 337 ? -13.348 -24.551 9.421   1.00 21.35 ? 337  VAL A CA    1 
ATOM   337 C  CA    . GLU A 1 338 ? -12.493 -27.948 10.872  1.00 23.38 ? 338  GLU A CA    1 
ATOM   338 C  CA    . ASN A 1 339 ? -9.262  -28.344 12.851  1.00 20.31 ? 339  ASN A CA    1 
ATOM   339 C  CA    . GLY A 1 340 ? -8.755  -24.573 12.994  1.00 15.63 ? 340  GLY A CA    1 
ATOM   340 C  CA    . LYS A 1 341 ? -7.986  -24.235 9.299   1.00 19.25 ? 341  LYS A CA    1 
ATOM   341 C  CA    . ILE A 1 342 ? -10.012 -23.575 6.134   1.00 19.86 ? 342  ILE A CA    1 
ATOM   342 C  CA    . GLN A 1 343 ? -11.861 -26.528 4.610   1.00 18.72 ? 343  GLN A CA    1 
ATOM   343 C  CA    . PHE A 1 344 ? -14.216 -24.637 2.299   1.00 19.51 ? 344  PHE A CA    1 
ATOM   344 C  CA    . TYR A 1 345 ? -14.469 -21.029 1.216   1.00 17.61 ? 345  TYR A CA    1 
ATOM   345 C  CA    . SER A 1 346 ? -16.701 -19.679 -1.525  1.00 17.45 ? 346  SER A CA    1 
ATOM   346 C  CA    . ALA A 1 347 ? -16.799 -15.947 -2.225  1.00 17.56 ? 347  ALA A CA    1 
ATOM   347 C  CA    . LEU A 1 348 ? -19.611 -14.467 -4.318  1.00 18.26 ? 348  LEU A CA    1 
ATOM   348 C  CA    . VAL A 1 349 ? -19.001 -11.146 -6.044  1.00 20.34 ? 349  VAL A CA    1 
ATOM   349 C  CA    . PRO A 1 350 ? -21.521 -8.402  -6.732  1.00 19.06 ? 350  PRO A CA    1 
ATOM   350 C  CA    . THR A 1 351 ? -20.131 -8.620  -10.260 1.00 21.78 ? 351  THR A CA    1 
ATOM   351 C  CA    . THR A 1 352 ? -20.911 -12.324 -10.664 1.00 20.95 ? 352  THR A CA    1 
ATOM   352 C  CA    . TRP A 1 353 ? -24.544 -11.433 -9.984  1.00 16.70 ? 353  TRP A CA    1 
ATOM   353 C  CA    . ASN A 1 354 ? -24.638 -8.724  -12.690 1.00 19.10 ? 354  ASN A CA    1 
ATOM   354 C  CA    . ILE A 1 355 ? -24.161 -10.453 -16.088 1.00 18.61 ? 355  ILE A CA    1 
ATOM   355 C  CA    . PRO A 1 356 ? -27.450 -12.360 -16.516 1.00 17.28 ? 356  PRO A CA    1 
ATOM   356 C  CA    . THR A 1 357 ? -29.140 -8.997  -16.106 1.00 17.73 ? 357  THR A CA    1 
ATOM   357 C  CA    . MET A 1 358 ? -26.392 -7.825  -18.503 1.00 16.62 ? 358  MET A CA    1 
ATOM   358 C  CA    . GLY A 1 359 ? -27.455 -10.456 -21.017 1.00 18.62 ? 359  GLY A CA    1 
ATOM   359 C  CA    . PRO A 1 360 ? -30.850 -8.894  -20.369 1.00 23.15 ? 360  PRO A CA    1 
ATOM   360 C  CA    . ALA A 1 361 ? -29.895 -5.373  -21.543 1.00 18.83 ? 361  ALA A CA    1 
ATOM   361 C  CA    . THR A 1 362 ? -29.927 -6.277  -25.266 1.00 14.23 ? 362  THR A CA    1 
ATOM   362 C  CA    . GLU A 1 363 ? -32.473 -6.790  -26.344 1.00 11.29 ? 363  GLU A CA    1 
ATOM   363 C  CA    . GLY A 1 364 ? -33.965 -4.496  -25.888 1.00 27.46 ? 364  GLY A CA    1 
ATOM   364 C  CA    . PHE A 1 365 ? -33.967 -2.695  -29.236 1.00 17.31 ? 365  PHE A CA    1 
ATOM   365 C  CA    . HIS A 1 366 ? -31.535 -0.893  -31.508 1.00 30.00 ? 366  HIS A CA    1 
ATOM   366 C  CA    . HIS A 1 367 ? -28.807 -2.316  -29.356 1.00 22.21 ? 367  HIS A CA    1 
ATOM   367 C  CA    . GLU A 1 368 ? -26.581 -1.823  -32.347 1.00 21.36 ? 368  GLU A CA    1 
ATOM   368 C  CA    . TYR A 1 369 ? -26.546 -0.009  -30.244 1.00 15.78 ? 369  TYR A CA    1 
ATOM   369 C  CA    . GLY A 1 370 ? -24.227 1.375   -30.055 1.00 22.10 ? 370  GLY A CA    1 
ATOM   370 C  CA    . PRO A 1 371 ? -25.199 0.531   -26.481 1.00 15.35 ? 371  PRO A CA    1 
ATOM   371 C  CA    . HIS A 1 372 ? -23.489 1.683   -23.306 1.00 20.48 ? 372  HIS A CA    1 
ATOM   372 C  CA    . VAL A 1 373 ? -26.078 -0.211  -21.312 1.00 24.06 ? 373  VAL A CA    1 
ATOM   373 C  CA    . ILE A 1 374 ? -23.457 -2.882  -20.670 1.00 15.59 ? 374  ILE A CA    1 
ATOM   374 C  CA    . ARG A 1 375 ? -21.266 0.047   -19.654 1.00 17.23 ? 375  ARG A CA    1 
ATOM   375 C  CA    . ALA A 1 376 ? -23.994 1.197   -17.266 1.00 14.42 ? 376  ALA A CA    1 
ATOM   376 C  CA    . TYR A 1 377 ? -23.593 -1.923  -15.072 1.00 20.56 ? 377  TYR A CA    1 
ATOM   377 C  CA    . ASP A 1 378 ? -20.715 -2.007  -12.610 1.00 21.52 ? 378  ASP A CA    1 
ATOM   378 C  CA    . PRO A 1 379 ? -19.053 -5.393  -13.050 1.00 20.25 ? 379  PRO A CA    1 
ATOM   379 C  CA    . CYS A 1 380 ? -15.682 -6.644  -11.850 1.00 18.95 ? 380  CYS A CA    1 
ATOM   380 C  CA    . LEU A 1 381 ? -14.048 -9.449  -13.812 1.00 22.65 ? 381  LEU A CA    1 
ATOM   381 C  CA    . SER A 1 382 ? -11.793 -10.069 -10.837 1.00 16.42 ? 382  SER A CA    1 
ATOM   382 C  CA    . CYS A 1 383 ? -14.688 -10.057 -8.326  1.00 19.15 ? 383  CYS A CA    1 
ATOM   383 C  CA    . ALA A 1 384 ? -17.041 -11.998 -10.631 1.00 19.57 ? 384  ALA A CA    1 
ATOM   384 C  CA    . THR A 1 385 ? -14.552 -14.842 -11.033 1.00 14.61 ? 385  THR A CA    1 
ATOM   385 C  CA    . HIS A 1 386 ? -11.779 -13.760 -8.676  1.00 18.34 ? 386  HIS A CA    1 
ATOM   386 C  CA    . LYS B 2 46  ? 3.838   11.681  -26.227 1.00 30.00 ? 46   LYS B CA    1 
ATOM   387 C  CA    . PRO B 2 47  ? 3.559   8.064   -27.399 1.00 22.55 ? 47   PRO B CA    1 
ATOM   388 C  CA    . ARG B 2 48  ? 3.438   5.292   -27.254 1.00 30.00 ? 48   ARG B CA    1 
ATOM   389 C  CA    . ILE B 2 49  ? 2.595   3.201   -24.242 1.00 16.82 ? 49   ILE B CA    1 
ATOM   390 C  CA    . GLY B 2 50  ? -0.205  0.669   -24.316 1.00 17.26 ? 50   GLY B CA    1 
ATOM   391 C  CA    . TYR B 2 51  ? -0.797  -1.323  -21.157 1.00 17.40 ? 51   TYR B CA    1 
ATOM   392 C  CA    . ILE B 2 52  ? -1.693  -5.015  -21.298 1.00 19.69 ? 52   ILE B CA    1 
ATOM   393 C  CA    . HIS B 2 53  ? -3.230  -6.745  -18.311 1.00 21.75 ? 53   HIS B CA    1 
ATOM   394 C  CA    . LEU B 2 54  ? -3.503  -10.523 -18.386 1.00 19.96 ? 54   LEU B CA    1 
ATOM   395 C  CA    . SER B 2 55  ? -3.450  -11.629 -14.739 1.00 20.42 ? 55   SER B CA    1 
ATOM   396 C  CA    . GLY B 2 56  ? -3.960  -8.549  -12.597 1.00 20.18 ? 56   GLY B CA    1 
ATOM   397 C  CA    . CYS B 2 57  ? -6.459  -6.884  -10.276 1.00 18.83 ? 57   CYS B CA    1 
ATOM   398 C  CA    . THR B 2 58  ? -6.283  -3.434  -11.790 1.00 19.57 ? 58   THR B CA    1 
ATOM   399 C  CA    . GLY B 2 59  ? -3.998  -3.064  -8.821  1.00 2.90  ? 59   GLY B CA    1 
ATOM   400 C  CA    . ASP B 2 60  ? -1.609  -1.267  -11.123 1.00 3.10  ? 60   ASP B CA    1 
ATOM   401 C  CA    . ALA B 2 61  ? -4.321  0.819   -12.792 1.00 -0.30 ? 61   ALA B CA    1 
ATOM   402 C  CA    . MET B 2 62  ? -5.626  2.202   -9.500  1.00 0.40  ? 62   MET B CA    1 
ATOM   403 C  CA    . SER B 2 63  ? -2.098  3.215   -8.516  1.00 3.70  ? 63   SER B CA    1 
ATOM   404 C  CA    . LEU B 2 64  ? -1.698  4.890   -11.899 1.00 2.60  ? 64   LEU B CA    1 
ATOM   405 C  CA    . THR B 2 65  ? -4.905  6.882   -11.506 1.00 1.20  ? 65   THR B CA    1 
ATOM   406 C  CA    . GLU B 2 66  ? -3.930  8.469   -8.211  1.00 1.30  ? 66   GLU B CA    1 
ATOM   407 C  CA    . ASN B 2 67  ? -3.812  11.285  -8.365  1.00 0.30  ? 67   ASN B CA    1 
ATOM   408 C  CA    . TYR B 2 68  ? -2.459  14.746  -9.311  1.00 -1.30 ? 68   TYR B CA    1 
ATOM   409 C  CA    . ASP B 2 69  ? -1.055  16.586  -10.956 1.00 3.40  ? 69   ASP B CA    1 
ATOM   410 C  CA    . ILE B 2 70  ? -1.920  17.213  -13.548 1.00 -0.80 ? 70   ILE B CA    1 
ATOM   411 C  CA    . LEU B 2 71  ? -2.212  13.424  -13.667 1.00 1.60  ? 71   LEU B CA    1 
ATOM   412 C  CA    . ALA B 2 72  ? -5.474  13.904  -15.538 1.00 1.70  ? 72   ALA B CA    1 
ATOM   413 C  CA    . GLU B 2 73  ? -4.629  17.342  -16.914 1.00 1.20  ? 73   GLU B CA    1 
ATOM   414 C  CA    . LEU B 2 74  ? -1.097  16.019  -16.737 1.00 1.90  ? 74   LEU B CA    1 
ATOM   415 C  CA    . LEU B 2 75  ? -2.390  12.893  -18.480 1.00 1.10  ? 75   LEU B CA    1 
ATOM   416 C  CA    . THR B 2 76  ? -3.757  15.117  -21.256 1.00 0.50  ? 76   THR B CA    1 
ATOM   417 C  CA    . ASN B 2 77  ? -0.397  16.889  -21.493 1.00 1.80  ? 77   ASN B CA    1 
ATOM   418 C  CA    . MET B 2 78  ? 1.316   13.563  -20.944 1.00 -0.50 ? 78   MET B CA    1 
ATOM   419 C  CA    . VAL B 2 79  ? 2.459   10.688  -23.097 1.00 21.73 ? 79   VAL B CA    1 
ATOM   420 C  CA    . ASP B 2 80  ? -0.345  9.047   -25.060 1.00 21.28 ? 80   ASP B CA    1 
ATOM   421 C  CA    . ILE B 2 81  ? -0.777  5.272   -24.867 1.00 20.34 ? 81   ILE B CA    1 
ATOM   422 C  CA    . VAL B 2 82  ? -3.298  3.480   -27.056 1.00 18.99 ? 82   VAL B CA    1 
ATOM   423 C  CA    . TYR B 2 83  ? -5.162  0.217   -26.632 1.00 17.53 ? 83   TYR B CA    1 
ATOM   424 C  CA    . GLY B 2 84  ? -8.661  1.699   -26.535 1.00 30.00 ? 84   GLY B CA    1 
ATOM   425 C  CA    . GLN B 2 85  ? -10.530 4.998   -26.240 1.00 30.00 ? 85   GLN B CA    1 
ATOM   426 C  CA    . THR B 2 86  ? -11.347 3.811   -22.733 1.00 30.00 ? 86   THR B CA    1 
ATOM   427 C  CA    . LEU B 2 87  ? -8.322  3.267   -20.508 1.00 30.00 ? 87   LEU B CA    1 
ATOM   428 C  CA    . VAL B 2 88  ? -8.246  -0.435  -21.390 1.00 30.00 ? 88   VAL B CA    1 
ATOM   429 C  CA    . ASP B 2 89  ? -9.524  -2.042  -24.592 1.00 30.00 ? 89   ASP B CA    1 
ATOM   430 C  CA    . LEU B 2 90  ? -8.626  -4.640  -27.221 1.00 30.00 ? 90   LEU B CA    1 
ATOM   431 C  CA    . TRP B 2 91  ? -8.637  -3.957  -30.934 1.00 30.00 ? 91   TRP B CA    1 
ATOM   432 C  CA    . GLU B 2 92  ? -4.902  -4.441  -31.169 1.00 30.00 ? 92   GLU B CA    1 
ATOM   433 C  CA    . MET B 2 93  ? -2.244  -1.703  -31.285 1.00 30.00 ? 93   MET B CA    1 
ATOM   434 C  CA    . PRO B 2 94  ? 0.858   -0.702  -33.268 1.00 30.00 ? 94   PRO B CA    1 
ATOM   435 C  CA    . GLU B 2 95  ? 3.753   1.788   -33.119 1.00 30.00 ? 95   GLU B CA    1 
ATOM   436 C  CA    . MET B 2 96  ? 3.700   2.215   -29.326 1.00 30.00 ? 96   MET B CA    1 
ATOM   437 C  CA    . ASP B 2 97  ? 7.345   1.228   -28.815 1.00 16.58 ? 97   ASP B CA    1 
ATOM   438 C  CA    . LEU B 2 98  ? 6.118   0.520   -25.285 1.00 23.76 ? 98   LEU B CA    1 
ATOM   439 C  CA    . ALA B 2 99  ? 4.029   -2.259  -23.764 1.00 22.27 ? 99   ALA B CA    1 
ATOM   440 C  CA    . LEU B 2 100 ? 2.741   -2.010  -20.200 1.00 20.58 ? 100  LEU B CA    1 
ATOM   441 C  CA    . VAL B 2 101 ? 1.634   -5.277  -18.636 1.00 17.65 ? 101  VAL B CA    1 
ATOM   442 C  CA    . GLU B 2 102 ? -0.734  -5.476  -15.651 1.00 18.55 ? 102  GLU B CA    1 
ATOM   443 C  CA    . GLY B 2 103 ? -1.451  -8.931  -14.244 1.00 21.03 ? 103  GLY B CA    1 
ATOM   444 C  CA    . SER B 2 104 ? 0.212   -12.351 -14.628 1.00 20.75 ? 104  SER B CA    1 
ATOM   445 C  CA    . VAL B 2 105 ? 0.232   -14.622 -17.703 1.00 19.77 ? 105  VAL B CA    1 
ATOM   446 C  CA    . CYS B 2 106 ? -1.509  -18.012 -17.441 1.00 21.51 ? 106  CYS B CA    1 
ATOM   447 C  CA    . LEU B 2 107 ? -0.544  -20.885 -19.743 1.00 22.73 ? 107  LEU B CA    1 
ATOM   448 C  CA    . GLN B 2 108 ? -4.080  -21.948 -20.611 1.00 22.73 ? 108  GLN B CA    1 
ATOM   449 C  CA    . ASP B 2 109 ? -5.141  -21.244 -24.189 1.00 30.00 ? 109  ASP B CA    1 
ATOM   450 C  CA    . GLU B 2 110 ? -5.583  -19.738 -26.435 1.00 17.34 ? 110  GLU B CA    1 
ATOM   451 C  CA    . HIS B 2 111 ? -5.464  -15.976 -26.890 1.00 16.68 ? 111  HIS B CA    1 
ATOM   452 C  CA    . SER B 2 112 ? -3.687  -14.363 -23.940 1.00 18.16 ? 112  SER B CA    1 
ATOM   453 C  CA    . LEU B 2 113 ? -0.368  -16.003 -24.815 1.00 16.74 ? 113  LEU B CA    1 
ATOM   454 C  CA    . HIS B 2 114 ? -0.470  -15.526 -28.587 1.00 19.16 ? 114  HIS B CA    1 
ATOM   455 C  CA    . GLU B 2 115 ? -1.827  -12.001 -28.149 1.00 18.74 ? 115  GLU B CA    1 
ATOM   456 C  CA    . LEU B 2 116 ? 0.944   -11.327 -25.637 1.00 19.79 ? 116  LEU B CA    1 
ATOM   457 C  CA    . LYS B 2 117 ? 3.782   -12.453 -27.967 1.00 19.48 ? 117  LYS B CA    1 
ATOM   458 C  CA    . GLU B 2 118 ? 2.153   -10.321 -30.653 1.00 18.33 ? 118  GLU B CA    1 
ATOM   459 C  CA    . LEU B 2 119 ? 1.908   -7.089  -28.665 1.00 30.00 ? 119  LEU B CA    1 
ATOM   460 C  CA    . ARG B 2 120 ? 5.508   -7.840  -27.705 1.00 18.34 ? 120  ARG B CA    1 
ATOM   461 C  CA    . GLU B 2 121 ? 6.367   -8.169  -31.390 1.00 19.36 ? 121  GLU B CA    1 
ATOM   462 C  CA    . LYS B 2 122 ? 5.641   -4.493  -32.158 1.00 18.45 ? 122  LYS B CA    1 
ATOM   463 C  CA    . ALA B 2 123 ? 6.546   -2.490  -29.019 1.00 17.05 ? 123  ALA B CA    1 
ATOM   464 C  CA    . LYS B 2 124 ? 9.634   -0.304  -28.464 1.00 18.06 ? 124  LYS B CA    1 
ATOM   465 C  CA    . LEU B 2 125 ? 9.549   -1.386  -24.810 1.00 17.72 ? 125  LEU B CA    1 
ATOM   466 C  CA    . VAL B 2 126 ? 8.069   -4.266  -22.837 1.00 18.81 ? 126  VAL B CA    1 
ATOM   467 C  CA    . CYS B 2 127 ? 7.012   -3.469  -19.282 1.00 19.31 ? 127  CYS B CA    1 
ATOM   468 C  CA    . ALA B 2 128 ? 5.168   -5.144  -16.424 1.00 19.28 ? 128  ALA B CA    1 
ATOM   469 C  CA    . PHE B 2 129 ? 3.053   -3.107  -14.021 1.00 17.92 ? 129  PHE B CA    1 
ATOM   470 C  CA    . GLY B 2 130 ? 2.891   -4.219  -10.405 1.00 15.98 ? 130  GLY B CA    1 
ATOM   471 C  CA    . SER B 2 131 ? 4.168   -7.456  -8.841  1.00 17.33 ? 131  SER B CA    1 
ATOM   472 C  CA    . CYS B 2 132 ? 1.646   -9.663  -10.708 1.00 17.81 ? 132  CYS B CA    1 
ATOM   473 C  CA    . ALA B 2 133 ? 3.215   -8.979  -14.105 1.00 16.89 ? 133  ALA B CA    1 
ATOM   474 C  CA    . ALA B 2 134 ? 6.630   -8.864  -12.457 1.00 18.97 ? 134  ALA B CA    1 
ATOM   475 C  CA    . THR B 2 135 ? 5.720   -12.129 -10.722 1.00 18.23 ? 135  THR B CA    1 
ATOM   476 C  CA    . GLY B 2 136 ? 3.428   -10.911 -9.737  1.00 17.83 ? 136  GLY B CA    1 
ATOM   477 C  CA    . CYS B 2 137 ? 2.592   -13.097 -8.194  1.00 17.32 ? 137  CYS B CA    1 
ATOM   478 C  CA    . PHE B 2 138 ? -0.592  -13.520 -6.172  1.00 18.33 ? 138  PHE B CA    1 
ATOM   479 C  CA    . THR B 2 139 ? -1.178  -16.417 -8.525  1.00 17.18 ? 139  THR B CA    1 
ATOM   480 C  CA    . ARG B 2 140 ? 1.864   -18.676 -8.094  1.00 17.45 ? 140  ARG B CA    1 
ATOM   481 C  CA    . TYR B 2 141 ? 0.391   -19.584 -4.679  1.00 17.38 ? 141  TYR B CA    1 
ATOM   482 C  CA    . SER B 2 142 ? -2.798  -20.472 -6.526  1.00 19.26 ? 142  SER B CA    1 
ATOM   483 C  CA    . ARG B 2 143 ? -3.097  -24.242 -7.147  1.00 30.00 ? 143  ARG B CA    1 
ATOM   484 C  CA    . GLY B 2 144 ? -5.680  -26.505 -8.580  1.00 30.00 ? 144  GLY B CA    1 
ATOM   485 C  CA    . GLY B 2 145 ? -8.785  -25.310 -10.376 1.00 30.00 ? 145  GLY B CA    1 
ATOM   486 C  CA    . GLN B 2 146 ? -11.797 -23.423 -9.062  1.00 30.00 ? 146  GLN B CA    1 
ATOM   487 C  CA    . GLN B 2 147 ? -14.585 -24.269 -11.510 1.00 30.00 ? 147  GLN B CA    1 
ATOM   488 C  CA    . ALA B 2 148 ? -16.278 -23.616 -13.611 1.00 30.00 ? 148  ALA B CA    1 
ATOM   489 C  CA    . GLN B 2 149 ? -13.135 -24.997 -15.271 1.00 30.00 ? 149  GLN B CA    1 
ATOM   490 C  CA    . PRO B 2 150 ? -9.666  -25.898 -13.936 1.00 30.00 ? 150  PRO B CA    1 
ATOM   491 C  CA    . SER B 2 151 ? -6.407  -23.921 -14.303 1.00 30.00 ? 151  SER B CA    1 
ATOM   492 C  CA    . HIS B 2 152 ? -3.028  -23.105 -12.777 1.00 30.00 ? 152  HIS B CA    1 
ATOM   493 C  CA    . GLU B 2 153 ? -1.973  -20.069 -14.765 1.00 30.00 ? 153  GLU B CA    1 
ATOM   494 C  CA    . SER B 2 154 ? 1.738   -19.241 -14.681 1.00 30.00 ? 154  SER B CA    1 
ATOM   495 C  CA    . PHE B 2 155 ? 1.141   -15.486 -14.711 1.00 30.00 ? 155  PHE B CA    1 
ATOM   496 C  CA    . VAL B 2 156 ? 4.798   -15.182 -15.699 1.00 30.00 ? 156  VAL B CA    1 
ATOM   497 C  CA    . PRO B 2 157 ? 6.634   -12.545 -17.754 1.00 30.00 ? 157  PRO B CA    1 
ATOM   498 C  CA    . ILE B 2 158 ? 9.304   -15.139 -18.531 1.00 30.00 ? 158  ILE B CA    1 
ATOM   499 C  CA    . ALA B 2 159 ? 7.316   -16.803 -21.319 1.00 30.00 ? 159  ALA B CA    1 
ATOM   500 C  CA    . ASP B 2 160 ? 6.735   -15.379 -23.548 1.00 30.00 ? 160  ASP B CA    1 
ATOM   501 C  CA    . LEU B 2 161 ? 8.425   -12.158 -22.451 1.00 30.00 ? 161  LEU B CA    1 
ATOM   502 C  CA    . ILE B 2 162 ? 11.860  -10.547 -22.206 1.00 30.00 ? 162  ILE B CA    1 
ATOM   503 C  CA    . ASP B 2 163 ? 13.214  -7.225  -20.923 1.00 30.00 ? 163  ASP B CA    1 
ATOM   504 C  CA    . VAL B 2 164 ? 12.208  -4.670  -20.641 1.00 19.55 ? 164  VAL B CA    1 
ATOM   505 C  CA    . ASP B 2 165 ? 10.208  -4.683  -18.707 1.00 19.37 ? 165  ASP B CA    1 
ATOM   506 C  CA    . LEU B 2 166 ? 11.507  -2.220  -17.940 1.00 19.79 ? 166  LEU B CA    1 
ATOM   507 C  CA    . ALA B 2 167 ? 8.741   -2.595  -15.354 1.00 18.28 ? 167  ALA B CA    1 
ATOM   508 C  CA    . LEU B 2 168 ? 8.170   -1.567  -11.715 1.00 16.46 ? 168  LEU B CA    1 
ATOM   509 C  CA    . PRO B 2 169 ? 7.225   -3.955  -8.860  1.00 17.34 ? 169  PRO B CA    1 
ATOM   510 C  CA    . GLY B 2 170 ? 4.703   -3.555  -6.009  1.00 17.53 ? 170  GLY B CA    1 
ATOM   511 C  CA    . CYS B 2 171 ? 1.180   -4.474  -4.906  1.00 18.25 ? 171  CYS B CA    1 
ATOM   512 C  CA    . PRO B 2 172 ? 0.492   -2.078  -6.474  1.00 17.78 ? 172  PRO B CA    1 
ATOM   513 C  CA    . PRO B 2 173 ? 3.627   0.090   -6.841  1.00 16.32 ? 173  PRO B CA    1 
ATOM   514 C  CA    . SER B 2 174 ? 3.503   3.667   -5.616  1.00 17.17 ? 174  SER B CA    1 
ATOM   515 C  CA    . PRO B 2 175 ? 2.498   5.894   -8.485  1.00 17.00 ? 175  PRO B CA    1 
ATOM   516 C  CA    . GLU B 2 176 ? 5.757   7.851   -8.309  1.00 19.86 ? 176  GLU B CA    1 
ATOM   517 C  CA    . ILE B 2 177 ? 7.558   4.617   -9.168  1.00 19.11 ? 177  ILE B CA    1 
ATOM   518 C  CA    . ILE B 2 178 ? 5.543   4.376   -12.409 1.00 20.40 ? 178  ILE B CA    1 
ATOM   519 C  CA    . ALA B 2 179 ? 5.186   8.075   -13.208 1.00 21.08 ? 179  ALA B CA    1 
ATOM   520 C  CA    . LYS B 2 180 ? 8.814   8.682   -12.260 1.00 19.05 ? 180  LYS B CA    1 
ATOM   521 C  CA    . THR B 2 181 ? 9.887   5.825   -14.526 1.00 18.62 ? 181  THR B CA    1 
ATOM   522 C  CA    . VAL B 2 182 ? 7.818   7.103   -17.450 1.00 17.18 ? 182  VAL B CA    1 
ATOM   523 C  CA    . VAL B 2 183 ? 9.219   10.614  -17.034 1.00 19.11 ? 183  VAL B CA    1 
ATOM   524 C  CA    . ALA B 2 184 ? 12.819  9.467   -17.464 1.00 21.52 ? 184  ALA B CA    1 
ATOM   525 C  CA    . LEU B 2 185 ? 11.837  6.937   -20.129 1.00 21.44 ? 185  LEU B CA    1 
ATOM   526 C  CA    . LEU B 2 186 ? 10.509  9.871   -22.153 1.00 21.58 ? 186  LEU B CA    1 
ATOM   527 C  CA    . ASN B 2 187 ? 13.237  12.407  -21.375 1.00 23.48 ? 187  ASN B CA    1 
ATOM   528 C  CA    . ALA B 2 200 ? 19.369  7.838   -18.801 1.00 30.00 ? 200  ALA B CA    1 
ATOM   529 C  CA    . GLY B 2 201 ? 18.635  6.700   -15.254 1.00 30.00 ? 201  GLY B CA    1 
ATOM   530 C  CA    . TYR B 2 202 ? 18.147  4.153   -14.242 1.00 30.00 ? 202  TYR B CA    1 
ATOM   531 C  CA    . THR B 2 203 ? 19.012  0.468   -14.622 1.00 30.00 ? 203  THR B CA    1 
ATOM   532 C  CA    . GLU B 2 204 ? 16.513  -2.196  -13.786 1.00 30.00 ? 204  GLU B CA    1 
ATOM   533 C  CA    . ALA B 2 205 ? 17.579  -5.646  -12.703 1.00 30.00 ? 205  ALA B CA    1 
ATOM   534 C  CA    . CYS B 2 206 ? 14.874  -5.809  -13.390 1.00 30.00 ? 206  CYS B CA    1 
ATOM   535 C  CA    . GLY B 2 207 ? 13.070  -9.107  -12.827 1.00 30.00 ? 207  GLY B CA    1 
ATOM   536 C  CA    . CYS B 2 208 ? 13.056  -11.514 -9.895  1.00 30.00 ? 208  CYS B CA    1 
ATOM   537 C  CA    . ASP B 2 209 ? 10.869  -14.419 -8.760  1.00 30.00 ? 209  ASP B CA    1 
ATOM   538 C  CA    . LEU B 2 210 ? 11.835  -14.697 -5.103  1.00 30.00 ? 210  LEU B CA    1 
ATOM   539 C  CA    . GLN B 2 211 ? 12.161  -15.162 -2.323  1.00 30.00 ? 211  GLN B CA    1 
ATOM   540 C  CA    . THR B 2 212 ? 10.992  -17.433 0.482   1.00 30.00 ? 212  THR B CA    1 
ATOM   541 C  CA    . LYS B 2 213 ? 10.889  -15.853 2.797   1.00 6.84  ? 213  LYS B CA    1 
ATOM   542 C  CA    . VAL B 2 214 ? 14.112  -13.966 2.032   1.00 6.80  ? 214  VAL B CA    1 
ATOM   543 C  CA    . VAL B 2 215 ? 17.815  -14.399 2.715   1.00 6.73  ? 215  VAL B CA    1 
ATOM   544 C  CA    . ASN B 2 216 ? 20.653  -12.088 3.711   1.00 6.17  ? 216  ASN B CA    1 
ATOM   545 C  CA    . GLN B 2 217 ? 23.461  -14.449 4.693   1.00 9.23  ? 217  GLN B CA    1 
ATOM   546 C  CA    . GLY B 2 218 ? 25.247  -11.491 6.266   1.00 12.09 ? 218  GLY B CA    1 
ATOM   547 C  CA    . LEU B 2 219 ? 26.067  -8.115  4.743   1.00 12.07 ? 219  LEU B CA    1 
ATOM   548 C  CA    . CYS B 2 220 ? 22.913  -6.783  6.403   1.00 8.17  ? 220  CYS B CA    1 
ATOM   549 C  CA    . ILE B 2 221 ? 22.507  -3.132  7.398   1.00 8.54  ? 221  ILE B CA    1 
ATOM   550 C  CA    . GLY B 2 222 ? 20.193  -3.845  10.327  1.00 9.00  ? 222  GLY B CA    1 
ATOM   551 C  CA    . CYS B 2 223 ? 18.249  -0.743  9.331   1.00 11.78 ? 223  CYS B CA    1 
ATOM   552 C  CA    . GLY B 2 224 ? 15.012  -2.723  9.198   1.00 10.78 ? 224  GLY B CA    1 
ATOM   553 C  CA    . THR B 2 225 ? 14.102  -1.041  5.925   1.00 9.21  ? 225  THR B CA    1 
ATOM   554 C  CA    . CYS B 2 226 ? 12.682  -4.443  4.968   1.00 8.05  ? 226  CYS B CA    1 
ATOM   555 C  CA    . ALA B 2 227 ? 9.925   -4.349  7.589   1.00 10.97 ? 227  ALA B CA    1 
ATOM   556 C  CA    . MET B 2 228 ? 8.784   -1.009  6.171   1.00 13.25 ? 228  MET B CA    1 
ATOM   557 C  CA    . ALA B 2 229 ? 6.790   -1.011  2.930   1.00 13.22 ? 229  ALA B CA    1 
ATOM   558 C  CA    . CYS B 2 230 ? 5.513   -4.593  2.976   1.00 10.65 ? 230  CYS B CA    1 
ATOM   559 C  CA    . GLN B 2 231 ? 2.115   -4.000  1.406   1.00 11.48 ? 231  GLN B CA    1 
ATOM   560 C  CA    . THR B 2 232 ? 0.784   -6.820  3.581   1.00 12.79 ? 232  THR B CA    1 
ATOM   561 C  CA    . ARG B 2 233 ? 2.142   -5.151  6.716   1.00 15.89 ? 233  ARG B CA    1 
ATOM   562 C  CA    . ALA B 2 234 ? 2.433   -8.685  8.102   1.00 12.93 ? 234  ALA B CA    1 
ATOM   563 C  CA    . LEU B 2 235 ? 6.215   -8.638  8.431   1.00 10.85 ? 235  LEU B CA    1 
ATOM   564 C  CA    . ASP B 2 236 ? 7.647   -8.845  11.947  1.00 10.83 ? 236  ASP B CA    1 
ATOM   565 C  CA    . MET B 2 237 ? 10.647  -6.714  12.870  1.00 14.44 ? 237  MET B CA    1 
ATOM   566 C  CA    . THR B 2 238 ? 13.140  -8.157  15.332  1.00 12.63 ? 238  THR B CA    1 
ATOM   567 C  CA    . ASN B 2 239 ? 16.821  -8.002  16.111  1.00 12.87 ? 239  ASN B CA    1 
ATOM   568 C  CA    . GLY B 2 240 ? 18.380  -9.161  12.850  1.00 11.39 ? 240  GLY B CA    1 
ATOM   569 C  CA    . ARG B 2 241 ? 15.859  -10.888 10.546  1.00 8.66  ? 241  ARG B CA    1 
ATOM   570 C  CA    . PRO B 2 242 ? 12.241  -9.876  11.032  1.00 7.97  ? 242  PRO B CA    1 
ATOM   571 C  CA    . GLU B 2 243 ? 10.398  -13.160 10.641  1.00 9.75  ? 243  GLU B CA    1 
ATOM   572 C  CA    . LEU B 2 244 ? 6.789   -13.231 9.440   1.00 12.66 ? 244  LEU B CA    1 
ATOM   573 C  CA    . ASN B 2 245 ? 3.551   -15.103 9.783   1.00 30.00 ? 245  ASN B CA    1 
ATOM   574 C  CA    . SER B 2 246 ? 3.587   -17.536 6.860   1.00 13.80 ? 246  SER B CA    1 
ATOM   575 C  CA    . ASP B 2 247 ? 0.441   -16.494 4.957   1.00 17.19 ? 247  ASP B CA    1 
ATOM   576 C  CA    . ARG B 2 248 ? 0.599   -12.708 5.455   1.00 12.31 ? 248  ARG B CA    1 
ATOM   577 C  CA    . CYS B 2 249 ? 2.628   -11.773 2.348   1.00 10.76 ? 249  CYS B CA    1 
ATOM   578 C  CA    . ILE B 2 250 ? 1.875   -12.270 -1.352  1.00 11.00 ? 250  ILE B CA    1 
ATOM   579 C  CA    . LYS B 2 251 ? 4.698   -12.581 -1.061  1.00 11.46 ? 251  LYS B CA    1 
ATOM   580 C  CA    . CYS B 2 252 ? 5.005   -9.162  -2.720  1.00 10.84 ? 252  CYS B CA    1 
ATOM   581 C  CA    . GLY B 2 253 ? 8.667   -8.922  -3.707  1.00 11.60 ? 253  GLY B CA    1 
ATOM   582 C  CA    . ILE B 2 254 ? 8.278   -5.598  -1.897  1.00 12.52 ? 254  ILE B CA    1 
ATOM   583 C  CA    . CYS B 2 255 ? 10.704  -6.425  0.930   1.00 9.14  ? 255  CYS B CA    1 
ATOM   584 C  CA    . TYR B 2 256 ? 13.870  -6.521  -1.160  1.00 10.61 ? 256  TYR B CA    1 
ATOM   585 C  CA    . VAL B 2 257 ? 14.497  -2.864  -1.791  1.00 13.65 ? 257  VAL B CA    1 
ATOM   586 C  CA    . GLN B 2 258 ? 16.830  -2.657  1.173   1.00 10.96 ? 258  GLN B CA    1 
ATOM   587 C  CA    . CYS B 2 259 ? 20.294  -1.462  2.151   1.00 8.71  ? 259  CYS B CA    1 
ATOM   588 C  CA    . PRO B 2 260 ? 21.686  -4.225  -0.056  1.00 11.16 ? 260  PRO B CA    1 
ATOM   589 C  CA    . ARG B 2 261 ? 20.442  -4.273  -3.627  1.00 12.20 ? 261  ARG B CA    1 
ATOM   590 C  CA    . SER B 2 262 ? 22.367  -2.796  -6.491  1.00 10.02 ? 262  SER B CA    1 
ATOM   591 C  CA    . TRP B 2 263 ? 22.744  0.576   -4.818  1.00 7.15  ? 263  TRP B CA    1 
ATOM   592 C  CA    . TRP B 2 264 ? 21.419  3.696   -6.420  1.00 1.00  ? 264  TRP B CA    1 
ATOM   593 C  CA    . PRO B 2 265 ? 24.011  6.417   -6.794  1.00 1.00  ? 265  PRO B CA    1 
ATOM   594 C  CA    . GLU B 2 266 ? 21.289  8.722   -8.054  1.00 1.00  ? 266  GLU B CA    1 
ATOM   595 C  CA    . GLU B 2 267 ? 19.044  8.943   -5.002  1.00 1.00  ? 267  GLU B CA    1 
ATOM   596 C  CA    . GLN B 2 268 ? 21.820  10.831  -3.225  1.00 1.00  ? 268  GLN B CA    1 
ATOM   597 C  CA    . ILE B 2 269 ? 22.220  13.059  -6.275  1.00 1.00  ? 269  ILE B CA    1 
ATOM   598 C  CA    . LYS B 2 270 ? 18.479  13.729  -6.242  1.00 1.00  ? 270  LYS B CA    1 
ATOM   599 C  CA    . LYS B 2 271 ? 18.713  14.638  -2.561  1.00 1.00  ? 271  LYS B CA    1 
ATOM   600 C  CA    . GLU B 2 272 ? 21.577  17.025  -3.312  1.00 30.00 ? 272  GLU B CA    1 
ATOM   601 C  CA    . LEU C 3 3   ? 33.106  14.529  3.112   1.00 30.00 ? 3    LEU C CA    1 
ATOM   602 C  CA    . GLY C 3 4   ? 30.572  17.313  3.612   1.00 30.00 ? 4    GLY C CA    1 
ATOM   603 C  CA    . THR C 3 5   ? 31.505  20.647  5.180   1.00 30.00 ? 5    THR C CA    1 
ATOM   604 C  CA    . TYR C 3 6   ? 28.136  22.309  4.572   1.00 30.00 ? 6    TYR C CA    1 
ATOM   605 C  CA    . LYS C 3 7   ? 27.542  22.759  8.306   1.00 20.00 ? 7    LYS C CA    1 
ATOM   606 C  CA    . GLU C 3 8   ? 30.220  22.851  11.013  1.00 30.00 ? 8    GLU C CA    1 
ATOM   607 C  CA    . ILE C 3 9   ? 29.499  23.781  14.639  1.00 30.00 ? 9    ILE C CA    1 
ATOM   608 C  CA    . VAL C 3 10  ? 29.701  22.691  18.267  1.00 30.00 ? 10   VAL C CA    1 
ATOM   609 C  CA    . SER C 3 11  ? 27.328  23.770  21.041  1.00 30.00 ? 11   SER C CA    1 
ATOM   610 C  CA    . ALA C 3 12  ? 26.129  23.101  24.572  1.00 30.00 ? 12   ALA C CA    1 
ATOM   611 C  CA    . ARG C 3 13  ? 22.415  23.896  24.756  1.00 30.00 ? 13   ARG C CA    1 
ATOM   612 C  CA    . SER C 3 14  ? 20.434  25.999  27.240  1.00 30.00 ? 14   SER C CA    1 
ATOM   613 C  CA    . THR C 3 15  ? 18.906  24.485  30.395  1.00 30.00 ? 15   THR C CA    1 
ATOM   614 C  CA    . ASP C 3 16  ? 17.169  22.610  31.606  1.00 1.00  ? 16   ASP C CA    1 
ATOM   615 C  CA    . ARG C 3 17  ? 16.201  18.953  32.093  1.00 1.00  ? 17   ARG C CA    1 
ATOM   616 C  CA    . GLU C 3 18  ? 17.736  18.229  28.692  1.00 1.00  ? 18   GLU C CA    1 
ATOM   617 C  CA    . ILE C 3 19  ? 21.482  18.103  29.381  1.00 1.00  ? 19   ILE C CA    1 
ATOM   618 C  CA    . GLN C 3 20  ? 21.438  15.719  32.333  1.00 1.00  ? 20   GLN C CA    1 
ATOM   619 C  CA    . LYS C 3 21  ? 19.597  12.851  30.675  1.00 1.00  ? 21   LYS C CA    1 
ATOM   620 C  CA    . LEU C 3 22  ? 20.721  13.406  27.084  1.00 1.00  ? 22   LEU C CA    1 
ATOM   621 C  CA    . ALA C 3 23  ? 24.203  11.977  27.546  1.00 30.00 ? 23   ALA C CA    1 
ATOM   622 C  CA    . GLN C 3 24  ? 25.461  10.084  25.976  1.00 1.00  ? 24   GLN C CA    1 
ATOM   623 C  CA    . ASP C 3 25  ? 22.954  11.332  23.388  1.00 1.00  ? 25   ASP C CA    1 
ATOM   624 C  CA    . GLY C 3 26  ? 19.551  12.968  22.941  1.00 1.00  ? 26   GLY C CA    1 
ATOM   625 C  CA    . GLY C 3 27  ? 20.146  16.368  24.494  1.00 1.00  ? 27   GLY C CA    1 
ATOM   626 C  CA    . ILE C 3 28  ? 20.590  17.649  20.962  1.00 1.00  ? 28   ILE C CA    1 
ATOM   627 C  CA    . VAL C 3 29  ? 18.011  15.343  19.391  1.00 1.00  ? 29   VAL C CA    1 
ATOM   628 C  CA    . THR C 3 30  ? 15.430  16.438  21.961  1.00 1.00  ? 30   THR C CA    1 
ATOM   629 C  CA    . GLY C 3 31  ? 15.829  20.200  21.615  1.00 1.00  ? 31   GLY C CA    1 
ATOM   630 C  CA    . LEU C 3 32  ? 15.798  19.744  17.854  1.00 1.00  ? 32   LEU C CA    1 
ATOM   631 C  CA    . LEU C 3 33  ? 12.587  17.724  18.100  1.00 1.00  ? 33   LEU C CA    1 
ATOM   632 C  CA    . ALA C 3 34  ? 10.943  20.438  20.199  1.00 1.00  ? 34   ALA C CA    1 
ATOM   633 C  CA    . TYR C 3 35  ? 11.511  23.037  17.481  1.00 1.00  ? 35   TYR C CA    1 
ATOM   634 C  CA    . ALA C 3 36  ? 10.024  20.710  14.870  1.00 30.00 ? 36   ALA C CA    1 
ATOM   635 C  CA    . LEU C 3 37  ? 6.987   20.206  17.097  1.00 30.00 ? 37   LEU C CA    1 
ATOM   636 C  CA    . ASP C 3 38  ? 6.716   23.980  17.284  1.00 30.00 ? 38   ASP C CA    1 
ATOM   637 C  CA    . GLU C 3 39  ? 7.901   23.694  13.694  1.00 30.00 ? 39   GLU C CA    1 
ATOM   638 C  CA    . GLY C 3 40  ? 5.741   20.902  12.295  1.00 30.00 ? 40   GLY C CA    1 
ATOM   639 C  CA    . ILE C 3 41  ? 7.362   19.308  10.716  1.00 30.00 ? 41   ILE C CA    1 
ATOM   640 C  CA    . ILE C 3 42  ? 4.842   17.792  13.129  1.00 30.00 ? 42   ILE C CA    1 
ATOM   641 C  CA    . GLU C 3 43  ? 4.753   16.457  15.558  1.00 30.00 ? 43   GLU C CA    1 
ATOM   642 C  CA    . GLY C 3 44  ? 7.191   15.946  14.406  1.00 30.00 ? 44   GLY C CA    1 
ATOM   643 C  CA    . ALA C 3 45  ? 9.692   13.129  14.779  1.00 30.00 ? 45   ALA C CA    1 
ATOM   644 C  CA    . VAL C 3 46  ? 10.267  9.697   16.296  1.00 30.00 ? 46   VAL C CA    1 
ATOM   645 C  CA    . VAL C 3 47  ? 12.234  8.540   19.336  1.00 30.00 ? 47   VAL C CA    1 
ATOM   646 C  CA    . ALA C 3 48  ? 13.502  5.056   20.253  1.00 30.00 ? 48   ALA C CA    1 
ATOM   647 C  CA    . GLY C 3 49  ? 12.789  3.591   22.491  1.00 30.00 ? 49   GLY C CA    1 
ATOM   648 C  CA    . PRO C 3 50  ? 10.856  2.663   25.668  1.00 30.00 ? 50   PRO C CA    1 
ATOM   649 C  CA    . GLY C 3 51  ? 12.726  -0.030  27.530  1.00 30.00 ? 51   GLY C CA    1 
ATOM   650 C  CA    . GLU C 3 52  ? 13.912  0.367   31.116  1.00 30.00 ? 52   GLU C CA    1 
ATOM   651 C  CA    . GLU C 3 53  ? 15.229  -2.691  33.011  1.00 30.00 ? 53   GLU C CA    1 
ATOM   652 C  CA    . PHE C 3 54  ? 15.592  -4.343  29.616  1.00 30.00 ? 54   PHE C CA    1 
ATOM   653 C  CA    . TRP C 3 55  ? 17.601  -2.343  27.093  1.00 30.00 ? 55   TRP C CA    1 
ATOM   654 C  CA    . LYS C 3 56  ? 15.647  -0.354  25.110  1.00 30.00 ? 56   LYS C CA    1 
ATOM   655 C  CA    . PRO C 3 57  ? 14.634  -2.164  21.926  1.00 30.00 ? 57   PRO C CA    1 
ATOM   656 C  CA    . GLN C 3 58  ? 11.751  0.245   21.412  1.00 30.00 ? 58   GLN C CA    1 
ATOM   657 C  CA    . PRO C 3 59  ? 10.037  2.457   18.846  1.00 30.00 ? 59   PRO C CA    1 
ATOM   658 C  CA    . MET C 3 60  ? 8.094   5.580   19.832  1.00 30.00 ? 60   MET C CA    1 
ATOM   659 C  CA    . VAL C 3 61  ? 6.639   8.759   18.299  1.00 30.00 ? 61   VAL C CA    1 
ATOM   660 C  CA    . ALA C 3 62  ? 7.225   11.885  20.366  1.00 30.00 ? 62   ALA C CA    1 
ATOM   661 C  CA    . MET C 3 63  ? 3.982   13.867  20.181  1.00 30.00 ? 63   MET C CA    1 
ATOM   662 C  CA    . SER C 3 64  ? 4.459   15.508  23.575  1.00 1.00  ? 64   SER C CA    1 
ATOM   663 C  CA    . SER C 3 65  ? 7.379   17.089  25.391  1.00 1.00  ? 65   SER C CA    1 
ATOM   664 C  CA    . ASP C 3 66  ? 7.377   14.296  27.953  1.00 1.00  ? 66   ASP C CA    1 
ATOM   665 C  CA    . GLU C 3 67  ? 7.991   11.719  25.217  1.00 1.00  ? 67   GLU C CA    1 
ATOM   666 C  CA    . LEU C 3 68  ? 10.918  13.559  23.638  1.00 1.00  ? 68   LEU C CA    1 
ATOM   667 C  CA    . LYS C 3 69  ? 12.099  14.513  27.108  1.00 1.00  ? 69   LYS C CA    1 
ATOM   668 C  CA    . ALA C 3 70  ? 11.971  10.963  28.418  1.00 1.00  ? 70   ALA C CA    1 
ATOM   669 C  CA    . ALA C 3 71  ? 13.076  8.836   25.499  1.00 1.00  ? 71   ALA C CA    1 
ATOM   670 C  CA    . ALA C 3 72  ? 16.429  10.377  24.953  1.00 1.00  ? 72   ALA C CA    1 
ATOM   671 C  CA    . GLY C 3 73  ? 18.940  8.198   26.664  1.00 1.00  ? 73   GLY C CA    1 
ATOM   672 C  CA    . THR C 3 74  ? 21.307  7.091   23.931  1.00 30.00 ? 74   THR C CA    1 
ATOM   673 C  CA    . LYS C 3 75  ? 20.901  3.425   24.824  1.00 30.00 ? 75   LYS C CA    1 
ATOM   674 C  CA    . TYR C 3 76  ? 22.446  1.288   22.081  1.00 30.00 ? 76   TYR C CA    1 
ATOM   675 C  CA    . THR C 3 77  ? 21.953  -1.856  19.981  1.00 30.00 ? 77   THR C CA    1 
ATOM   676 C  CA    . PHE C 3 78  ? 20.527  -2.561  16.507  1.00 30.00 ? 78   PHE C CA    1 
ATOM   677 C  CA    . SER C 3 79  ? 16.881  -2.913  17.564  1.00 30.00 ? 79   SER C CA    1 
ATOM   678 C  CA    . PRO C 3 80  ? 14.883  -0.031  16.043  1.00 30.00 ? 80   PRO C CA    1 
ATOM   679 C  CA    . ASN C 3 81  ? 12.713  -1.213  13.127  1.00 30.00 ? 81   ASN C CA    1 
ATOM   680 C  CA    . VAL C 3 82  ? 12.470  2.012   11.086  1.00 30.00 ? 82   VAL C CA    1 
ATOM   681 C  CA    . MET C 3 83  ? 8.844   1.021   10.382  1.00 1.00  ? 83   MET C CA    1 
ATOM   682 C  CA    . MET C 3 84  ? 7.196   3.066   13.145  1.00 1.00  ? 84   MET C CA    1 
ATOM   683 C  CA    . LEU C 3 85  ? 7.210   5.953   10.588  1.00 1.00  ? 85   LEU C CA    1 
ATOM   684 C  CA    . LYS C 3 86  ? 4.668   3.855   8.664   1.00 1.00  ? 86   LYS C CA    1 
ATOM   685 C  CA    . LYS C 3 87  ? 3.195   3.319   12.123  1.00 1.00  ? 87   LYS C CA    1 
ATOM   686 C  CA    . ALA C 3 88  ? 3.182   7.094   12.529  1.00 1.00  ? 88   ALA C CA    1 
ATOM   687 C  CA    . VAL C 3 89  ? 1.079   7.490   9.383   1.00 1.00  ? 89   VAL C CA    1 
ATOM   688 C  CA    . ARG C 3 90  ? -1.586  5.229   10.847  1.00 1.00  ? 90   ARG C CA    1 
ATOM   689 C  CA    . GLN C 3 91  ? -1.365  7.698   13.715  1.00 30.00 ? 91   GLN C CA    1 
ATOM   690 C  CA    . TYR C 3 92  ? -0.578  10.456  11.178  1.00 30.00 ? 92   TYR C CA    1 
ATOM   691 C  CA    . GLY C 3 93  ? 0.552   12.632  9.670   1.00 30.00 ? 93   GLY C CA    1 
ATOM   692 C  CA    . ILE C 3 94  ? -0.342  13.814  7.264   1.00 30.00 ? 94   ILE C CA    1 
ATOM   693 C  CA    . GLU C 3 95  ? 2.794   16.077  7.497   1.00 30.00 ? 95   GLU C CA    1 
ATOM   694 C  CA    . LYS C 3 96  ? 5.528   13.822  8.766   1.00 30.00 ? 96   LYS C CA    1 
ATOM   695 C  CA    . LEU C 3 97  ? 8.949   14.085  10.414  1.00 30.00 ? 97   LEU C CA    1 
ATOM   696 C  CA    . GLY C 3 98  ? 11.287  11.146  11.079  1.00 30.00 ? 98   GLY C CA    1 
ATOM   697 C  CA    . THR C 3 99  ? 14.573  10.945  12.997  1.00 30.00 ? 99   THR C CA    1 
ATOM   698 C  CA    . VAL C 3 100 ? 16.766  7.831   13.182  1.00 30.00 ? 100  VAL C CA    1 
ATOM   699 C  CA    . ALA C 3 101 ? 19.985  6.173   13.170  1.00 30.00 ? 101  ALA C CA    1 
ATOM   700 C  CA    . ILE C 3 102 ? 19.756  4.630   10.834  1.00 30.00 ? 102  ILE C CA    1 
ATOM   701 C  CA    . PRO C 3 103 ? 23.551  4.903   10.859  1.00 30.00 ? 103  PRO C CA    1 
ATOM   702 C  CA    . CYS C 3 104 ? 23.128  2.267   8.200   1.00 16.16 ? 104  CYS C CA    1 
ATOM   703 C  CA    . GLN C 3 105 ? 19.470  2.956   8.861   1.00 30.00 ? 105  GLN C CA    1 
ATOM   704 C  CA    . THR C 3 106 ? 19.629  6.394   7.250   1.00 20.67 ? 106  THR C CA    1 
ATOM   705 C  CA    . MET C 3 107 ? 20.904  4.853   4.031   1.00 19.41 ? 107  MET C CA    1 
ATOM   706 C  CA    . GLY C 3 108 ? 17.682  2.857   3.803   1.00 17.79 ? 108  GLY C CA    1 
ATOM   707 C  CA    . ILE C 3 109 ? 15.402  5.861   3.890   1.00 22.19 ? 109  ILE C CA    1 
ATOM   708 C  CA    . ARG C 3 110 ? 16.959  7.969   1.142   1.00 19.75 ? 110  ARG C CA    1 
ATOM   709 C  CA    . LYS C 3 111 ? 16.754  5.362   -1.622  1.00 17.50 ? 111  LYS C CA    1 
ATOM   710 C  CA    . MET C 3 112 ? 13.104  4.682   -0.838  1.00 22.09 ? 112  MET C CA    1 
ATOM   711 C  CA    . GLN C 3 113 ? 12.448  8.414   -0.900  1.00 15.77 ? 113  GLN C CA    1 
ATOM   712 C  CA    . THR C 3 114 ? 14.064  8.619   -4.335  1.00 17.97 ? 114  THR C CA    1 
ATOM   713 C  CA    . TYR C 3 115 ? 11.647  5.866   -5.194  1.00 15.85 ? 115  TYR C CA    1 
ATOM   714 C  CA    . PRO C 3 116 ? 9.602   3.560   -2.958  1.00 30.00 ? 116  PRO C CA    1 
ATOM   715 C  CA    . PHE C 3 117 ? 9.728   2.483   -5.538  1.00 30.00 ? 117  PHE C CA    1 
ATOM   716 C  CA    . GLY C 3 118 ? 6.087   2.210   -4.535  1.00 30.00 ? 118  GLY C CA    1 
ATOM   717 C  CA    . VAL C 3 119 ? 5.161   3.553   -1.108  1.00 30.00 ? 119  VAL C CA    1 
ATOM   718 C  CA    . ARG C 3 120 ? 2.097   5.118   0.507   1.00 30.00 ? 120  ARG C CA    1 
ATOM   719 C  CA    . PHE C 3 121 ? 3.266   8.743   0.688   1.00 30.00 ? 121  PHE C CA    1 
ATOM   720 C  CA    . LEU C 3 122 ? 6.057   7.892   3.137   1.00 30.00 ? 122  LEU C CA    1 
ATOM   721 C  CA    . ALA C 3 123 ? 8.268   10.821  2.134   1.00 30.00 ? 123  ALA C CA    1 
ATOM   722 C  CA    . ASP C 3 124 ? 7.731   13.574  2.229   1.00 30.00 ? 124  ASP C CA    1 
ATOM   723 C  CA    . LYS C 3 125 ? 9.156   12.329  5.521   1.00 30.00 ? 125  LYS C CA    1 
ATOM   724 C  CA    . ILE C 3 126 ? 10.615  15.823  5.761   1.00 30.00 ? 126  ILE C CA    1 
ATOM   725 C  CA    . LYS C 3 127 ? 13.436  16.303  8.246   1.00 30.00 ? 127  LYS C CA    1 
ATOM   726 C  CA    . LEU C 3 128 ? 15.740  13.707  9.772   1.00 30.00 ? 128  LEU C CA    1 
ATOM   727 C  CA    . LEU C 3 129 ? 18.267  13.245  12.544  1.00 30.00 ? 129  LEU C CA    1 
ATOM   728 C  CA    . VAL C 3 130 ? 21.611  11.562  11.836  1.00 30.00 ? 130  VAL C CA    1 
ATOM   729 C  CA    . GLY C 3 131 ? 23.846  10.016  14.498  1.00 30.00 ? 131  GLY C CA    1 
ATOM   730 C  CA    . ILE C 3 132 ? 27.400  8.846   14.697  1.00 30.00 ? 132  ILE C CA    1 
ATOM   731 C  CA    . TYR C 3 133 ? 28.954  5.589   13.427  1.00 30.00 ? 133  TYR C CA    1 
ATOM   732 C  CA    . CYS C 3 134 ? 28.681  1.798   13.299  1.00 30.00 ? 134  CYS C CA    1 
ATOM   733 C  CA    . MET C 3 135 ? 28.846  -0.710  14.480  1.00 30.00 ? 135  MET C CA    1 
ATOM   734 C  CA    . GLU C 3 136 ? 26.308  -1.155  17.278  1.00 30.00 ? 136  GLU C CA    1 
ATOM   735 C  CA    . ASN C 3 137 ? 27.703  -3.542  19.870  1.00 30.00 ? 137  ASN C CA    1 
ATOM   736 C  CA    . PHE C 3 138 ? 24.783  -5.958  20.158  1.00 30.00 ? 138  PHE C CA    1 
ATOM   737 C  CA    . PRO C 3 139 ? 21.010  -5.963  19.771  1.00 30.00 ? 139  PRO C CA    1 
ATOM   738 C  CA    . TYR C 3 140 ? 20.700  -7.415  23.282  1.00 1.00  ? 140  TYR C CA    1 
ATOM   739 C  CA    . THR C 3 141 ? 22.756  -10.312 24.566  1.00 1.00  ? 141  THR C CA    1 
ATOM   740 C  CA    . SER C 3 142 ? 26.296  -9.412  23.458  1.00 1.00  ? 142  SER C CA    1 
ATOM   741 C  CA    . LEU C 3 143 ? 26.086  -6.097  25.299  1.00 1.00  ? 143  LEU C CA    1 
ATOM   742 C  CA    . GLN C 3 144 ? 24.975  -8.004  28.372  1.00 1.00  ? 144  GLN C CA    1 
ATOM   743 C  CA    . THR C 3 145 ? 27.982  -10.302 28.028  1.00 1.00  ? 145  THR C CA    1 
ATOM   744 C  CA    . PHE C 3 146 ? 30.238  -7.252  27.749  1.00 1.00  ? 146  PHE C CA    1 
ATOM   745 C  CA    . ILE C 3 147 ? 28.730  -5.801  30.927  1.00 1.00  ? 147  ILE C CA    1 
ATOM   746 C  CA    . CYS C 3 148 ? 29.323  -9.156  32.603  1.00 1.00  ? 148  CYS C CA    1 
ATOM   747 C  CA    . GLU C 3 149 ? 32.997  -9.021  31.620  1.00 1.00  ? 149  GLU C CA    1 
ATOM   748 C  CA    . LYS C 3 150 ? 33.719  -5.675  33.254  1.00 1.00  ? 150  LYS C CA    1 
ATOM   749 C  CA    . LEU C 3 151 ? 31.586  -6.497  35.090  1.00 30.00 ? 151  LEU C CA    1 
ATOM   750 C  CA    . GLY C 3 152 ? 29.062  -6.061  34.091  1.00 30.00 ? 152  GLY C CA    1 
ATOM   751 C  CA    . VAL C 3 153 ? 26.635  -6.205  37.019  1.00 30.00 ? 153  VAL C CA    1 
ATOM   752 C  CA    . SER C 3 154 ? 25.283  -4.386  35.198  1.00 1.00  ? 154  SER C CA    1 
ATOM   753 C  CA    . MET C 3 155 ? 21.616  -3.366  35.353  1.00 1.00  ? 155  MET C CA    1 
ATOM   754 C  CA    . GLU C 3 156 ? 21.665  -0.616  37.994  1.00 1.00  ? 156  GLU C CA    1 
ATOM   755 C  CA    . LEU C 3 157 ? 24.492  1.108   36.178  1.00 1.00  ? 157  LEU C CA    1 
ATOM   756 C  CA    . VAL C 3 158 ? 22.941  3.847   34.077  1.00 30.00 ? 158  VAL C CA    1 
ATOM   757 C  CA    . GLU C 3 159 ? 21.521  5.967   32.803  1.00 30.00 ? 159  GLU C CA    1 
ATOM   758 C  CA    . LYS C 3 160 ? 24.765  6.515   30.921  1.00 30.00 ? 160  LYS C CA    1 
ATOM   759 C  CA    . MET C 3 161 ? 26.809  3.720   29.321  1.00 27.03 ? 161  MET C CA    1 
ATOM   760 C  CA    . ASP C 3 162 ? 28.193  4.940   25.974  1.00 27.51 ? 162  ASP C CA    1 
ATOM   761 C  CA    . ILE C 3 163 ? 31.941  5.089   25.345  1.00 27.19 ? 163  ILE C CA    1 
ATOM   762 C  CA    . GLY C 3 164 ? 34.871  7.383   24.601  1.00 24.72 ? 164  GLY C CA    1 
ATOM   763 C  CA    . LYS C 3 165 ? 37.892  6.152   22.681  1.00 22.74 ? 165  LYS C CA    1 
ATOM   764 C  CA    . GLY C 3 166 ? 39.724  3.678   24.892  1.00 19.25 ? 166  GLY C CA    1 
ATOM   765 C  CA    . LYS C 3 167 ? 36.729  3.705   27.245  1.00 20.90 ? 167  LYS C CA    1 
ATOM   766 C  CA    . PHE C 3 168 ? 33.229  2.333   27.885  1.00 21.98 ? 168  PHE C CA    1 
ATOM   767 C  CA    . TRP C 3 169 ? 30.571  4.267   29.788  1.00 21.99 ? 169  TRP C CA    1 
ATOM   768 C  CA    . VAL C 3 170 ? 28.880  2.220   30.773  1.00 30.00 ? 170  VAL C CA    1 
ATOM   769 C  CA    . TYR C 3 171 ? 28.223  3.577   34.791  1.00 30.00 ? 171  TYR C CA    1 
ATOM   770 C  CA    . THR C 3 172 ? 26.231  3.051   38.035  1.00 30.00 ? 172  THR C CA    1 
ATOM   771 C  CA    . GLN C 3 173 ? 25.093  5.276   40.891  1.00 30.00 ? 173  GLN C CA    1 
ATOM   772 C  CA    . ASP C 3 174 ? 28.009  5.843   43.259  1.00 30.00 ? 174  ASP C CA    1 
ATOM   773 C  CA    . ASP C 3 175 ? 29.861  3.020   41.513  1.00 30.00 ? 175  ASP C CA    1 
ATOM   774 C  CA    . VAL C 3 176 ? 31.965  5.401   39.423  1.00 30.00 ? 176  VAL C CA    1 
ATOM   775 C  CA    . LEU C 3 177 ? 32.905  4.907   35.771  1.00 30.00 ? 177  LEU C CA    1 
ATOM   776 C  CA    . THR C 3 178 ? 34.009  1.567   34.324  1.00 30.00 ? 178  THR C CA    1 
ATOM   777 C  CA    . LEU C 3 179 ? 36.567  1.396   31.515  1.00 30.00 ? 179  LEU C CA    1 
ATOM   778 C  CA    . PRO C 3 180 ? 37.498  -1.292  28.992  1.00 30.00 ? 180  PRO C CA    1 
ATOM   779 C  CA    . LEU C 3 181 ? 39.986  -0.722  26.150  1.00 30.00 ? 181  LEU C CA    1 
ATOM   780 C  CA    . LYS C 3 182 ? 40.988  -4.006  24.515  1.00 1.00  ? 182  LYS C CA    1 
ATOM   781 C  CA    . GLU C 3 183 ? 37.552  -5.547  25.020  1.00 1.00  ? 183  GLU C CA    1 
ATOM   782 C  CA    . THR C 3 184 ? 35.861  -2.438  23.671  1.00 1.00  ? 184  THR C CA    1 
ATOM   783 C  CA    . HIS C 3 185 ? 38.163  -2.515  20.673  1.00 1.00  ? 185  HIS C CA    1 
ATOM   784 C  CA    . GLY C 3 186 ? 37.174  -6.101  20.204  1.00 1.00  ? 186  GLY C CA    1 
ATOM   785 C  CA    . TYR C 3 187 ? 34.374  -6.602  19.958  1.00 30.00 ? 187  TYR C CA    1 
ATOM   786 C  CA    . GLU C 3 188 ? 31.034  -7.391  18.618  1.00 30.00 ? 188  GLU C CA    1 
ATOM   787 C  CA    . GLN C 3 189 ? 28.927  -6.286  15.651  1.00 30.00 ? 189  GLN C CA    1 
ATOM   788 C  CA    . ALA C 3 190 ? 27.049  -7.736  12.679  1.00 30.00 ? 190  ALA C CA    1 
ATOM   789 C  CA    . GLY C 3 191 ? 29.771  -7.681  12.174  1.00 30.00 ? 191  GLY C CA    1 
ATOM   790 C  CA    . CYS C 3 192 ? 29.210  -4.969  9.570   1.00 30.00 ? 192  CYS C CA    1 
ATOM   791 C  CA    . LYS C 3 193 ? 31.922  -5.341  6.925   1.00 30.00 ? 193  LYS C CA    1 
ATOM   792 C  CA    . ILE C 3 194 ? 30.872  -2.522  4.593   1.00 30.00 ? 194  ILE C CA    1 
ATOM   793 C  CA    . CYS C 3 195 ? 29.666  0.206   6.895   1.00 30.00 ? 195  CYS C CA    1 
ATOM   794 C  CA    . LYS C 3 196 ? 30.200  3.006   4.453   1.00 30.00 ? 196  LYS C CA    1 
ATOM   795 C  CA    . ASP C 3 197 ? 31.443  6.545   4.902   1.00 30.00 ? 197  ASP C CA    1 
ATOM   796 C  CA    . TYR C 3 198 ? 30.964  8.729   7.971   1.00 30.00 ? 198  TYR C CA    1 
ATOM   797 C  CA    . VAL C 3 199 ? 28.092  10.700  9.496   1.00 30.00 ? 199  VAL C CA    1 
ATOM   798 C  CA    . ALA C 3 200 ? 26.142  12.551  8.587   1.00 30.00 ? 200  ALA C CA    1 
ATOM   799 C  CA    . GLU C 3 201 ? 25.979  12.991  4.808   1.00 30.00 ? 201  GLU C CA    1 
ATOM   800 C  CA    . LEU C 3 202 ? 23.313  10.383  4.008   1.00 30.00 ? 202  LEU C CA    1 
ATOM   801 C  CA    . ALA C 3 203 ? 21.048  12.095  6.544   1.00 30.00 ? 203  ALA C CA    1 
ATOM   802 C  CA    . ASP C 3 204 ? 21.248  15.815  7.370   1.00 30.00 ? 204  ASP C CA    1 
ATOM   803 C  CA    . VAL C 3 205 ? 21.322  17.958  9.209   1.00 30.00 ? 205  VAL C CA    1 
ATOM   804 C  CA    . SER C 3 206 ? 23.468  15.558  11.240  1.00 30.00 ? 206  SER C CA    1 
ATOM   805 C  CA    . THR C 3 207 ? 25.876  15.066  14.059  1.00 30.00 ? 207  THR C CA    1 
ATOM   806 C  CA    . GLY C 3 208 ? 27.776  12.178  15.407  1.00 30.00 ? 208  GLY C CA    1 
ATOM   807 C  CA    . SER C 3 209 ? 29.801  13.160  18.162  1.00 30.00 ? 209  SER C CA    1 
ATOM   808 C  CA    . VAL C 3 210 ? 32.205  15.363  19.383  1.00 30.00 ? 210  VAL C CA    1 
ATOM   809 C  CA    . GLY C 3 211 ? 34.403  18.356  20.155  1.00 30.00 ? 211  GLY C CA    1 
ATOM   810 C  CA    . SER C 3 212 ? 34.154  18.484  23.922  1.00 30.00 ? 212  SER C CA    1 
ATOM   811 C  CA    . PRO C 3 213 ? 31.142  17.742  26.119  1.00 30.00 ? 213  PRO C CA    1 
ATOM   812 C  CA    . ASP C 3 214 ? 29.619  21.131  25.321  1.00 30.00 ? 214  ASP C CA    1 
ATOM   813 C  CA    . GLY C 3 215 ? 28.451  20.464  22.891  1.00 30.00 ? 215  GLY C CA    1 
ATOM   814 C  CA    . TRP C 3 216 ? 27.847  18.363  24.468  1.00 20.00 ? 216  TRP C CA    1 
ATOM   815 C  CA    . SER C 3 217 ? 28.938  17.009  21.119  1.00 30.00 ? 217  SER C CA    1 
ATOM   816 C  CA    . THR C 3 218 ? 28.817  18.906  17.822  1.00 30.00 ? 218  THR C CA    1 
ATOM   817 C  CA    . VAL C 3 219 ? 26.346  18.879  14.923  1.00 30.00 ? 219  VAL C CA    1 
ATOM   818 C  CA    . ILE C 3 220 ? 26.985  19.431  11.215  1.00 30.00 ? 220  ILE C CA    1 
ATOM   819 C  CA    . THR C 3 221 ? 24.349  20.561  8.702   1.00 30.00 ? 221  THR C CA    1 
ATOM   820 C  CA    . ARG C 3 222 ? 24.723  18.735  5.385   1.00 30.00 ? 222  ARG C CA    1 
ATOM   821 C  CA    . THR C 3 223 ? 21.490  20.256  4.098   1.00 1.00  ? 223  THR C CA    1 
ATOM   822 C  CA    . ASP C 3 224 ? 19.980  23.748  4.116   1.00 1.00  ? 224  ASP C CA    1 
ATOM   823 C  CA    . ALA C 3 225 ? 16.897  22.681  6.071   1.00 1.00  ? 225  ALA C CA    1 
ATOM   824 C  CA    . GLY C 3 226 ? 19.041  21.669  9.038   1.00 1.00  ? 226  GLY C CA    1 
ATOM   825 C  CA    . ASP C 3 227 ? 21.280  24.717  8.811   1.00 1.00  ? 227  ASP C CA    1 
ATOM   826 C  CA    . SER C 3 228 ? 18.216  26.963  8.693   1.00 1.00  ? 228  SER C CA    1 
ATOM   827 C  CA    . ILE C 3 229 ? 16.587  24.888  11.421  1.00 1.00  ? 229  ILE C CA    1 
ATOM   828 C  CA    . PHE C 3 230 ? 19.732  25.155  13.522  1.00 1.00  ? 230  PHE C CA    1 
ATOM   829 C  CA    . LYS C 3 231 ? 19.732  28.919  13.049  1.00 1.00  ? 231  LYS C CA    1 
ATOM   830 C  CA    . GLN C 3 232 ? 16.106  29.079  14.165  1.00 1.00  ? 232  GLN C CA    1 
ATOM   831 C  CA    . ALA C 3 233 ? 16.766  27.356  17.504  1.00 1.00  ? 233  ALA C CA    1 
ATOM   832 C  CA    . VAL C 3 234 ? 20.051  29.111  18.279  1.00 1.00  ? 234  VAL C CA    1 
ATOM   833 C  CA    . GLU C 3 235 ? 18.658  32.451  17.109  1.00 1.00  ? 235  GLU C CA    1 
ATOM   834 C  CA    . ALA C 3 236 ? 15.498  32.196  19.197  1.00 1.00  ? 236  ALA C CA    1 
ATOM   835 C  CA    . GLY C 3 237 ? 17.531  31.011  20.762  1.00 30.00 ? 237  GLY C CA    1 
ATOM   836 C  CA    . LEU C 3 238 ? 16.856  27.332  21.394  1.00 1.00  ? 238  LEU C CA    1 
ATOM   837 C  CA    . PHE C 3 239 ? 20.158  26.893  23.182  1.00 30.00 ? 239  PHE C CA    1 
ATOM   838 C  CA    . GLU C 3 240 ? 23.381  28.755  22.541  1.00 30.00 ? 240  GLU C CA    1 
ATOM   839 C  CA    . THR C 3 241 ? 25.840  27.422  19.978  1.00 30.00 ? 241  THR C CA    1 
ATOM   840 C  CA    . LYS C 3 242 ? 29.522  28.149  20.336  1.00 30.00 ? 242  LYS C CA    1 
ATOM   841 C  CA    . PRO C 3 243 ? 31.719  28.360  17.270  1.00 30.00 ? 243  PRO C CA    1 
ATOM   842 C  CA    . ILE C 3 244 ? 33.382  26.118  18.704  1.00 30.00 ? 244  ILE C CA    1 
ATOM   843 C  CA    . GLU C 3 245 ? 35.137  24.169  15.957  1.00 30.00 ? 245  GLU C CA    1 
ATOM   844 C  CA    . GLU C 3 246 ? 38.337  25.427  17.577  1.00 30.00 ? 246  GLU C CA    1 
ATOM   845 C  CA    . VAL C 3 247 ? 38.918  22.889  20.353  1.00 30.00 ? 247  VAL C CA    1 
ATOM   846 C  CA    . LYS C 3 248 ? 39.616  21.116  18.248  1.00 1.00  ? 248  LYS C CA    1 
ATOM   847 C  CA    . PRO C 3 249 ? 36.632  18.839  18.970  1.00 30.00 ? 249  PRO C CA    1 
ATOM   848 C  CA    . GLY C 3 250 ? 38.349  18.037  16.932  1.00 1.00  ? 250  GLY C CA    1 
ATOM   849 C  CA    . LEU C 3 251 ? 37.280  18.367  13.282  1.00 1.00  ? 251  LEU C CA    1 
ATOM   850 C  CA    . GLY C 3 252 ? 40.442  16.755  11.895  1.00 1.00  ? 252  GLY C CA    1 
ATOM   851 C  CA    . LEU C 3 253 ? 40.438  13.813  14.285  1.00 1.00  ? 253  LEU C CA    1 
ATOM   852 C  CA    . LEU C 3 254 ? 36.901  13.101  13.039  1.00 1.00  ? 254  LEU C CA    1 
ATOM   853 C  CA    . GLU C 3 255 ? 38.187  13.286  9.463   1.00 1.00  ? 255  GLU C CA    1 
ATOM   854 C  CA    . LYS C 3 256 ? 40.890  10.772  10.403  1.00 1.00  ? 256  LYS C CA    1 
ATOM   855 C  CA    . LEU C 3 257 ? 38.144  8.584   11.855  1.00 1.00  ? 257  LEU C CA    1 
ATOM   856 C  CA    . ALA C 3 258 ? 36.348  8.734   8.509   1.00 1.00  ? 258  ALA C CA    1 
ATOM   857 C  CA    . ALA C 3 259 ? 39.687  7.516   7.176   1.00 1.00  ? 259  ALA C CA    1 
ATOM   858 C  CA    . GLN C 3 260 ? 39.075  4.641   9.582   1.00 1.00  ? 260  GLN C CA    1 
ATOM   859 C  CA    . LYS C 3 261 ? 35.731  3.941   7.934   1.00 1.00  ? 261  LYS C CA    1 
ATOM   860 C  CA    . LYS C 3 262 ? 37.441  3.900   4.546   1.00 1.00  ? 262  LYS C CA    1 
ATOM   861 C  CA    . GLU C 3 263 ? 40.006  1.433   5.893   1.00 1.00  ? 263  GLU C CA    1 
ATOM   862 C  CA    . LYS C 3 264 ? 37.268  -0.829  7.243   1.00 1.00  ? 264  LYS C CA    1 
ATOM   863 C  CA    . ALA C 3 265 ? 35.596  -0.835  3.811   1.00 1.00  ? 265  ALA C CA    1 
ATOM   864 C  CA    . GLU C 3 266 ? 38.704  -2.078  2.002   1.00 1.00  ? 266  GLU C CA    1 
ATOM   865 C  CA    . LYS C 3 267 ? 38.814  -5.320  3.985   1.00 1.00  ? 267  LYS C CA    1 
ATOM   866 C  CA    . ASN C 3 268 ? 35.213  -6.074  2.983   1.00 30.00 ? 268  ASN C CA    1 
ATOM   867 C  CA    . ILE C 3 269 ? 36.059  -5.343  -0.635  1.00 30.00 ? 269  ILE C CA    1 
ATOM   868 C  CA    . ALA C 3 270 ? 38.984  -7.762  -0.356  1.00 30.00 ? 270  ALA C CA    1 
ATOM   869 C  CA    . ALA C 3 271 ? 36.658  -10.370 1.127   1.00 30.00 ? 271  ALA C CA    1 
ATOM   870 C  CA    . ARG C 3 272 ? 34.361  -10.076 -1.893  1.00 30.00 ? 272  ARG C CA    1 
ATOM   871 C  CA    . LYS C 3 273 ? 37.454  -10.459 -4.057  1.00 30.00 ? 273  LYS C CA    1 
ATOM   872 C  CA    . GLU C 3 274 ? 38.358  -13.486 -1.951  1.00 30.00 ? 274  GLU C CA    1 
ATOM   873 C  CA    . MET C 3 275 ? 34.705  -14.564 -2.083  1.00 30.00 ? 275  MET C CA    1 
ATOM   874 C  CA    . GLY C 3 276 ? 31.666  -13.507 -4.108  1.00 30.00 ? 276  GLY C CA    1 
ATOM   875 C  CA    . LEU C 3 277 ? 29.679  -10.432 -3.064  1.00 30.00 ? 277  LEU C CA    1 
ATOM   876 C  CA    . PRO C 3 278 ? 27.788  -10.189 -0.947  1.00 30.00 ? 278  PRO C CA    1 
ATOM   877 C  CA    . THR C 3 279 ? 27.338  -6.460  -1.668  1.00 30.00 ? 279  THR C CA    1 
ATOM   878 C  CA    . PRO C 3 280 ? 29.388  -3.349  -2.495  1.00 30.00 ? 280  PRO C CA    1 
HETATM 879 FE FE    . FCO D 4 .   ? -16.259 -6.205  -5.958  1.00 23.77 ? 2989 FCO A FE    1 
HETATM 880 NI NI    . NI  E 5 .   ? -14.253 -5.775  -7.351  1.00 24.92 ? 2990 NI  A NI    1 
HETATM 881 FE FE    . FE2 F 6 .   ? -17.303 -17.647 -5.614  1.00 27.13 ? 2991 FE2 A FE    1 
HETATM 882 FE FE1   . SF4 G 7 .   ? -3.303  -6.929  -8.125  1.00 20.00 ? 300  SF4 B FE1   1 
HETATM 883 FE FE2   . SF4 G 7 .   ? -1.161  -8.186  -9.228  1.00 20.00 ? 300  SF4 B FE2   1 
HETATM 884 FE FE3   . SF4 G 7 .   ? -0.835  -6.599  -7.048  1.00 20.00 ? 300  SF4 B FE3   1 
HETATM 885 FE FE4   . SF4 G 7 .   ? -1.425  -5.491  -9.459  1.00 20.00 ? 300  SF4 B FE4   1 
HETATM 886 S  S1    . SF4 G 7 .   ? 0.501   -6.627  -8.919  1.00 20.00 ? 300  SF4 B S1    1 
HETATM 887 S  S2    . SF4 G 7 .   ? -2.377  -4.937  -7.439  1.00 20.00 ? 300  SF4 B S2    1 
HETATM 888 S  S3    . SF4 G 7 .   ? -2.822  -7.076  -10.371 1.00 20.00 ? 300  SF4 B S3    1 
HETATM 889 S  S4    . SF4 G 7 .   ? -2.028  -8.565  -7.131  1.00 20.00 ? 300  SF4 B S4    1 
HETATM 890 FE FE1   . SF4 H 7 .   ? 6.889   -8.263  0.280   1.00 20.00 ? 301  SF4 B FE1   1 
HETATM 891 FE FE2   . SF4 H 7 .   ? 5.615   -10.567 0.952   1.00 20.00 ? 301  SF4 B FE2   1 
HETATM 892 FE FE3   . SF4 H 7 .   ? 6.208   -8.731  2.863   1.00 20.00 ? 301  SF4 B FE3   1 
HETATM 893 FE FE4   . SF4 H 7 .   ? 8.197   -10.173 1.698   1.00 20.00 ? 301  SF4 B FE4   1 
HETATM 894 S  S1    . SF4 H 7 .   ? 6.510   -11.007 3.025   1.00 20.00 ? 301  SF4 B S1    1 
HETATM 895 S  S2    . SF4 H 7 .   ? 8.224   -7.910  2.120   1.00 20.00 ? 301  SF4 B S2    1 
HETATM 896 S  S3    . SF4 H 7 .   ? 7.423   -10.376 -0.458  1.00 20.00 ? 301  SF4 B S3    1 
HETATM 897 S  S4    . SF4 H 7 .   ? 4.749   -8.441  1.108   1.00 20.00 ? 301  SF4 B S4    1 
HETATM 898 FE FE1   . SF4 I 7 .   ? 18.426  -4.346  5.464   1.00 20.00 ? 302  SF4 B FE1   1 
HETATM 899 FE FE2   . SF4 I 7 .   ? 16.611  -3.441  7.272   1.00 20.00 ? 302  SF4 B FE2   1 
HETATM 900 FE FE3   . SF4 I 7 .   ? 18.329  -5.433  7.946   1.00 20.00 ? 302  SF4 B FE3   1 
HETATM 901 FE FE4   . SF4 I 7 .   ? 16.323  -5.909  6.174   1.00 20.00 ? 302  SF4 B FE4   1 
HETATM 902 S  S1    . SF4 I 7 .   ? 16.074  -5.373  8.398   1.00 20.00 ? 302  SF4 B S1    1 
HETATM 903 S  S2    . SF4 I 7 .   ? 18.512  -6.590  5.966   1.00 20.00 ? 302  SF4 B S2    1 
HETATM 904 S  S3    . SF4 I 7 .   ? 16.205  -3.902  5.055   1.00 20.00 ? 302  SF4 B S3    1 
HETATM 905 S  S4    . SF4 I 7 .   ? 18.899  -3.263  7.438   1.00 20.00 ? 302  SF4 B S4    1 
HETATM 906 N  N1    . F42 J 8 .   ? 34.157  9.936   19.793  1.00 31.86 ? 285  F42 C N1    1 
HETATM 907 C  C2    . F42 J 8 .   ? 35.120  10.247  18.883  1.00 31.64 ? 285  F42 C C2    1 
HETATM 908 O  O2    . F42 J 8 .   ? 36.075  9.457   18.746  1.00 28.39 ? 285  F42 C O2    1 
HETATM 909 N  N3    . F42 J 8 .   ? 35.291  11.542  18.517  1.00 29.66 ? 285  F42 C N3    1 
HETATM 910 C  C4    . F42 J 8 .   ? 34.272  12.434  18.688  1.00 32.98 ? 285  F42 C C4    1 
HETATM 911 O  O4    . F42 J 8 .   ? 34.259  13.512  18.028  1.00 30.69 ? 285  F42 C O4    1 
HETATM 912 C  C4A   . F42 J 8 .   ? 33.101  11.971  19.293  1.00 31.19 ? 285  F42 C C4A   1 
HETATM 913 C  C5    . F42 J 8 .   ? 31.928  12.742  19.347  1.00 32.54 ? 285  F42 C C5    1 
HETATM 914 C  C5A   . F42 J 8 .   ? 31.162  12.623  20.509  1.00 32.60 ? 285  F42 C C5A   1 
HETATM 915 C  C6    . F42 J 8 .   ? 30.262  13.634  20.864  1.00 33.69 ? 285  F42 C C6    1 
HETATM 916 C  C7    . F42 J 8 .   ? 29.513  13.514  22.027  1.00 31.39 ? 285  F42 C C7    1 
HETATM 917 C  C8    . F42 J 8 .   ? 29.664  12.384  22.838  1.00 33.16 ? 285  F42 C C8    1 
HETATM 918 O  O8M   . F42 J 8 .   ? 28.912  12.273  23.974  1.00 34.10 ? 285  F42 C O8M   1 
HETATM 919 C  C9    . F42 J 8 .   ? 30.567  11.370  22.480  1.00 33.62 ? 285  F42 C C9    1 
HETATM 920 C  C9A   . F42 J 8 .   ? 31.317  11.486  21.306  1.00 33.04 ? 285  F42 C C9A   1 
HETATM 921 N  N10   . F42 J 8 .   ? 32.201  10.522  20.940  1.00 34.20 ? 285  F42 C N10   1 
HETATM 922 C  C10   . F42 J 8 .   ? 33.191  10.834  20.085  1.00 32.79 ? 285  F42 C C10   1 
HETATM 923 C  "C1'" . F42 J 8 .   ? 32.087  9.134   21.445  1.00 34.57 ? 285  F42 C "C1'" 1 
HETATM 924 C  "C2'" . F42 J 8 .   ? 32.988  8.913   22.660  1.00 35.28 ? 285  F42 C "C2'" 1 
HETATM 925 FE FE1   . SF4 K 7 .   ? 26.364  0.735   9.352   1.00 20.00 ? 303  SF4 C FE1   1 
HETATM 926 FE FE2   . SF4 K 7 .   ? 26.240  2.810   11.103  1.00 20.00 ? 303  SF4 C FE2   1 
HETATM 927 FE FE3   . SF4 K 7 .   ? 27.160  0.388   11.921  1.00 20.00 ? 303  SF4 C FE3   1 
HETATM 928 FE FE4   . SF4 K 7 .   ? 24.522  0.719   11.347  1.00 20.00 ? 303  SF4 C FE4   1 
HETATM 929 S  S1    . SF4 K 7 .   ? 25.679  1.734   13.057  1.00 20.00 ? 303  SF4 C S1    1 
HETATM 930 S  S2    . SF4 K 7 .   ? 25.843  -1.052  10.703  1.00 20.00 ? 303  SF4 C S2    1 
HETATM 931 S  S3    . SF4 K 7 .   ? 24.611  2.208   9.594   1.00 20.00 ? 303  SF4 C S3    1 
HETATM 932 S  S4    . SF4 K 7 .   ? 28.153  1.764   10.368  1.00 20.00 ? 303  SF4 C S4    1 
HETATM 933 P  PA    . FAD L 9 .   ? 20.052  12.300  20.959  1.00 20.00 ? 304  FAD C PA    1 
HETATM 934 O  O1A   . FAD L 9 .   ? 19.983  12.075  19.468  1.00 20.00 ? 304  FAD C O1A   1 
HETATM 935 O  O2A   . FAD L 9 .   ? 19.290  13.443  21.585  1.00 20.00 ? 304  FAD C O2A   1 
HETATM 936 O  O5B   . FAD L 9 .   ? 19.612  10.937  21.695  1.00 20.00 ? 304  FAD C O5B   1 
HETATM 937 C  C5B   . FAD L 9 .   ? 18.376  10.863  22.401  1.00 20.00 ? 304  FAD C C5B   1 
HETATM 938 C  C4B   . FAD L 9 .   ? 17.247  10.574  21.421  1.00 20.00 ? 304  FAD C C4B   1 
HETATM 939 O  O4B   . FAD L 9 .   ? 17.758  9.859   20.292  1.00 20.00 ? 304  FAD C O4B   1 
HETATM 940 C  C3B   . FAD L 9 .   ? 16.166  9.718   22.062  1.00 20.00 ? 304  FAD C C3B   1 
HETATM 941 O  O3B   . FAD L 9 .   ? 14.912  10.406  22.031  1.00 20.00 ? 304  FAD C O3B   1 
HETATM 942 C  C2B   . FAD L 9 .   ? 16.082  8.449   21.237  1.00 20.00 ? 304  FAD C C2B   1 
HETATM 943 O  O2B   . FAD L 9 .   ? 14.775  8.317   20.672  1.00 20.00 ? 304  FAD C O2B   1 
HETATM 944 C  C1B   . FAD L 9 .   ? 17.116  8.592   20.131  1.00 20.00 ? 304  FAD C C1B   1 
HETATM 945 N  N9A   . FAD L 9 .   ? 18.120  7.504   20.243  1.00 20.00 ? 304  FAD C N9A   1 
HETATM 946 C  C8A   . FAD L 9 .   ? 19.121  7.446   21.141  1.00 20.00 ? 304  FAD C C8A   1 
HETATM 947 N  N7A   . FAD L 9 .   ? 19.864  6.321   20.976  1.00 20.00 ? 304  FAD C N7A   1 
HETATM 948 C  C5A   . FAD L 9 .   ? 19.332  5.634   19.948  1.00 20.00 ? 304  FAD C C5A   1 
HETATM 949 C  C6A   . FAD L 9 .   ? 19.626  4.361   19.249  1.00 20.00 ? 304  FAD C C6A   1 
HETATM 950 N  N6A   . FAD L 9 .   ? 20.666  3.577   19.627  1.00 20.00 ? 304  FAD C N6A   1 
HETATM 951 N  N1A   . FAD L 9 .   ? 18.823  4.007   18.222  1.00 20.00 ? 304  FAD C N1A   1 
HETATM 952 C  C2A   . FAD L 9 .   ? 17.787  4.777   17.836  1.00 20.00 ? 304  FAD C C2A   1 
HETATM 953 N  N3A   . FAD L 9 .   ? 17.462  5.942   18.425  1.00 20.00 ? 304  FAD C N3A   1 
HETATM 954 C  C4A   . FAD L 9 .   ? 18.184  6.417   19.468  1.00 20.00 ? 304  FAD C C4A   1 
HETATM 955 N  N1    . FAD L 9 .   ? 28.602  9.895   18.020  1.00 20.00 ? 304  FAD C N1    1 
HETATM 956 C  C2    . FAD L 9 .   ? 29.849  9.884   17.485  1.00 20.00 ? 304  FAD C C2    1 
HETATM 957 O  O2    . FAD L 9 .   ? 30.311  10.948  17.017  1.00 20.00 ? 304  FAD C O2    1 
HETATM 958 N  N3    . FAD L 9 .   ? 30.611  8.775   17.436  1.00 20.00 ? 304  FAD C N3    1 
HETATM 959 C  C4    . FAD L 9 .   ? 30.190  7.599   17.915  1.00 20.00 ? 304  FAD C C4    1 
HETATM 960 O  O4    . FAD L 9 .   ? 30.920  6.586   17.856  1.00 20.00 ? 304  FAD C O4    1 
HETATM 961 C  C4X   . FAD L 9 .   ? 28.837  7.524   18.518  1.00 20.00 ? 304  FAD C C4X   1 
HETATM 962 N  N5    . FAD L 9 .   ? 28.338  6.374   19.024  1.00 20.00 ? 304  FAD C N5    1 
HETATM 963 C  C5X   . FAD L 9 .   ? 27.099  6.338   19.567  1.00 20.00 ? 304  FAD C C5X   1 
HETATM 964 C  C6    . FAD L 9 .   ? 26.607  5.144   20.080  1.00 20.00 ? 304  FAD C C6    1 
HETATM 965 C  C7    . FAD L 9 .   ? 25.335  5.098   20.641  1.00 20.00 ? 304  FAD C C7    1 
HETATM 966 C  C7M   . FAD L 9 .   ? 24.805  3.802   21.197  1.00 20.00 ? 304  FAD C C7M   1 
HETATM 967 C  C8    . FAD L 9 .   ? 24.498  6.325   20.692  1.00 20.00 ? 304  FAD C C8    1 
HETATM 968 C  C8M   . FAD L 9 .   ? 23.120  6.273   21.299  1.00 20.00 ? 304  FAD C C8M   1 
HETATM 969 C  C9    . FAD L 9 .   ? 24.986  7.522   20.180  1.00 20.00 ? 304  FAD C C9    1 
HETATM 970 C  C9A   . FAD L 9 .   ? 26.257  7.568   19.619  1.00 20.00 ? 304  FAD C C9A   1 
HETATM 971 N  N10   . FAD L 9 .   ? 26.759  8.776   19.097  1.00 20.00 ? 304  FAD C N10   1 
HETATM 972 C  C10   . FAD L 9 .   ? 28.051  8.778   18.540  1.00 20.00 ? 304  FAD C C10   1 
HETATM 973 C  "C1'" . FAD L 9 .   ? 25.956  10.001  19.135  1.00 20.00 ? 304  FAD C "C1'" 1 
HETATM 974 C  "C2'" . FAD L 9 .   ? 25.229  10.091  20.470  1.00 20.00 ? 304  FAD C "C2'" 1 
HETATM 975 O  "O2'" . FAD L 9 .   ? 23.849  9.755   20.286  1.00 20.00 ? 304  FAD C "O2'" 1 
HETATM 976 C  "C3'" . FAD L 9 .   ? 25.336  11.493  21.058  1.00 20.00 ? 304  FAD C "C3'" 1 
HETATM 977 O  "O3'" . FAD L 9 .   ? 26.697  11.935  20.993  1.00 20.00 ? 304  FAD C "O3'" 1 
HETATM 978 C  "C4'" . FAD L 9 .   ? 24.863  11.517  22.506  1.00 20.00 ? 304  FAD C "C4'" 1 
HETATM 979 O  "O4'" . FAD L 9 .   ? 24.186  10.291  22.807  1.00 20.00 ? 304  FAD C "O4'" 1 
HETATM 980 C  "C5'" . FAD L 9 .   ? 23.921  12.689  22.753  1.00 20.00 ? 304  FAD C "C5'" 1 
HETATM 981 O  "O5'" . FAD L 9 .   ? 23.866  13.509  21.587  1.00 20.00 ? 304  FAD C "O5'" 1 
HETATM 982 P  P     . FAD L 9 .   ? 22.538  13.546  20.676  1.00 20.00 ? 304  FAD C P     1 
HETATM 983 O  O1P   . FAD L 9 .   ? 22.900  13.054  19.296  1.00 20.00 ? 304  FAD C O1P   1 
HETATM 984 O  O2P   . FAD L 9 .   ? 21.885  14.896  20.848  1.00 20.00 ? 304  FAD C O2P   1 
HETATM 985 O  O3P   . FAD L 9 .   ? 21.601  12.439  21.375  1.00 20.00 ? 304  FAD C O3P   1 
# 
